data_5AYX
#
_entry.id   5AYX
#
_cell.length_a   76.178
_cell.length_b   137.122
_cell.length_c   92.650
_cell.angle_alpha   90.00
_cell.angle_beta   103.76
_cell.angle_gamma   90.00
#
_symmetry.space_group_name_H-M   'P 1 21 1'
#
loop_
_entity.id
_entity.type
_entity.pdbx_description
1 polymer 'Nicotinate-nucleotide pyrophosphorylase [carboxylating]'
2 water water
#
_entity_poly.entity_id   1
_entity_poly.type   'polypeptide(L)'
_entity_poly.pdbx_seq_one_letter_code
;MDAEGLALLLPPVTLAALVDSWLREDCPGLNYAALVSGAGPSQAALWAKSPGVLAGQPFFDAIFTQLNCQVSWFLPEGSK
LVPVARVAEVRGPAHCLLLGERVALNTLARCSGIASAAAAAVEAARGAGWTGHVAGTRKTTPGFRLVEKYGLLVGGAASH
RYDLGGLVMVKDNHVVAAGGVEKAVRAARQAADFTLKVEVECSSLQEAVQAAEAGADLVLLDNFKPEELHPTATVLKAQF
PSVAVEASGGITLDNLPQFCGPHIDVISMGMLTQAAPALDFSLKLFAKEVAPVPKIHLEHHHHHH
;
_entity_poly.pdbx_strand_id   A,B,C,D,E,F
#
# COMPACT_ATOMS: atom_id res chain seq x y z
N MET A 1 28.11 3.21 -18.96
CA MET A 1 28.69 2.05 -19.63
C MET A 1 29.49 1.18 -18.64
N ASP A 2 30.38 1.83 -17.87
CA ASP A 2 31.15 1.15 -16.82
C ASP A 2 30.22 0.63 -15.72
N ALA A 3 30.39 -0.64 -15.35
CA ALA A 3 29.34 -1.41 -14.69
C ALA A 3 29.18 -1.16 -13.19
N GLU A 4 30.13 -0.50 -12.52
CA GLU A 4 30.02 -0.31 -11.07
C GLU A 4 29.29 0.97 -10.69
N GLY A 5 29.47 2.04 -11.46
CA GLY A 5 28.55 3.16 -11.38
C GLY A 5 27.14 2.81 -11.81
N LEU A 6 26.93 1.64 -12.40
CA LEU A 6 25.58 1.21 -12.77
C LEU A 6 24.68 1.11 -11.55
N ALA A 7 25.25 0.76 -10.38
CA ALA A 7 24.44 0.71 -9.16
C ALA A 7 23.78 2.04 -8.87
N LEU A 8 24.41 3.16 -9.23
CA LEU A 8 23.84 4.48 -8.99
C LEU A 8 22.49 4.70 -9.68
N LEU A 9 22.12 3.86 -10.66
CA LEU A 9 20.86 4.00 -11.37
C LEU A 9 19.63 3.66 -10.53
N LEU A 10 19.78 2.98 -9.40
CA LEU A 10 18.62 2.45 -8.70
C LEU A 10 18.09 3.47 -7.73
N PRO A 11 16.82 3.86 -7.81
CA PRO A 11 16.26 4.83 -6.85
C PRO A 11 16.16 4.21 -5.47
N PRO A 12 16.82 4.80 -4.49
CA PRO A 12 16.86 4.17 -3.15
C PRO A 12 15.48 3.82 -2.57
N VAL A 13 14.51 4.75 -2.60
CA VAL A 13 13.26 4.53 -1.87
C VAL A 13 12.36 3.49 -2.57
N THR A 14 12.28 3.55 -3.91
CA THR A 14 11.62 2.48 -4.66
C THR A 14 12.29 1.13 -4.46
N LEU A 15 13.61 1.10 -4.44
CA LEU A 15 14.31 -0.15 -4.23
C LEU A 15 14.00 -0.73 -2.84
N ALA A 16 13.97 0.13 -1.82
CA ALA A 16 13.70 -0.36 -0.47
C ALA A 16 12.29 -0.93 -0.35
N ALA A 17 11.33 -0.30 -1.02
CA ALA A 17 9.95 -0.75 -0.89
C ALA A 17 9.75 -2.06 -1.65
N LEU A 18 10.48 -2.21 -2.75
CA LEU A 18 10.50 -3.47 -3.48
C LEU A 18 11.03 -4.62 -2.62
N VAL A 19 12.21 -4.43 -2.04
CA VAL A 19 12.79 -5.43 -1.16
C VAL A 19 11.89 -5.66 0.03
N ASP A 20 11.28 -4.59 0.54
CA ASP A 20 10.34 -4.70 1.65
C ASP A 20 9.14 -5.58 1.25
N SER A 21 8.63 -5.45 0.02
CA SER A 21 7.46 -6.26 -0.28
C SER A 21 7.83 -7.73 -0.53
N TRP A 22 8.97 -7.98 -1.21
CA TRP A 22 9.45 -9.35 -1.39
C TRP A 22 9.59 -10.09 -0.06
N LEU A 23 10.18 -9.44 0.95
CA LEU A 23 10.32 -10.10 2.24
C LEU A 23 8.97 -10.44 2.85
N ARG A 24 8.02 -9.52 2.79
CA ARG A 24 6.70 -9.74 3.34
C ARG A 24 6.02 -10.91 2.66
N GLU A 25 6.17 -11.02 1.36
CA GLU A 25 5.65 -12.16 0.62
C GLU A 25 6.22 -13.48 1.13
N ASP A 26 7.53 -13.51 1.40
CA ASP A 26 8.27 -14.76 1.68
C ASP A 26 8.09 -15.29 3.10
N CYS A 27 7.74 -14.45 4.07
CA CYS A 27 7.56 -14.89 5.46
C CYS A 27 6.54 -14.00 6.16
N PRO A 28 5.26 -14.15 5.82
CA PRO A 28 4.23 -13.33 6.48
C PRO A 28 3.86 -13.79 7.88
N GLY A 29 4.21 -15.02 8.26
CA GLY A 29 3.83 -15.58 9.55
C GLY A 29 5.02 -16.15 10.30
N LEU A 30 4.78 -16.71 11.46
CA LEU A 30 5.83 -17.17 12.35
C LEU A 30 6.92 -18.05 11.82
N ASN A 31 8.03 -17.87 12.34
CA ASN A 31 9.28 -18.32 11.75
C ASN A 31 9.93 -19.34 12.67
N TYR A 32 9.43 -20.57 12.63
CA TYR A 32 9.88 -21.61 13.55
C TYR A 32 11.34 -22.00 13.30
N ALA A 33 11.77 -21.97 12.04
CA ALA A 33 13.18 -22.12 11.71
C ALA A 33 14.07 -21.30 12.65
N ALA A 34 13.66 -20.09 13.01
CA ALA A 34 14.53 -19.24 13.81
C ALA A 34 14.96 -19.95 15.11
N LEU A 35 14.05 -20.71 15.72
CA LEU A 35 14.38 -21.35 17.00
C LEU A 35 15.44 -22.42 16.85
N VAL A 36 15.47 -23.11 15.70
CA VAL A 36 16.52 -24.07 15.42
C VAL A 36 17.89 -23.39 15.40
N SER A 37 17.97 -22.22 14.74
CA SER A 37 19.25 -21.58 14.44
C SER A 37 19.70 -20.59 15.50
N GLY A 38 18.77 -20.05 16.30
CA GLY A 38 19.11 -18.99 17.22
C GLY A 38 19.48 -17.68 16.54
N ALA A 39 19.93 -16.74 17.36
CA ALA A 39 20.25 -15.38 16.92
C ALA A 39 21.70 -15.01 17.16
N GLY A 40 22.60 -16.00 17.24
CA GLY A 40 24.00 -15.72 17.47
C GLY A 40 24.69 -15.19 16.22
N PRO A 41 25.74 -14.39 16.41
CA PRO A 41 26.42 -13.78 15.26
C PRO A 41 27.03 -14.85 14.36
N SER A 42 26.91 -14.66 13.06
CA SER A 42 27.22 -15.69 12.08
C SER A 42 27.86 -15.09 10.83
N GLN A 43 28.28 -15.97 9.93
CA GLN A 43 28.95 -15.54 8.71
C GLN A 43 28.59 -16.58 7.66
N ALA A 44 28.17 -16.12 6.48
CA ALA A 44 27.89 -17.02 5.38
C ALA A 44 28.68 -16.57 4.16
N ALA A 45 29.07 -17.54 3.34
CA ALA A 45 29.84 -17.30 2.13
C ALA A 45 28.95 -17.51 0.90
N LEU A 46 28.94 -16.52 0.00
CA LEU A 46 28.20 -16.64 -1.24
C LEU A 46 29.06 -17.36 -2.27
N TRP A 47 28.55 -18.46 -2.81
CA TRP A 47 29.24 -19.27 -3.80
C TRP A 47 28.54 -19.15 -5.14
N ALA A 48 29.34 -18.96 -6.20
CA ALA A 48 28.85 -18.93 -7.59
C ALA A 48 29.15 -20.18 -8.40
N LYS A 49 28.19 -21.07 -8.52
CA LYS A 49 28.40 -22.39 -9.08
C LYS A 49 28.07 -22.49 -10.57
N SER A 50 27.98 -21.36 -11.26
CA SER A 50 27.62 -21.35 -12.67
C SER A 50 28.46 -20.32 -13.39
N PRO A 51 28.79 -20.56 -14.64
CA PRO A 51 29.53 -19.55 -15.41
C PRO A 51 28.62 -18.41 -15.84
N GLY A 52 29.16 -17.19 -15.76
CA GLY A 52 28.47 -16.09 -16.38
C GLY A 52 28.90 -14.72 -15.93
N VAL A 53 27.92 -13.86 -15.64
CA VAL A 53 28.15 -12.51 -15.13
C VAL A 53 27.36 -12.33 -13.84
N LEU A 54 27.94 -11.57 -12.92
CA LEU A 54 27.34 -11.28 -11.65
C LEU A 54 26.68 -9.96 -11.45
N ALA A 55 25.36 -9.95 -11.56
CA ALA A 55 24.57 -8.77 -11.37
C ALA A 55 23.66 -8.80 -10.16
N GLY A 56 23.30 -7.67 -9.61
CA GLY A 56 22.37 -7.65 -8.52
C GLY A 56 22.81 -7.32 -7.12
N GLN A 57 24.07 -6.97 -6.93
CA GLN A 57 24.59 -6.52 -5.64
C GLN A 57 23.69 -5.52 -4.94
N PRO A 58 23.18 -4.48 -5.60
CA PRO A 58 22.28 -3.56 -4.89
C PRO A 58 21.01 -4.22 -4.34
N PHE A 59 20.45 -5.22 -5.00
CA PHE A 59 19.26 -5.83 -4.44
C PHE A 59 19.62 -6.75 -3.27
N PHE A 60 20.69 -7.52 -3.45
CA PHE A 60 21.22 -8.41 -2.43
C PHE A 60 21.64 -7.63 -1.18
N ASP A 61 22.26 -6.46 -1.38
CA ASP A 61 22.62 -5.57 -0.28
C ASP A 61 21.38 -5.06 0.46
N ALA A 62 20.40 -4.54 -0.29
CA ALA A 62 19.21 -3.99 0.34
C ALA A 62 18.43 -5.05 1.11
N ILE A 63 18.31 -6.25 0.53
CA ILE A 63 17.65 -7.34 1.23
C ILE A 63 18.25 -7.56 2.62
N PHE A 64 19.57 -7.71 2.68
CA PHE A 64 20.21 -7.99 3.96
C PHE A 64 20.33 -6.76 4.86
N THR A 65 20.42 -5.55 4.32
CA THR A 65 20.47 -4.37 5.16
C THR A 65 19.17 -4.14 5.92
N GLN A 66 18.03 -4.53 5.33
CA GLN A 66 16.75 -4.43 6.05
C GLN A 66 16.61 -5.49 7.13
N LEU A 67 17.42 -6.53 7.10
CA LEU A 67 17.46 -7.51 8.17
C LEU A 67 18.61 -7.25 9.11
N ASN A 68 19.19 -6.05 9.05
CA ASN A 68 20.34 -5.64 9.83
C ASN A 68 21.46 -6.67 9.74
N CYS A 69 21.88 -6.93 8.50
CA CYS A 69 23.00 -7.80 8.16
C CYS A 69 23.94 -7.06 7.24
N GLN A 70 25.19 -7.54 7.14
CA GLN A 70 26.18 -6.84 6.33
C GLN A 70 26.69 -7.71 5.19
N VAL A 71 27.08 -7.07 4.08
CA VAL A 71 27.69 -7.82 2.96
C VAL A 71 29.03 -7.18 2.59
N SER A 72 30.04 -8.04 2.41
CA SER A 72 31.34 -7.70 1.84
C SER A 72 31.46 -8.44 0.53
N TRP A 73 31.74 -7.71 -0.54
CA TRP A 73 31.88 -8.30 -1.86
C TRP A 73 33.35 -8.57 -2.16
N PHE A 74 33.60 -9.71 -2.79
CA PHE A 74 34.93 -10.07 -3.24
C PHE A 74 35.09 -9.92 -4.74
N LEU A 75 34.03 -9.57 -5.46
CA LEU A 75 34.06 -9.41 -6.90
C LEU A 75 33.16 -8.23 -7.25
N PRO A 76 33.60 -7.32 -8.12
CA PRO A 76 32.77 -6.17 -8.45
C PRO A 76 31.52 -6.60 -9.20
N GLU A 77 30.57 -5.72 -9.27
CA GLU A 77 29.44 -6.04 -10.04
C GLU A 77 29.90 -6.10 -11.44
N GLY A 78 29.32 -7.01 -12.17
CA GLY A 78 29.66 -7.19 -13.57
C GLY A 78 30.77 -8.20 -13.85
N SER A 79 31.50 -8.64 -12.84
CA SER A 79 32.69 -9.43 -13.14
C SER A 79 32.31 -10.84 -13.56
N LYS A 80 33.15 -11.44 -14.39
CA LYS A 80 32.85 -12.77 -14.90
C LYS A 80 32.91 -13.75 -13.75
N LEU A 81 32.11 -14.81 -13.85
CA LEU A 81 32.01 -15.79 -12.78
C LEU A 81 32.49 -17.14 -13.30
N VAL A 82 33.57 -17.63 -12.71
CA VAL A 82 34.16 -18.91 -13.05
C VAL A 82 33.72 -19.93 -11.97
N PRO A 83 33.07 -21.02 -12.31
CA PRO A 83 32.45 -21.89 -11.33
C PRO A 83 33.22 -22.30 -10.14
N VAL A 84 32.42 -22.22 -9.09
CA VAL A 84 32.74 -22.36 -7.68
C VAL A 84 33.70 -21.30 -7.18
N ALA A 85 33.25 -20.07 -7.30
CA ALA A 85 33.96 -18.88 -6.91
C ALA A 85 33.32 -18.32 -5.68
N ARG A 86 34.13 -17.85 -4.74
CA ARG A 86 33.65 -17.30 -3.47
C ARG A 86 33.41 -15.80 -3.69
N VAL A 87 32.16 -15.38 -3.78
CA VAL A 87 31.91 -14.02 -4.25
C VAL A 87 31.47 -13.07 -3.15
N ALA A 88 31.06 -13.56 -2.00
CA ALA A 88 30.76 -12.60 -0.96
C ALA A 88 30.69 -13.26 0.40
N GLU A 89 30.75 -12.42 1.42
CA GLU A 89 30.46 -12.81 2.80
C GLU A 89 29.30 -11.97 3.31
N VAL A 90 28.37 -12.64 4.01
CA VAL A 90 27.26 -11.99 4.67
C VAL A 90 27.38 -12.29 6.16
N ARG A 91 27.44 -11.23 6.98
CA ARG A 91 27.54 -11.32 8.44
C ARG A 91 26.25 -10.85 9.09
N GLY A 92 25.77 -11.60 10.07
CA GLY A 92 24.64 -11.17 10.87
C GLY A 92 24.16 -12.21 11.87
N PRO A 93 23.11 -11.90 12.61
CA PRO A 93 22.46 -12.92 13.43
C PRO A 93 21.98 -14.08 12.58
N ALA A 94 22.15 -15.29 13.12
CA ALA A 94 21.88 -16.50 12.34
C ALA A 94 20.49 -16.45 11.70
N HIS A 95 19.45 -16.26 12.51
CA HIS A 95 18.10 -16.35 11.98
C HIS A 95 17.83 -15.24 10.97
N CYS A 96 18.49 -14.09 11.09
CA CYS A 96 18.30 -13.07 10.08
C CYS A 96 18.98 -13.45 8.76
N LEU A 97 20.20 -14.00 8.83
CA LEU A 97 20.84 -14.52 7.61
C LEU A 97 19.93 -15.48 6.85
N LEU A 98 19.31 -16.44 7.55
CA LEU A 98 18.53 -17.45 6.83
C LEU A 98 17.17 -16.90 6.38
N LEU A 99 16.65 -15.88 7.07
CA LEU A 99 15.44 -15.17 6.64
C LEU A 99 15.62 -14.51 5.28
N GLY A 100 16.83 -14.08 4.94
CA GLY A 100 17.11 -13.43 3.69
C GLY A 100 17.69 -14.32 2.61
N GLU A 101 18.11 -15.53 2.98
CA GLU A 101 18.80 -16.40 2.03
C GLU A 101 18.00 -16.54 0.73
N ARG A 102 16.79 -17.11 0.83
CA ARG A 102 16.02 -17.51 -0.35
C ARG A 102 15.75 -16.33 -1.29
N VAL A 103 15.24 -15.22 -0.76
CA VAL A 103 14.90 -14.11 -1.64
C VAL A 103 16.17 -13.53 -2.26
N ALA A 104 17.19 -13.26 -1.46
CA ALA A 104 18.46 -12.74 -1.99
C ALA A 104 19.03 -13.67 -3.06
N LEU A 105 19.08 -14.98 -2.76
CA LEU A 105 19.62 -15.91 -3.75
C LEU A 105 18.78 -15.88 -5.03
N ASN A 106 17.44 -15.92 -4.90
CA ASN A 106 16.59 -15.97 -6.10
C ASN A 106 16.71 -14.68 -6.89
N THR A 107 16.73 -13.53 -6.21
CA THR A 107 16.95 -12.29 -6.94
C THR A 107 18.30 -12.30 -7.67
N LEU A 108 19.36 -12.79 -7.02
CA LEU A 108 20.67 -12.70 -7.64
C LEU A 108 20.80 -13.68 -8.78
N ALA A 109 20.18 -14.86 -8.64
CA ALA A 109 20.15 -15.83 -9.73
C ALA A 109 19.54 -15.24 -10.99
N ARG A 110 18.39 -14.56 -10.86
CA ARG A 110 17.70 -14.02 -12.04
C ARG A 110 18.51 -12.89 -12.65
N CYS A 111 18.89 -11.93 -11.86
CA CYS A 111 19.58 -10.84 -12.42
C CYS A 111 20.84 -11.31 -13.11
N SER A 112 21.57 -12.20 -12.52
CA SER A 112 22.81 -12.68 -13.12
C SER A 112 22.54 -13.54 -14.36
N GLY A 113 21.50 -14.35 -14.34
CA GLY A 113 21.17 -15.10 -15.55
C GLY A 113 20.94 -14.18 -16.73
N ILE A 114 20.30 -13.03 -16.50
CA ILE A 114 19.97 -12.13 -17.59
C ILE A 114 21.22 -11.40 -18.09
N ALA A 115 22.03 -10.89 -17.17
CA ALA A 115 23.31 -10.28 -17.52
C ALA A 115 24.21 -11.27 -18.25
N SER A 116 24.22 -12.52 -17.79
CA SER A 116 24.98 -13.54 -18.48
C SER A 116 24.47 -13.70 -19.90
N ALA A 117 23.15 -13.76 -20.07
CA ALA A 117 22.65 -13.93 -21.43
C ALA A 117 22.96 -12.71 -22.27
N ALA A 118 22.80 -11.51 -21.69
CA ALA A 118 23.13 -10.31 -22.45
C ALA A 118 24.59 -10.30 -22.88
N ALA A 119 25.51 -10.63 -21.95
CA ALA A 119 26.94 -10.55 -22.25
C ALA A 119 27.34 -11.56 -23.32
N ALA A 120 26.79 -12.78 -23.26
CA ALA A 120 27.06 -13.73 -24.31
C ALA A 120 26.66 -13.18 -25.68
N ALA A 121 25.53 -12.47 -25.75
CA ALA A 121 25.04 -11.99 -27.04
C ALA A 121 25.81 -10.76 -27.51
N VAL A 122 26.12 -9.85 -26.57
CA VAL A 122 26.95 -8.70 -26.90
C VAL A 122 28.28 -9.17 -27.47
N GLU A 123 28.87 -10.19 -26.86
CA GLU A 123 30.18 -10.62 -27.32
C GLU A 123 30.09 -11.36 -28.64
N ALA A 124 29.01 -12.10 -28.90
CA ALA A 124 28.91 -12.77 -30.18
C ALA A 124 28.77 -11.80 -31.35
N ALA A 125 28.14 -10.65 -31.12
CA ALA A 125 28.05 -9.67 -32.18
C ALA A 125 29.29 -8.80 -32.28
N ARG A 126 30.17 -8.86 -31.30
CA ARG A 126 31.42 -8.12 -31.36
C ARG A 126 32.52 -8.93 -32.04
N GLY A 127 32.52 -10.25 -31.82
CA GLY A 127 33.43 -11.11 -32.54
C GLY A 127 33.13 -11.18 -34.02
N ALA A 128 31.85 -11.02 -34.38
CA ALA A 128 31.37 -10.97 -35.75
C ALA A 128 31.53 -9.58 -36.39
N GLY A 129 32.23 -8.66 -35.74
CA GLY A 129 32.57 -7.38 -36.36
C GLY A 129 31.42 -6.41 -36.59
N TRP A 130 30.35 -6.53 -35.82
CA TRP A 130 29.14 -5.75 -36.04
C TRP A 130 29.41 -4.46 -35.28
N THR A 131 29.10 -3.33 -35.90
CA THR A 131 29.05 -2.03 -35.26
C THR A 131 27.74 -1.76 -34.53
N GLY A 132 26.76 -2.66 -34.65
CA GLY A 132 25.45 -2.41 -34.06
C GLY A 132 25.39 -2.66 -32.55
N HIS A 133 24.20 -2.61 -31.97
CA HIS A 133 24.06 -2.88 -30.56
C HIS A 133 22.96 -3.88 -30.21
N VAL A 134 23.26 -4.74 -29.27
CA VAL A 134 22.33 -5.73 -28.77
C VAL A 134 21.51 -5.10 -27.65
N ALA A 135 20.21 -5.32 -27.65
CA ALA A 135 19.34 -4.81 -26.61
C ALA A 135 18.35 -5.87 -26.15
N GLY A 136 17.75 -5.61 -24.98
CA GLY A 136 16.64 -6.38 -24.48
C GLY A 136 15.31 -5.87 -25.01
N THR A 137 14.23 -6.47 -24.53
CA THR A 137 12.88 -6.10 -24.92
C THR A 137 12.07 -5.76 -23.68
N ARG A 138 10.86 -5.24 -23.88
CA ARG A 138 9.91 -5.05 -22.80
C ARG A 138 9.25 -6.37 -22.38
N LYS A 139 9.87 -7.51 -22.66
CA LYS A 139 9.22 -8.77 -22.35
C LYS A 139 9.79 -9.27 -21.02
N THR A 140 9.47 -8.51 -19.98
CA THR A 140 9.97 -8.74 -18.63
C THR A 140 8.91 -9.43 -17.77
N THR A 141 9.33 -9.83 -16.57
CA THR A 141 8.38 -10.45 -15.64
C THR A 141 7.67 -9.34 -14.88
N PRO A 142 6.35 -9.39 -14.77
CA PRO A 142 5.63 -8.32 -14.10
C PRO A 142 6.09 -8.13 -12.65
N GLY A 143 6.20 -6.87 -12.24
CA GLY A 143 6.60 -6.60 -10.88
C GLY A 143 8.07 -6.77 -10.63
N PHE A 144 8.83 -7.03 -11.66
CA PHE A 144 10.22 -7.41 -11.51
C PHE A 144 11.05 -6.71 -12.57
N ARG A 145 10.44 -5.82 -13.35
CA ARG A 145 11.12 -5.12 -14.41
C ARG A 145 12.38 -4.42 -13.90
N LEU A 146 12.31 -3.81 -12.71
CA LEU A 146 13.46 -3.07 -12.20
C LEU A 146 14.73 -3.93 -12.14
N VAL A 147 14.61 -5.18 -11.68
CA VAL A 147 15.79 -6.05 -11.61
C VAL A 147 16.22 -6.50 -13.00
N GLU A 148 15.24 -6.85 -13.84
CA GLU A 148 15.58 -7.37 -15.16
C GLU A 148 16.17 -6.30 -16.06
N LYS A 149 15.69 -5.05 -15.98
CA LYS A 149 16.33 -3.97 -16.73
C LYS A 149 17.77 -3.79 -16.26
N TYR A 150 17.96 -3.80 -14.95
CA TYR A 150 19.31 -3.69 -14.37
C TYR A 150 20.22 -4.81 -14.83
N GLY A 151 19.73 -6.07 -14.74
CA GLY A 151 20.49 -7.19 -15.27
C GLY A 151 20.92 -6.99 -16.71
N LEU A 152 20.00 -6.56 -17.57
CA LEU A 152 20.34 -6.30 -18.97
C LEU A 152 21.47 -5.29 -19.08
N LEU A 153 21.48 -4.25 -18.23
CA LEU A 153 22.45 -3.18 -18.41
C LEU A 153 23.83 -3.61 -17.93
N VAL A 154 23.89 -4.38 -16.85
CA VAL A 154 25.18 -4.86 -16.36
C VAL A 154 25.78 -5.83 -17.35
N GLY A 155 24.95 -6.65 -18.00
CA GLY A 155 25.43 -7.51 -19.06
C GLY A 155 25.88 -6.79 -20.32
N GLY A 156 25.60 -5.50 -20.44
CA GLY A 156 26.04 -4.75 -21.59
C GLY A 156 25.03 -4.49 -22.70
N ALA A 157 23.75 -4.82 -22.50
CA ALA A 157 22.73 -4.43 -23.48
C ALA A 157 22.46 -2.92 -23.37
N ALA A 158 21.85 -2.37 -24.44
CA ALA A 158 21.66 -0.92 -24.57
C ALA A 158 20.24 -0.49 -24.21
N SER A 159 20.12 0.79 -23.90
CA SER A 159 18.84 1.42 -23.59
C SER A 159 18.11 1.72 -24.91
N HIS A 160 16.78 1.75 -24.81
CA HIS A 160 15.91 2.22 -25.88
C HIS A 160 15.53 3.68 -25.67
N ARG A 161 14.73 4.19 -26.58
CA ARG A 161 14.14 5.51 -26.42
C ARG A 161 12.98 5.55 -25.42
N TYR A 162 12.44 4.40 -24.98
CA TYR A 162 11.49 4.49 -23.89
C TYR A 162 12.18 4.63 -22.54
N ASP A 163 13.50 4.44 -22.50
CA ASP A 163 14.31 4.63 -21.31
C ASP A 163 14.81 6.06 -21.16
N LEU A 164 15.32 6.64 -22.25
CA LEU A 164 16.00 7.94 -22.25
C LEU A 164 15.36 8.84 -23.29
N GLY A 165 14.90 10.00 -22.87
CA GLY A 165 14.10 10.78 -23.80
C GLY A 165 12.79 10.04 -23.99
N GLY A 166 12.00 10.52 -24.94
CA GLY A 166 10.73 9.91 -25.25
C GLY A 166 10.71 9.04 -26.51
N LEU A 167 9.53 8.50 -26.77
CA LEU A 167 9.23 7.67 -27.93
C LEU A 167 7.75 7.35 -27.96
N VAL A 168 7.14 7.40 -29.13
CA VAL A 168 5.86 6.75 -29.38
C VAL A 168 6.13 5.50 -30.20
N MET A 169 5.79 4.36 -29.63
CA MET A 169 5.92 3.07 -30.32
C MET A 169 4.59 2.75 -31.00
N VAL A 170 4.57 2.83 -32.32
CA VAL A 170 3.42 2.38 -33.10
C VAL A 170 3.64 0.89 -33.40
N LYS A 171 3.01 0.04 -32.63
CA LYS A 171 3.03 -1.40 -32.85
C LYS A 171 2.09 -1.72 -33.98
N ASP A 172 2.17 -2.90 -34.55
CA ASP A 172 1.29 -3.29 -35.66
C ASP A 172 -0.18 -3.25 -35.27
N ASN A 173 -0.48 -3.46 -33.99
CA ASN A 173 -1.85 -3.29 -33.52
C ASN A 173 -2.31 -1.85 -33.64
N HIS A 174 -1.40 -0.90 -33.37
CA HIS A 174 -1.73 0.51 -33.55
C HIS A 174 -1.94 0.88 -35.02
N VAL A 175 -1.21 0.26 -35.94
CA VAL A 175 -1.45 0.49 -37.35
C VAL A 175 -2.88 0.10 -37.71
N VAL A 176 -3.30 -1.10 -37.29
CA VAL A 176 -4.64 -1.59 -37.61
C VAL A 176 -5.72 -0.71 -36.97
N ALA A 177 -5.49 -0.21 -35.75
CA ALA A 177 -6.52 0.58 -35.05
C ALA A 177 -6.75 1.93 -35.71
N ALA A 178 -5.67 2.62 -36.07
CA ALA A 178 -5.78 3.89 -36.78
C ALA A 178 -6.18 3.70 -38.25
N GLY A 179 -6.22 2.46 -38.71
CA GLY A 179 -6.45 2.15 -40.11
C GLY A 179 -5.40 2.77 -41.00
N GLY A 180 -4.23 2.14 -41.07
CA GLY A 180 -3.10 2.52 -41.91
C GLY A 180 -1.95 3.17 -41.15
N VAL A 181 -0.73 2.96 -41.65
CA VAL A 181 0.46 3.51 -41.00
C VAL A 181 0.58 5.03 -41.22
N GLU A 182 0.26 5.51 -42.42
CA GLU A 182 0.28 6.96 -42.61
C GLU A 182 -0.66 7.62 -41.62
N LYS A 183 -1.84 7.01 -41.42
CA LYS A 183 -2.78 7.52 -40.42
C LYS A 183 -2.27 7.28 -38.99
N ALA A 184 -1.55 6.18 -38.76
CA ALA A 184 -1.02 5.92 -37.42
C ALA A 184 0.15 6.83 -37.06
N VAL A 185 1.07 7.07 -38.00
CA VAL A 185 2.21 7.95 -37.72
C VAL A 185 1.74 9.40 -37.57
N ARG A 186 0.77 9.84 -38.37
CA ARG A 186 0.32 11.23 -38.24
C ARG A 186 -0.56 11.50 -37.02
N ALA A 187 -1.26 10.48 -36.54
CA ALA A 187 -1.89 10.54 -35.22
C ALA A 187 -0.83 10.61 -34.11
N ALA A 188 0.29 9.90 -34.31
CA ALA A 188 1.35 9.86 -33.32
C ALA A 188 1.98 11.24 -33.10
N ARG A 189 2.25 11.96 -34.19
CA ARG A 189 2.89 13.26 -34.10
C ARG A 189 1.96 14.34 -33.55
N GLN A 190 0.70 14.02 -33.45
CA GLN A 190 -0.29 14.94 -32.96
C GLN A 190 -0.27 14.98 -31.44
N ALA A 191 0.57 14.16 -30.81
CA ALA A 191 0.71 14.05 -29.36
C ALA A 191 1.52 15.18 -28.76
N ALA A 192 2.03 16.10 -29.58
CA ALA A 192 2.87 17.19 -29.10
C ALA A 192 3.01 18.16 -30.25
N ASP A 193 3.28 19.41 -29.91
CA ASP A 193 3.66 20.43 -30.87
C ASP A 193 5.17 20.45 -31.13
N PHE A 194 5.95 19.51 -30.57
CA PHE A 194 7.38 19.47 -30.81
C PHE A 194 7.76 18.16 -31.51
N THR A 195 9.00 18.12 -31.99
CA THR A 195 9.49 16.97 -32.73
C THR A 195 9.44 15.72 -31.89
N LEU A 196 8.76 14.70 -32.40
CA LEU A 196 8.65 13.41 -31.74
C LEU A 196 9.55 12.40 -32.43
N LYS A 197 9.87 11.34 -31.69
CA LYS A 197 10.45 10.15 -32.27
C LYS A 197 9.35 9.09 -32.31
N VAL A 198 9.07 8.57 -33.50
CA VAL A 198 7.97 7.65 -33.74
C VAL A 198 8.57 6.39 -34.34
N GLU A 199 8.32 5.26 -33.69
CA GLU A 199 8.76 3.96 -34.18
C GLU A 199 7.57 3.13 -34.63
N VAL A 200 7.64 2.58 -35.84
CA VAL A 200 6.60 1.70 -36.38
C VAL A 200 7.16 0.28 -36.46
N GLU A 201 6.42 -0.65 -35.88
CA GLU A 201 6.66 -2.07 -36.04
C GLU A 201 6.19 -2.50 -37.43
N CYS A 202 7.06 -3.17 -38.19
CA CYS A 202 6.77 -3.63 -39.54
C CYS A 202 7.01 -5.13 -39.66
N SER A 203 6.17 -5.81 -40.44
CA SER A 203 6.33 -7.25 -40.62
C SER A 203 6.82 -7.64 -42.01
N SER A 204 6.99 -6.67 -42.92
CA SER A 204 7.40 -6.96 -44.29
C SER A 204 8.11 -5.75 -44.87
N LEU A 205 8.91 -6.00 -45.91
CA LEU A 205 9.59 -4.91 -46.62
C LEU A 205 8.60 -3.88 -47.15
N GLN A 206 7.42 -4.32 -47.59
CA GLN A 206 6.37 -3.38 -47.98
C GLN A 206 6.09 -2.41 -46.83
N GLU A 207 5.64 -2.93 -45.68
CA GLU A 207 5.25 -2.09 -44.56
C GLU A 207 6.42 -1.24 -44.04
N ALA A 208 7.63 -1.75 -44.19
CA ALA A 208 8.82 -0.99 -43.80
C ALA A 208 8.93 0.29 -44.61
N VAL A 209 8.79 0.20 -45.94
CA VAL A 209 8.89 1.38 -46.81
C VAL A 209 7.71 2.31 -46.56
N GLN A 210 6.50 1.77 -46.52
CA GLN A 210 5.33 2.60 -46.22
C GLN A 210 5.52 3.31 -44.89
N ALA A 211 6.12 2.62 -43.92
CA ALA A 211 6.37 3.23 -42.62
C ALA A 211 7.34 4.39 -42.74
N ALA A 212 8.40 4.20 -43.54
CA ALA A 212 9.46 5.22 -43.67
C ALA A 212 8.96 6.42 -44.46
N GLU A 213 8.37 6.19 -45.63
CA GLU A 213 7.75 7.28 -46.39
C GLU A 213 6.66 8.00 -45.60
N ALA A 214 6.10 7.37 -44.56
CA ALA A 214 5.13 7.97 -43.67
C ALA A 214 5.77 8.91 -42.64
N GLY A 215 7.09 9.06 -42.65
CA GLY A 215 7.79 9.88 -41.68
C GLY A 215 8.23 9.15 -40.43
N ALA A 216 8.23 7.81 -40.42
CA ALA A 216 8.71 7.08 -39.25
C ALA A 216 10.18 7.39 -39.00
N ASP A 217 10.52 7.65 -37.73
CA ASP A 217 11.92 7.88 -37.33
C ASP A 217 12.68 6.59 -37.07
N LEU A 218 12.02 5.59 -36.51
CA LEU A 218 12.59 4.28 -36.29
C LEU A 218 11.71 3.26 -36.96
N VAL A 219 12.32 2.16 -37.34
CA VAL A 219 11.60 1.07 -37.97
C VAL A 219 11.99 -0.23 -37.26
N LEU A 220 11.01 -0.88 -36.64
CA LEU A 220 11.22 -2.16 -35.98
C LEU A 220 10.83 -3.28 -36.93
N LEU A 221 11.83 -3.95 -37.48
CA LEU A 221 11.61 -5.05 -38.41
C LEU A 221 11.38 -6.33 -37.62
N ASP A 222 10.10 -6.60 -37.34
CA ASP A 222 9.70 -7.73 -36.50
C ASP A 222 9.68 -9.02 -37.30
N ASN A 223 10.55 -9.97 -36.93
CA ASN A 223 10.41 -11.38 -37.29
C ASN A 223 10.69 -11.66 -38.76
N PHE A 224 11.48 -10.80 -39.41
CA PHE A 224 12.00 -11.17 -40.71
C PHE A 224 12.90 -12.38 -40.61
N LYS A 225 13.03 -13.11 -41.72
CA LYS A 225 14.19 -13.98 -41.84
C LYS A 225 15.33 -13.19 -42.48
N PRO A 226 16.59 -13.54 -42.15
CA PRO A 226 17.74 -12.71 -42.58
C PRO A 226 17.79 -12.43 -44.07
N GLU A 227 17.20 -13.31 -44.89
CA GLU A 227 17.15 -13.08 -46.33
C GLU A 227 16.34 -11.84 -46.69
N GLU A 228 15.26 -11.56 -45.97
CA GLU A 228 14.53 -10.33 -46.19
C GLU A 228 15.09 -9.16 -45.38
N LEU A 229 15.75 -9.43 -44.26
CA LEU A 229 16.15 -8.36 -43.37
C LEU A 229 17.23 -7.47 -43.98
N HIS A 230 18.22 -8.08 -44.65
CA HIS A 230 19.34 -7.30 -45.18
C HIS A 230 18.95 -6.44 -46.38
N PRO A 231 18.23 -6.94 -47.40
CA PRO A 231 17.75 -6.02 -48.45
C PRO A 231 16.87 -4.90 -47.91
N THR A 232 16.02 -5.18 -46.94
CA THR A 232 15.15 -4.15 -46.38
C THR A 232 15.96 -3.04 -45.72
N ALA A 233 16.89 -3.42 -44.85
CA ALA A 233 17.70 -2.41 -44.16
C ALA A 233 18.62 -1.69 -45.13
N THR A 234 19.10 -2.39 -46.18
CA THR A 234 19.91 -1.69 -47.16
C THR A 234 19.09 -0.66 -47.92
N VAL A 235 17.85 -1.00 -48.27
CA VAL A 235 17.00 0.00 -48.90
C VAL A 235 16.78 1.17 -47.96
N LEU A 236 16.39 0.88 -46.72
CA LEU A 236 16.06 1.95 -45.78
C LEU A 236 17.23 2.89 -45.60
N LYS A 237 18.44 2.35 -45.48
CA LYS A 237 19.60 3.18 -45.16
C LYS A 237 20.02 4.03 -46.35
N ALA A 238 19.85 3.49 -47.55
CA ALA A 238 20.10 4.25 -48.76
C ALA A 238 19.10 5.39 -48.90
N GLN A 239 17.80 5.05 -49.00
CA GLN A 239 16.80 6.01 -49.41
C GLN A 239 16.15 6.75 -48.25
N PHE A 240 16.36 6.33 -47.00
CA PHE A 240 15.87 7.07 -45.83
C PHE A 240 16.96 7.06 -44.77
N PRO A 241 18.13 7.62 -45.10
CA PRO A 241 19.30 7.45 -44.20
C PRO A 241 19.10 8.00 -42.81
N SER A 242 18.05 8.78 -42.55
CA SER A 242 17.76 9.28 -41.20
C SER A 242 16.99 8.27 -40.35
N VAL A 243 16.36 7.29 -40.98
CA VAL A 243 15.60 6.25 -40.29
C VAL A 243 16.55 5.31 -39.56
N ALA A 244 16.21 4.96 -38.32
CA ALA A 244 16.96 3.95 -37.57
C ALA A 244 16.29 2.59 -37.74
N VAL A 245 17.12 1.56 -37.85
CA VAL A 245 16.63 0.21 -38.17
C VAL A 245 16.91 -0.70 -36.99
N GLU A 246 15.83 -1.20 -36.37
CA GLU A 246 15.89 -2.13 -35.25
C GLU A 246 15.27 -3.44 -35.73
N ALA A 247 15.90 -4.57 -35.38
CA ALA A 247 15.38 -5.89 -35.70
C ALA A 247 15.08 -6.68 -34.43
N SER A 248 13.98 -7.44 -34.44
CA SER A 248 13.66 -8.34 -33.34
C SER A 248 12.75 -9.44 -33.85
N GLY A 249 12.75 -10.55 -33.13
CA GLY A 249 11.85 -11.66 -33.38
C GLY A 249 12.61 -12.89 -33.77
N GLY A 250 12.43 -13.98 -33.02
CA GLY A 250 13.07 -15.23 -33.38
C GLY A 250 14.58 -15.23 -33.33
N ILE A 251 15.19 -14.24 -32.71
CA ILE A 251 16.64 -14.19 -32.61
C ILE A 251 17.12 -15.06 -31.46
N THR A 252 18.18 -15.83 -31.72
CA THR A 252 18.86 -16.67 -30.74
C THR A 252 20.34 -16.34 -30.76
N LEU A 253 21.02 -16.69 -29.67
CA LEU A 253 22.47 -16.52 -29.63
C LEU A 253 23.14 -17.33 -30.73
N ASP A 254 22.53 -18.45 -31.12
CA ASP A 254 23.09 -19.27 -32.19
C ASP A 254 22.99 -18.55 -33.54
N ASN A 255 21.84 -17.97 -33.87
CA ASN A 255 21.65 -17.36 -35.18
C ASN A 255 21.94 -15.86 -35.17
N LEU A 256 22.41 -15.32 -34.04
CA LEU A 256 22.62 -13.88 -33.97
C LEU A 256 23.53 -13.38 -35.08
N PRO A 257 24.66 -14.04 -35.37
CA PRO A 257 25.47 -13.58 -36.52
C PRO A 257 24.71 -13.45 -37.85
N GLN A 258 23.63 -14.23 -38.09
CA GLN A 258 22.85 -14.06 -39.32
C GLN A 258 21.97 -12.81 -39.31
N PHE A 259 21.63 -12.28 -38.14
CA PHE A 259 20.85 -11.04 -38.09
C PHE A 259 21.72 -9.79 -38.00
N CYS A 260 23.03 -9.92 -37.79
CA CYS A 260 23.90 -8.75 -37.89
C CYS A 260 24.04 -8.32 -39.33
N GLY A 261 24.47 -7.08 -39.50
CA GLY A 261 24.54 -6.50 -40.82
C GLY A 261 24.76 -5.01 -40.73
N PRO A 262 25.44 -4.46 -41.73
CA PRO A 262 25.97 -3.09 -41.62
C PRO A 262 24.89 -2.04 -41.54
N HIS A 263 23.66 -2.38 -41.89
CA HIS A 263 22.56 -1.42 -41.93
C HIS A 263 21.52 -1.68 -40.87
N ILE A 264 21.75 -2.67 -40.00
CA ILE A 264 21.00 -2.85 -38.76
C ILE A 264 21.65 -2.04 -37.66
N ASP A 265 20.89 -1.14 -37.03
CA ASP A 265 21.42 -0.36 -35.92
C ASP A 265 21.33 -1.11 -34.60
N VAL A 266 20.20 -1.77 -34.33
CA VAL A 266 19.95 -2.37 -33.03
C VAL A 266 19.28 -3.72 -33.22
N ILE A 267 19.62 -4.67 -32.35
CA ILE A 267 18.98 -5.98 -32.30
C ILE A 267 18.46 -6.20 -30.88
N SER A 268 17.12 -6.19 -30.74
CA SER A 268 16.43 -6.43 -29.47
C SER A 268 16.23 -7.92 -29.49
N MET A 269 16.75 -8.63 -28.48
CA MET A 269 16.58 -10.06 -28.35
C MET A 269 15.65 -10.36 -27.18
N GLY A 270 14.52 -11.01 -27.46
CA GLY A 270 13.58 -11.33 -26.41
C GLY A 270 14.07 -12.40 -25.47
N MET A 271 14.85 -13.36 -25.97
CA MET A 271 15.25 -14.48 -25.13
C MET A 271 16.07 -14.03 -23.94
N LEU A 272 16.75 -12.88 -24.06
CA LEU A 272 17.56 -12.36 -22.97
C LEU A 272 16.79 -12.28 -21.65
N THR A 273 15.44 -12.25 -21.70
CA THR A 273 14.65 -12.24 -20.50
C THR A 273 13.60 -13.34 -20.40
N GLN A 274 13.24 -14.01 -21.49
CA GLN A 274 12.30 -15.12 -21.39
C GLN A 274 12.92 -16.50 -21.59
N ALA A 275 14.18 -16.59 -21.96
CA ALA A 275 14.87 -17.88 -22.00
C ALA A 275 16.29 -17.71 -21.49
N ALA A 276 16.45 -17.00 -20.38
CA ALA A 276 17.75 -16.84 -19.74
C ALA A 276 17.80 -17.66 -18.47
N PRO A 277 18.52 -18.76 -18.46
CA PRO A 277 18.61 -19.55 -17.22
C PRO A 277 19.23 -18.75 -16.09
N ALA A 278 18.62 -18.86 -14.91
CA ALA A 278 19.23 -18.29 -13.72
C ALA A 278 20.55 -18.98 -13.42
N LEU A 279 21.45 -18.26 -12.78
CA LEU A 279 22.68 -18.85 -12.34
C LEU A 279 22.45 -19.57 -11.02
N ASP A 280 23.24 -20.60 -10.77
CA ASP A 280 23.17 -21.38 -9.54
C ASP A 280 24.09 -20.73 -8.48
N PHE A 281 23.51 -20.24 -7.41
CA PHE A 281 24.24 -19.60 -6.33
C PHE A 281 23.83 -20.26 -5.03
N SER A 282 24.76 -20.36 -4.09
CA SER A 282 24.38 -20.85 -2.77
C SER A 282 25.02 -20.00 -1.68
N LEU A 283 24.43 -20.08 -0.51
CA LEU A 283 24.87 -19.30 0.66
C LEU A 283 25.05 -20.29 1.81
N LYS A 284 26.30 -20.57 2.19
CA LYS A 284 26.65 -21.57 3.20
C LYS A 284 27.24 -20.89 4.42
N LEU A 285 26.65 -21.12 5.58
CA LEU A 285 27.25 -20.66 6.84
C LEU A 285 28.55 -21.42 7.11
N PHE A 286 29.54 -20.74 7.69
CA PHE A 286 30.82 -21.39 7.98
C PHE A 286 31.33 -21.16 9.40
N ALA A 287 30.48 -20.63 10.29
CA ALA A 287 30.62 -20.73 11.74
C ALA A 287 29.46 -19.92 12.33
N LYS A 288 29.22 -20.12 13.62
CA LYS A 288 28.13 -19.48 14.34
C LYS A 288 28.59 -19.06 15.73
N GLU A 289 27.85 -18.14 16.34
CA GLU A 289 28.08 -17.64 17.70
C GLU A 289 29.50 -17.08 17.89
N MET B 1 -5.96 -34.56 -11.64
CA MET B 1 -6.82 -33.47 -11.20
C MET B 1 -7.23 -32.55 -12.35
N ASP B 2 -8.52 -32.17 -12.20
CA ASP B 2 -9.31 -31.36 -13.14
C ASP B 2 -8.67 -30.00 -13.36
N ALA B 3 -8.34 -29.66 -14.63
CA ALA B 3 -7.54 -28.46 -14.86
C ALA B 3 -8.34 -27.14 -14.81
N GLU B 4 -9.65 -27.14 -15.13
CA GLU B 4 -10.42 -25.91 -14.98
C GLU B 4 -10.74 -25.63 -13.50
N GLY B 5 -10.87 -26.69 -12.69
CA GLY B 5 -11.04 -26.55 -11.27
C GLY B 5 -9.84 -25.99 -10.54
N LEU B 6 -8.69 -25.86 -11.21
CA LEU B 6 -7.54 -25.25 -10.57
C LEU B 6 -7.67 -23.73 -10.44
N ALA B 7 -8.48 -23.11 -11.25
CA ALA B 7 -8.67 -21.69 -11.15
C ALA B 7 -9.22 -21.32 -9.80
N LEU B 8 -9.95 -22.24 -9.19
CA LEU B 8 -10.61 -21.98 -7.92
C LEU B 8 -9.64 -21.72 -6.78
N LEU B 9 -8.34 -21.94 -6.99
CA LEU B 9 -7.33 -21.86 -5.94
C LEU B 9 -6.82 -20.44 -5.69
N LEU B 10 -6.91 -19.57 -6.67
CA LEU B 10 -6.39 -18.21 -6.56
C LEU B 10 -7.30 -17.37 -5.67
N PRO B 11 -6.84 -16.90 -4.51
CA PRO B 11 -7.69 -16.05 -3.66
C PRO B 11 -8.03 -14.78 -4.40
N PRO B 12 -9.33 -14.45 -4.53
CA PRO B 12 -9.73 -13.42 -5.50
C PRO B 12 -9.22 -12.04 -5.18
N VAL B 13 -9.14 -11.72 -3.89
CA VAL B 13 -8.78 -10.35 -3.54
C VAL B 13 -7.29 -10.15 -3.77
N THR B 14 -6.47 -11.12 -3.38
CA THR B 14 -5.04 -10.93 -3.61
C THR B 14 -4.71 -11.08 -5.10
N LEU B 15 -5.51 -11.86 -5.84
CA LEU B 15 -5.35 -11.92 -7.29
C LEU B 15 -5.67 -10.58 -7.92
N ALA B 16 -6.75 -9.92 -7.47
CA ALA B 16 -7.05 -8.58 -7.98
C ALA B 16 -5.97 -7.57 -7.57
N ALA B 17 -5.48 -7.63 -6.33
CA ALA B 17 -4.44 -6.70 -5.91
C ALA B 17 -3.15 -6.91 -6.70
N LEU B 18 -2.88 -8.15 -7.06
CA LEU B 18 -1.65 -8.46 -7.76
C LEU B 18 -1.70 -7.95 -9.18
N VAL B 19 -2.80 -8.24 -9.88
CA VAL B 19 -3.04 -7.71 -11.22
C VAL B 19 -2.98 -6.19 -11.20
N ASP B 20 -3.58 -5.58 -10.21
CA ASP B 20 -3.59 -4.11 -10.12
C ASP B 20 -2.22 -3.60 -9.98
N SER B 21 -1.35 -4.18 -9.26
CA SER B 21 0.00 -3.66 -9.14
C SER B 21 0.80 -3.84 -10.43
N TRP B 22 0.56 -4.92 -11.17
CA TRP B 22 1.21 -5.07 -12.47
C TRP B 22 0.87 -3.91 -13.41
N LEU B 23 -0.43 -3.61 -13.54
CA LEU B 23 -0.84 -2.55 -14.46
C LEU B 23 -0.25 -1.22 -14.03
N ARG B 24 -0.20 -0.93 -12.76
CA ARG B 24 0.43 0.31 -12.32
C ARG B 24 1.89 0.32 -12.63
N GLU B 25 2.56 -0.79 -12.49
CA GLU B 25 3.98 -0.88 -12.82
C GLU B 25 4.27 -0.58 -14.30
N ASP B 26 3.30 -0.81 -15.19
CA ASP B 26 3.49 -0.82 -16.64
C ASP B 26 3.09 0.48 -17.34
N CYS B 27 2.20 1.26 -16.76
CA CYS B 27 1.71 2.51 -17.36
C CYS B 27 1.34 3.47 -16.24
N PRO B 28 2.33 4.10 -15.62
CA PRO B 28 2.03 5.01 -14.50
C PRO B 28 1.85 6.44 -14.97
N GLY B 29 2.27 6.77 -16.17
CA GLY B 29 2.18 8.14 -16.67
C GLY B 29 1.07 8.32 -17.67
N LEU B 30 1.31 9.15 -18.67
CA LEU B 30 0.32 9.43 -19.69
C LEU B 30 0.46 8.44 -20.84
N ASN B 31 -0.68 7.99 -21.38
CA ASN B 31 -0.70 6.90 -22.35
C ASN B 31 -0.86 7.49 -23.76
N TYR B 32 0.23 8.07 -24.29
CA TYR B 32 0.15 8.75 -25.58
C TYR B 32 -0.25 7.80 -26.68
N ALA B 33 0.22 6.56 -26.64
CA ALA B 33 -0.17 5.60 -27.66
C ALA B 33 -1.69 5.44 -27.78
N ALA B 34 -2.46 5.78 -26.73
CA ALA B 34 -3.92 5.72 -26.89
C ALA B 34 -4.42 6.67 -27.97
N LEU B 35 -3.71 7.78 -28.19
CA LEU B 35 -4.09 8.71 -29.24
C LEU B 35 -4.02 8.08 -30.63
N VAL B 36 -3.01 7.24 -30.89
CA VAL B 36 -2.93 6.59 -32.19
C VAL B 36 -4.11 5.65 -32.40
N SER B 37 -4.54 4.98 -31.33
CA SER B 37 -5.40 3.81 -31.44
C SER B 37 -6.87 4.10 -31.31
N GLY B 38 -7.26 5.19 -30.66
CA GLY B 38 -8.67 5.48 -30.44
C GLY B 38 -9.30 4.50 -29.47
N ALA B 39 -10.60 4.71 -29.23
CA ALA B 39 -11.31 3.96 -28.20
C ALA B 39 -12.43 3.11 -28.79
N GLY B 40 -12.49 3.02 -30.12
CA GLY B 40 -13.56 2.30 -30.78
C GLY B 40 -13.55 0.85 -30.40
N PRO B 41 -14.73 0.23 -30.42
CA PRO B 41 -14.79 -1.20 -30.06
C PRO B 41 -13.92 -2.01 -31.01
N SER B 42 -13.32 -3.08 -30.47
CA SER B 42 -12.42 -3.92 -31.26
C SER B 42 -12.34 -5.31 -30.65
N GLN B 43 -11.62 -6.18 -31.36
CA GLN B 43 -11.49 -7.60 -31.07
C GLN B 43 -10.07 -7.99 -31.44
N ALA B 44 -9.45 -8.85 -30.63
CA ALA B 44 -8.10 -9.31 -30.94
C ALA B 44 -8.03 -10.82 -30.79
N ALA B 45 -7.20 -11.44 -31.62
CA ALA B 45 -6.94 -12.87 -31.53
C ALA B 45 -5.67 -13.14 -30.74
N LEU B 46 -5.77 -14.06 -29.79
CA LEU B 46 -4.64 -14.62 -29.08
C LEU B 46 -4.11 -15.81 -29.86
N TRP B 47 -2.84 -15.76 -30.24
CA TRP B 47 -2.19 -16.81 -31.02
C TRP B 47 -1.09 -17.47 -30.18
N ALA B 48 -1.10 -18.79 -30.17
CA ALA B 48 -0.05 -19.57 -29.52
C ALA B 48 0.92 -20.05 -30.59
N LYS B 49 2.17 -19.60 -30.52
CA LYS B 49 3.19 -19.95 -31.51
C LYS B 49 4.24 -20.91 -30.96
N SER B 50 4.01 -21.49 -29.79
CA SER B 50 4.94 -22.39 -29.14
C SER B 50 4.23 -23.66 -28.70
N PRO B 51 4.92 -24.79 -28.66
CA PRO B 51 4.27 -26.00 -28.14
C PRO B 51 4.35 -26.04 -26.62
N GLY B 52 3.30 -26.56 -25.99
CA GLY B 52 3.36 -26.72 -24.56
C GLY B 52 1.97 -26.84 -23.97
N VAL B 53 1.90 -26.52 -22.68
CA VAL B 53 0.65 -26.52 -21.92
C VAL B 53 0.17 -25.08 -21.77
N LEU B 54 -1.12 -24.87 -21.91
CA LEU B 54 -1.71 -23.56 -21.72
C LEU B 54 -1.93 -23.35 -20.23
N ALA B 55 -1.33 -22.30 -19.66
CA ALA B 55 -1.54 -22.04 -18.25
C ALA B 55 -1.61 -20.54 -18.00
N GLY B 56 -2.57 -20.12 -17.19
CA GLY B 56 -2.63 -18.73 -16.77
C GLY B 56 -3.87 -17.95 -17.19
N GLN B 57 -4.86 -18.63 -17.76
CA GLN B 57 -6.13 -17.98 -18.05
C GLN B 57 -6.66 -17.13 -16.91
N PRO B 58 -6.65 -17.57 -15.65
CA PRO B 58 -7.18 -16.69 -14.57
C PRO B 58 -6.44 -15.35 -14.44
N PHE B 59 -5.11 -15.32 -14.62
CA PHE B 59 -4.41 -14.05 -14.58
C PHE B 59 -4.75 -13.19 -15.78
N PHE B 60 -4.75 -13.78 -16.98
CA PHE B 60 -5.10 -13.11 -18.22
C PHE B 60 -6.47 -12.45 -18.14
N ASP B 61 -7.48 -13.21 -17.71
CA ASP B 61 -8.83 -12.68 -17.52
C ASP B 61 -8.78 -11.45 -16.63
N ALA B 62 -8.30 -11.63 -15.41
CA ALA B 62 -8.34 -10.57 -14.41
C ALA B 62 -7.75 -9.29 -14.96
N ILE B 63 -6.58 -9.40 -15.60
CA ILE B 63 -5.94 -8.23 -16.21
C ILE B 63 -6.92 -7.50 -17.12
N PHE B 64 -7.55 -8.25 -18.04
CA PHE B 64 -8.43 -7.59 -18.98
C PHE B 64 -9.75 -7.16 -18.36
N THR B 65 -10.14 -7.75 -17.23
CA THR B 65 -11.34 -7.28 -16.58
C THR B 65 -11.13 -5.90 -15.95
N GLN B 66 -10.01 -5.70 -15.26
CA GLN B 66 -9.78 -4.37 -14.71
C GLN B 66 -9.64 -3.33 -15.80
N LEU B 67 -9.38 -3.74 -17.04
CA LEU B 67 -9.36 -2.80 -18.14
C LEU B 67 -10.72 -2.70 -18.84
N ASN B 68 -11.77 -3.29 -18.26
CA ASN B 68 -13.12 -3.27 -18.83
C ASN B 68 -13.16 -3.96 -20.21
N CYS B 69 -12.46 -5.08 -20.33
CA CYS B 69 -12.38 -5.92 -21.53
C CYS B 69 -12.91 -7.31 -21.24
N GLN B 70 -13.14 -8.12 -22.26
CA GLN B 70 -13.80 -9.42 -22.13
C GLN B 70 -13.08 -10.48 -22.98
N VAL B 71 -12.85 -11.65 -22.38
CA VAL B 71 -12.07 -12.69 -23.02
C VAL B 71 -12.93 -13.93 -23.20
N SER B 72 -12.88 -14.50 -24.40
CA SER B 72 -13.46 -15.79 -24.72
C SER B 72 -12.34 -16.75 -25.08
N TRP B 73 -12.29 -17.89 -24.40
CA TRP B 73 -11.25 -18.89 -24.62
C TRP B 73 -11.78 -19.99 -25.53
N PHE B 74 -10.92 -20.50 -26.40
CA PHE B 74 -11.26 -21.64 -27.23
C PHE B 74 -10.69 -22.96 -26.69
N LEU B 75 -9.54 -22.92 -26.05
CA LEU B 75 -8.94 -24.04 -25.35
C LEU B 75 -9.14 -23.89 -23.85
N PRO B 76 -9.33 -24.96 -23.10
CA PRO B 76 -9.45 -24.82 -21.65
C PRO B 76 -8.07 -24.69 -21.00
N GLU B 77 -8.07 -24.16 -19.79
CA GLU B 77 -6.87 -24.19 -18.96
C GLU B 77 -6.27 -25.59 -18.94
N GLY B 78 -4.98 -25.69 -19.24
CA GLY B 78 -4.30 -26.96 -19.24
C GLY B 78 -4.11 -27.63 -20.60
N SER B 79 -4.64 -27.06 -21.68
CA SER B 79 -4.63 -27.73 -22.97
C SER B 79 -3.21 -27.87 -23.50
N LYS B 80 -3.02 -28.85 -24.39
CA LYS B 80 -1.81 -28.88 -25.19
C LYS B 80 -1.98 -27.90 -26.32
N LEU B 81 -0.98 -27.05 -26.50
CA LEU B 81 -0.96 -26.06 -27.56
C LEU B 81 -0.14 -26.64 -28.70
N VAL B 82 -0.69 -26.63 -29.90
CA VAL B 82 0.08 -27.05 -31.06
C VAL B 82 0.32 -25.80 -31.90
N PRO B 83 1.60 -25.40 -32.09
CA PRO B 83 1.92 -24.05 -32.58
C PRO B 83 1.06 -23.52 -33.72
N VAL B 84 0.90 -22.20 -33.64
CA VAL B 84 -0.07 -21.41 -34.39
C VAL B 84 -1.56 -21.59 -34.22
N ALA B 85 -1.96 -21.86 -32.98
CA ALA B 85 -3.35 -22.02 -32.57
C ALA B 85 -4.09 -20.77 -32.15
N ARG B 86 -5.32 -20.61 -32.61
CA ARG B 86 -6.16 -19.50 -32.17
C ARG B 86 -6.75 -19.88 -30.82
N VAL B 87 -6.24 -19.28 -29.75
CA VAL B 87 -6.54 -19.76 -28.39
C VAL B 87 -7.69 -19.01 -27.77
N ALA B 88 -7.87 -17.73 -28.13
CA ALA B 88 -8.84 -16.90 -27.42
C ALA B 88 -9.10 -15.65 -28.23
N GLU B 89 -10.11 -14.91 -27.79
CA GLU B 89 -10.48 -13.64 -28.40
C GLU B 89 -10.74 -12.65 -27.29
N VAL B 90 -10.34 -11.41 -27.50
CA VAL B 90 -10.42 -10.37 -26.47
C VAL B 90 -11.14 -9.17 -27.06
N ARG B 91 -12.24 -8.76 -26.43
CA ARG B 91 -13.08 -7.69 -26.92
C ARG B 91 -13.03 -6.50 -25.96
N GLY B 92 -12.82 -5.31 -26.51
CA GLY B 92 -13.02 -4.08 -25.78
C GLY B 92 -12.57 -2.86 -26.56
N PRO B 93 -12.54 -1.70 -25.93
CA PRO B 93 -12.04 -0.50 -26.60
C PRO B 93 -10.57 -0.65 -26.98
N ALA B 94 -10.24 -0.19 -28.19
CA ALA B 94 -8.89 -0.33 -28.75
C ALA B 94 -7.79 0.01 -27.73
N HIS B 95 -7.91 1.14 -27.04
CA HIS B 95 -6.79 1.60 -26.24
C HIS B 95 -6.67 0.79 -24.96
N CYS B 96 -7.80 0.31 -24.45
CA CYS B 96 -7.77 -0.54 -23.26
C CYS B 96 -7.22 -1.93 -23.58
N LEU B 97 -7.46 -2.42 -24.79
CA LEU B 97 -6.88 -3.69 -25.20
C LEU B 97 -5.36 -3.58 -25.31
N LEU B 98 -4.87 -2.54 -25.96
CA LEU B 98 -3.44 -2.46 -26.14
C LEU B 98 -2.74 -2.18 -24.82
N LEU B 99 -3.44 -1.59 -23.88
CA LEU B 99 -2.86 -1.30 -22.58
C LEU B 99 -2.59 -2.59 -21.81
N GLY B 100 -3.45 -3.59 -21.98
CA GLY B 100 -3.26 -4.88 -21.35
C GLY B 100 -2.44 -5.90 -22.14
N GLU B 101 -2.06 -5.60 -23.39
CA GLU B 101 -1.40 -6.60 -24.24
C GLU B 101 -0.12 -7.13 -23.58
N ARG B 102 0.80 -6.23 -23.18
CA ARG B 102 2.12 -6.64 -22.71
C ARG B 102 2.05 -7.39 -21.38
N VAL B 103 1.39 -6.81 -20.36
CA VAL B 103 1.33 -7.52 -19.08
C VAL B 103 0.58 -8.84 -19.21
N ALA B 104 -0.42 -8.90 -20.10
CA ALA B 104 -1.20 -10.13 -20.24
C ALA B 104 -0.38 -11.20 -20.94
N LEU B 105 0.31 -10.83 -22.03
CA LEU B 105 1.12 -11.81 -22.74
C LEU B 105 2.32 -12.26 -21.92
N ASN B 106 2.99 -11.33 -21.25
CA ASN B 106 4.14 -11.73 -20.46
C ASN B 106 3.71 -12.63 -19.33
N THR B 107 2.51 -12.40 -18.77
CA THR B 107 2.05 -13.27 -17.71
C THR B 107 1.69 -14.63 -18.27
N LEU B 108 0.83 -14.66 -19.30
CA LEU B 108 0.48 -15.93 -19.91
C LEU B 108 1.70 -16.69 -20.43
N ALA B 109 2.66 -15.99 -21.05
CA ALA B 109 3.81 -16.67 -21.63
C ALA B 109 4.67 -17.34 -20.56
N ARG B 110 4.88 -16.66 -19.42
CA ARG B 110 5.73 -17.16 -18.35
C ARG B 110 5.06 -18.29 -17.57
N CYS B 111 3.74 -18.21 -17.34
CA CYS B 111 3.02 -19.26 -16.64
C CYS B 111 2.97 -20.53 -17.49
N SER B 112 2.59 -20.40 -18.76
CA SER B 112 2.52 -21.55 -19.64
C SER B 112 3.88 -22.20 -19.81
N GLY B 113 4.92 -21.40 -19.92
CA GLY B 113 6.24 -21.97 -20.05
C GLY B 113 6.64 -22.81 -18.86
N ILE B 114 6.18 -22.42 -17.66
CA ILE B 114 6.44 -23.22 -16.47
C ILE B 114 5.62 -24.49 -16.48
N ALA B 115 4.35 -24.41 -16.89
CA ALA B 115 3.49 -25.58 -16.95
C ALA B 115 3.96 -26.54 -18.05
N SER B 116 4.46 -25.99 -19.16
CA SER B 116 5.01 -26.80 -20.23
C SER B 116 6.22 -27.58 -19.76
N ALA B 117 7.07 -26.95 -18.95
CA ALA B 117 8.25 -27.65 -18.47
C ALA B 117 7.87 -28.70 -17.43
N ALA B 118 6.90 -28.40 -16.57
CA ALA B 118 6.48 -29.36 -15.56
C ALA B 118 5.81 -30.59 -16.20
N ALA B 119 4.90 -30.36 -17.16
CA ALA B 119 4.20 -31.47 -17.82
C ALA B 119 5.19 -32.39 -18.53
N ALA B 120 6.22 -31.82 -19.14
CA ALA B 120 7.25 -32.61 -19.79
C ALA B 120 8.08 -33.41 -18.78
N ALA B 121 8.21 -32.90 -17.55
CA ALA B 121 8.98 -33.61 -16.55
C ALA B 121 8.13 -34.68 -15.89
N VAL B 122 6.85 -34.37 -15.64
CA VAL B 122 5.93 -35.36 -15.09
C VAL B 122 5.85 -36.59 -15.99
N GLU B 123 5.92 -36.40 -17.32
CA GLU B 123 5.77 -37.47 -18.30
C GLU B 123 7.09 -38.15 -18.64
N ALA B 124 8.20 -37.42 -18.59
CA ALA B 124 9.49 -38.09 -18.61
C ALA B 124 9.58 -39.10 -17.47
N ALA B 125 9.12 -38.70 -16.28
CA ALA B 125 9.18 -39.61 -15.14
C ALA B 125 8.13 -40.70 -15.26
N ARG B 126 6.91 -40.32 -15.65
CA ARG B 126 5.91 -41.33 -16.00
C ARG B 126 6.50 -42.35 -16.98
N GLY B 127 7.26 -41.90 -17.96
CA GLY B 127 7.69 -42.79 -19.02
C GLY B 127 8.73 -43.78 -18.59
N ALA B 128 9.45 -43.48 -17.52
CA ALA B 128 10.46 -44.39 -17.01
C ALA B 128 9.89 -45.36 -15.98
N GLY B 129 8.58 -45.32 -15.73
CA GLY B 129 7.96 -46.21 -14.76
C GLY B 129 8.08 -45.78 -13.31
N TRP B 130 8.35 -44.51 -13.06
CA TRP B 130 8.52 -43.99 -11.70
C TRP B 130 7.15 -43.59 -11.12
N THR B 131 6.84 -44.14 -9.95
CA THR B 131 5.60 -43.79 -9.26
C THR B 131 5.80 -42.73 -8.19
N GLY B 132 7.00 -42.13 -8.12
CA GLY B 132 7.24 -41.00 -7.25
C GLY B 132 6.52 -39.75 -7.72
N HIS B 133 7.00 -38.57 -7.32
CA HIS B 133 6.35 -37.34 -7.75
C HIS B 133 7.38 -36.26 -8.03
N VAL B 134 7.26 -35.66 -9.20
CA VAL B 134 8.01 -34.46 -9.57
C VAL B 134 7.36 -33.24 -8.90
N ALA B 135 8.18 -32.44 -8.24
CA ALA B 135 7.69 -31.22 -7.64
C ALA B 135 8.58 -30.06 -8.06
N GLY B 136 8.06 -28.84 -7.91
CA GLY B 136 8.90 -27.67 -8.03
C GLY B 136 9.42 -27.12 -6.71
N THR B 137 10.48 -26.33 -6.80
CA THR B 137 11.23 -25.82 -5.67
C THR B 137 10.67 -24.47 -5.27
N ARG B 138 11.29 -23.88 -4.26
CA ARG B 138 10.97 -22.56 -3.81
C ARG B 138 11.84 -21.55 -4.50
N LYS B 139 12.53 -21.97 -5.54
CA LYS B 139 13.37 -21.07 -6.33
C LYS B 139 12.48 -20.30 -7.31
N THR B 140 11.80 -19.28 -6.78
CA THR B 140 10.80 -18.53 -7.54
C THR B 140 11.20 -17.07 -7.70
N THR B 141 10.68 -16.43 -8.74
CA THR B 141 10.87 -14.99 -8.97
C THR B 141 10.17 -14.18 -7.88
N PRO B 142 10.91 -13.46 -7.05
CA PRO B 142 10.28 -12.63 -6.01
C PRO B 142 9.12 -11.81 -6.55
N GLY B 143 7.98 -11.85 -5.86
CA GLY B 143 6.81 -11.13 -6.31
C GLY B 143 5.90 -11.85 -7.29
N PHE B 144 6.34 -12.95 -7.89
CA PHE B 144 5.61 -13.64 -8.94
C PHE B 144 5.28 -15.06 -8.49
N ARG B 145 5.46 -15.31 -7.21
CA ARG B 145 5.30 -16.62 -6.59
C ARG B 145 3.96 -17.25 -6.92
N LEU B 146 2.88 -16.48 -6.78
CA LEU B 146 1.53 -17.02 -6.97
C LEU B 146 1.34 -17.54 -8.39
N VAL B 147 1.77 -16.77 -9.39
CA VAL B 147 1.69 -17.22 -10.79
C VAL B 147 2.52 -18.48 -10.99
N GLU B 148 3.72 -18.52 -10.41
CA GLU B 148 4.62 -19.61 -10.72
C GLU B 148 4.15 -20.92 -10.05
N LYS B 149 3.70 -20.83 -8.79
CA LYS B 149 3.07 -22.00 -8.16
C LYS B 149 1.93 -22.53 -9.02
N TYR B 150 1.04 -21.64 -9.43
CA TYR B 150 -0.13 -22.08 -10.22
C TYR B 150 0.31 -22.76 -11.51
N GLY B 151 1.42 -22.31 -12.11
CA GLY B 151 1.88 -22.94 -13.34
C GLY B 151 2.37 -24.36 -13.12
N LEU B 152 3.18 -24.57 -12.08
CA LEU B 152 3.56 -25.92 -11.67
C LEU B 152 2.32 -26.81 -11.57
N LEU B 153 1.29 -26.34 -10.87
CA LEU B 153 0.12 -27.17 -10.64
C LEU B 153 -0.59 -27.53 -11.93
N VAL B 154 -0.76 -26.57 -12.83
CA VAL B 154 -1.45 -26.91 -14.08
C VAL B 154 -0.64 -27.93 -14.87
N GLY B 155 0.66 -27.96 -14.69
CA GLY B 155 1.46 -28.90 -15.43
C GLY B 155 1.63 -30.26 -14.81
N GLY B 156 1.17 -30.46 -13.58
CA GLY B 156 1.30 -31.75 -12.94
C GLY B 156 2.36 -31.83 -11.87
N ALA B 157 3.14 -30.77 -11.67
CA ALA B 157 4.08 -30.79 -10.56
C ALA B 157 3.31 -30.84 -9.25
N ALA B 158 4.03 -31.08 -8.18
CA ALA B 158 3.35 -31.22 -6.90
C ALA B 158 3.58 -29.99 -6.04
N SER B 159 2.84 -29.94 -4.94
CA SER B 159 3.01 -28.91 -3.95
C SER B 159 3.71 -29.59 -2.80
N HIS B 160 4.65 -28.91 -2.17
CA HIS B 160 5.38 -29.48 -1.04
C HIS B 160 4.71 -29.40 0.31
N ARG B 161 5.24 -30.15 1.26
CA ARG B 161 4.67 -30.16 2.60
C ARG B 161 4.73 -28.75 3.17
N TYR B 162 5.64 -27.95 2.63
CA TYR B 162 5.79 -26.55 3.05
C TYR B 162 4.64 -25.85 2.41
N ASP B 163 4.56 -24.54 2.58
CA ASP B 163 3.48 -23.73 2.00
C ASP B 163 2.25 -24.18 2.75
N LEU B 164 2.06 -25.49 2.80
CA LEU B 164 0.97 -26.03 3.60
C LEU B 164 1.24 -25.62 5.03
N GLY B 165 2.51 -25.45 5.37
CA GLY B 165 2.89 -24.93 6.67
C GLY B 165 3.02 -25.94 7.79
N GLY B 166 3.04 -27.21 7.43
CA GLY B 166 3.15 -28.25 8.42
C GLY B 166 4.54 -28.83 8.33
N LEU B 167 5.54 -28.03 8.01
CA LEU B 167 6.87 -28.61 7.94
C LEU B 167 7.91 -27.58 8.34
N VAL B 168 8.77 -27.94 9.28
CA VAL B 168 9.95 -27.15 9.61
C VAL B 168 11.10 -27.66 8.76
N MET B 169 11.68 -26.78 7.95
CA MET B 169 12.71 -27.14 6.98
C MET B 169 14.05 -26.77 7.60
N VAL B 170 14.77 -27.78 8.08
CA VAL B 170 16.12 -27.56 8.59
C VAL B 170 17.08 -27.81 7.42
N LYS B 171 17.65 -26.72 6.90
CA LYS B 171 18.61 -26.82 5.82
C LYS B 171 20.01 -27.05 6.40
N ASP B 172 20.98 -27.27 5.50
CA ASP B 172 22.37 -27.39 5.93
C ASP B 172 22.78 -26.25 6.86
N ASN B 173 22.33 -25.02 6.57
CA ASN B 173 22.75 -23.85 7.35
C ASN B 173 22.22 -23.92 8.78
N HIS B 174 20.99 -24.41 8.95
CA HIS B 174 20.45 -24.61 10.29
C HIS B 174 21.25 -25.65 11.06
N VAL B 175 21.58 -26.78 10.44
CA VAL B 175 22.46 -27.77 11.06
C VAL B 175 23.71 -27.10 11.63
N VAL B 176 24.41 -26.32 10.80
CA VAL B 176 25.67 -25.71 11.22
C VAL B 176 25.43 -24.69 12.34
N ALA B 177 24.33 -23.94 12.27
CA ALA B 177 24.03 -22.99 13.34
C ALA B 177 23.75 -23.71 14.66
N ALA B 178 23.07 -24.85 14.59
CA ALA B 178 22.58 -25.56 15.78
C ALA B 178 23.64 -26.43 16.44
N GLY B 179 24.77 -26.68 15.77
CA GLY B 179 25.82 -27.53 16.29
C GLY B 179 25.90 -28.89 15.65
N GLY B 180 24.92 -29.25 14.83
CA GLY B 180 24.89 -30.55 14.19
C GLY B 180 23.45 -31.00 14.08
N VAL B 181 23.27 -32.13 13.40
CA VAL B 181 21.93 -32.54 13.02
C VAL B 181 21.09 -32.95 14.23
N GLU B 182 21.69 -33.67 15.18
CA GLU B 182 20.92 -34.19 16.31
C GLU B 182 20.32 -33.06 17.12
N LYS B 183 21.13 -32.04 17.43
CA LYS B 183 20.56 -30.89 18.13
C LYS B 183 19.57 -30.17 17.24
N ALA B 184 19.90 -29.97 15.96
CA ALA B 184 19.01 -29.27 15.06
C ALA B 184 17.62 -29.92 15.02
N VAL B 185 17.57 -31.25 14.89
CA VAL B 185 16.25 -31.88 14.75
C VAL B 185 15.47 -31.71 16.05
N ARG B 186 16.17 -31.67 17.17
CA ARG B 186 15.46 -31.63 18.45
C ARG B 186 14.88 -30.23 18.71
N ALA B 187 15.63 -29.18 18.38
CA ALA B 187 15.07 -27.83 18.46
C ALA B 187 13.87 -27.69 17.53
N ALA B 188 13.96 -28.28 16.34
CA ALA B 188 12.86 -28.24 15.40
C ALA B 188 11.63 -28.95 15.95
N ARG B 189 11.83 -30.12 16.56
CA ARG B 189 10.71 -30.84 17.16
C ARG B 189 10.08 -30.05 18.30
N GLN B 190 10.88 -29.26 19.02
CA GLN B 190 10.42 -28.43 20.12
C GLN B 190 9.90 -27.06 19.69
N ALA B 191 9.81 -26.78 18.39
CA ALA B 191 9.09 -25.58 17.97
C ALA B 191 7.66 -25.63 18.46
N ALA B 192 7.07 -26.82 18.50
CA ALA B 192 5.76 -27.12 19.07
C ALA B 192 5.60 -28.63 19.05
N ASP B 193 5.17 -29.24 20.17
CA ASP B 193 5.11 -30.69 20.35
C ASP B 193 4.42 -31.45 19.21
N PHE B 194 3.49 -30.78 18.54
CA PHE B 194 2.41 -31.44 17.83
C PHE B 194 2.50 -31.36 16.31
N THR B 195 3.41 -30.57 15.73
CA THR B 195 3.52 -30.57 14.26
C THR B 195 4.87 -31.13 13.93
N LEU B 196 4.95 -32.44 13.95
CA LEU B 196 6.20 -33.14 13.81
C LEU B 196 6.62 -33.46 12.41
N LYS B 197 6.47 -32.55 11.48
CA LYS B 197 7.12 -32.75 10.20
C LYS B 197 8.42 -31.97 10.06
N VAL B 198 9.53 -32.69 10.23
CA VAL B 198 10.87 -32.15 10.12
C VAL B 198 11.52 -32.77 8.89
N GLU B 199 11.90 -31.92 7.95
CA GLU B 199 12.68 -32.33 6.80
C GLU B 199 14.08 -31.77 7.00
N VAL B 200 15.08 -32.61 6.84
CA VAL B 200 16.48 -32.21 6.99
C VAL B 200 17.13 -32.32 5.62
N GLU B 201 17.75 -31.23 5.18
CA GLU B 201 18.52 -31.23 3.94
C GLU B 201 19.91 -31.80 4.20
N CYS B 202 20.36 -32.72 3.35
CA CYS B 202 21.58 -33.49 3.57
C CYS B 202 22.40 -33.63 2.29
N SER B 203 23.72 -33.53 2.43
CA SER B 203 24.65 -33.53 1.30
C SER B 203 25.58 -34.73 1.26
N SER B 204 25.43 -35.67 2.19
CA SER B 204 26.23 -36.89 2.20
C SER B 204 25.42 -37.99 2.86
N LEU B 205 25.80 -39.23 2.57
CA LEU B 205 25.08 -40.38 3.10
C LEU B 205 25.13 -40.42 4.62
N GLN B 206 26.29 -40.07 5.21
CA GLN B 206 26.42 -40.04 6.65
C GLN B 206 25.47 -39.01 7.26
N GLU B 207 25.36 -37.84 6.63
CA GLU B 207 24.49 -36.80 7.17
C GLU B 207 23.04 -37.25 7.14
N ALA B 208 22.64 -37.99 6.11
CA ALA B 208 21.26 -38.46 6.04
C ALA B 208 20.95 -39.43 7.17
N VAL B 209 21.90 -40.30 7.50
CA VAL B 209 21.68 -41.30 8.54
C VAL B 209 21.49 -40.64 9.90
N GLN B 210 22.38 -39.72 10.26
CA GLN B 210 22.24 -39.00 11.53
C GLN B 210 20.90 -38.29 11.62
N ALA B 211 20.50 -37.61 10.54
CA ALA B 211 19.18 -36.97 10.49
C ALA B 211 18.08 -37.98 10.70
N ALA B 212 18.18 -39.13 10.02
CA ALA B 212 17.18 -40.17 10.18
C ALA B 212 17.14 -40.69 11.61
N GLU B 213 18.31 -40.91 12.21
CA GLU B 213 18.38 -41.31 13.63
C GLU B 213 17.82 -40.23 14.55
N ALA B 214 18.19 -38.96 14.31
CA ALA B 214 17.68 -37.90 15.16
C ALA B 214 16.16 -37.69 15.08
N GLY B 215 15.38 -38.46 14.31
CA GLY B 215 13.94 -38.26 14.23
C GLY B 215 13.49 -37.34 13.10
N ALA B 216 14.03 -37.54 11.90
CA ALA B 216 13.68 -36.71 10.76
C ALA B 216 12.62 -37.40 9.91
N ASP B 217 11.54 -36.70 9.59
CA ASP B 217 10.47 -37.33 8.83
C ASP B 217 10.75 -37.32 7.34
N LEU B 218 11.48 -36.33 6.84
CA LEU B 218 11.90 -36.31 5.44
C LEU B 218 13.39 -36.06 5.37
N VAL B 219 14.00 -36.57 4.30
CA VAL B 219 15.41 -36.32 4.05
C VAL B 219 15.54 -35.75 2.64
N LEU B 220 16.01 -34.50 2.54
CA LEU B 220 16.26 -33.85 1.26
C LEU B 220 17.70 -34.11 0.86
N LEU B 221 17.89 -35.05 -0.07
CA LEU B 221 19.23 -35.37 -0.56
C LEU B 221 19.61 -34.35 -1.64
N ASP B 222 20.59 -33.51 -1.33
CA ASP B 222 20.89 -32.32 -2.12
C ASP B 222 22.13 -32.52 -3.00
N ASN B 223 21.96 -32.37 -4.32
CA ASN B 223 23.06 -32.32 -5.28
C ASN B 223 23.89 -33.62 -5.30
N PHE B 224 23.25 -34.76 -5.09
CA PHE B 224 23.87 -36.06 -5.28
C PHE B 224 23.94 -36.42 -6.76
N LYS B 225 25.02 -37.13 -7.14
CA LYS B 225 25.05 -37.77 -8.45
C LYS B 225 24.27 -39.08 -8.43
N PRO B 226 23.70 -39.51 -9.57
CA PRO B 226 22.78 -40.67 -9.54
C PRO B 226 23.36 -41.94 -8.91
N GLU B 227 24.63 -42.25 -9.19
CA GLU B 227 25.32 -43.39 -8.61
C GLU B 227 25.71 -43.19 -7.15
N GLU B 228 25.54 -41.98 -6.60
CA GLU B 228 25.55 -41.79 -5.16
C GLU B 228 24.15 -41.75 -4.57
N LEU B 229 23.17 -41.26 -5.33
CA LEU B 229 21.83 -41.07 -4.79
C LEU B 229 21.17 -42.40 -4.48
N HIS B 230 21.10 -43.29 -5.48
CA HIS B 230 20.40 -44.56 -5.35
C HIS B 230 20.89 -45.42 -4.18
N PRO B 231 22.20 -45.72 -4.03
CA PRO B 231 22.62 -46.45 -2.82
C PRO B 231 22.18 -45.74 -1.55
N THR B 232 22.25 -44.41 -1.51
CA THR B 232 21.90 -43.70 -0.29
C THR B 232 20.41 -43.87 0.04
N ALA B 233 19.54 -43.69 -0.95
CA ALA B 233 18.13 -43.94 -0.71
C ALA B 233 17.89 -45.39 -0.31
N THR B 234 18.58 -46.34 -0.96
CA THR B 234 18.30 -47.74 -0.71
C THR B 234 18.59 -48.11 0.75
N VAL B 235 19.70 -47.64 1.31
CA VAL B 235 19.96 -48.05 2.69
C VAL B 235 19.08 -47.27 3.64
N LEU B 236 18.74 -46.02 3.32
CA LEU B 236 17.84 -45.28 4.19
C LEU B 236 16.48 -45.96 4.30
N LYS B 237 15.86 -46.31 3.17
CA LYS B 237 14.59 -47.05 3.21
C LYS B 237 14.75 -48.45 3.82
N ALA B 238 15.95 -49.03 3.77
CA ALA B 238 16.17 -50.34 4.38
C ALA B 238 16.13 -50.25 5.90
N GLN B 239 16.67 -49.16 6.47
CA GLN B 239 16.73 -48.98 7.92
C GLN B 239 15.70 -48.01 8.50
N PHE B 240 15.02 -47.20 7.67
CA PHE B 240 14.10 -46.16 8.16
C PHE B 240 12.89 -46.07 7.24
N PRO B 241 12.07 -47.12 7.19
CA PRO B 241 10.92 -47.11 6.26
C PRO B 241 10.00 -45.89 6.38
N SER B 242 9.87 -45.30 7.57
CA SER B 242 8.91 -44.21 7.71
C SER B 242 9.47 -42.87 7.28
N VAL B 243 10.78 -42.76 7.08
CA VAL B 243 11.34 -41.53 6.54
C VAL B 243 11.13 -41.50 5.02
N ALA B 244 10.82 -40.32 4.50
CA ALA B 244 10.60 -40.11 3.07
C ALA B 244 11.84 -39.48 2.45
N VAL B 245 12.16 -39.90 1.22
CA VAL B 245 13.39 -39.49 0.55
C VAL B 245 13.03 -38.62 -0.64
N GLU B 246 13.44 -37.34 -0.59
CA GLU B 246 13.30 -36.40 -1.69
C GLU B 246 14.70 -35.98 -2.19
N ALA B 247 14.90 -36.03 -3.51
CA ALA B 247 16.18 -35.66 -4.11
C ALA B 247 16.04 -34.38 -4.92
N SER B 248 17.04 -33.51 -4.82
CA SER B 248 17.09 -32.27 -5.58
C SER B 248 18.54 -31.87 -5.80
N GLY B 249 18.76 -31.03 -6.80
CA GLY B 249 20.08 -30.52 -7.11
C GLY B 249 20.71 -31.17 -8.33
N GLY B 250 20.72 -30.49 -9.46
CA GLY B 250 21.36 -30.99 -10.64
C GLY B 250 20.47 -31.69 -11.63
N ILE B 251 19.18 -31.66 -11.45
CA ILE B 251 18.26 -32.43 -12.28
C ILE B 251 17.75 -31.59 -13.44
N THR B 252 17.62 -32.24 -14.60
CA THR B 252 17.18 -31.65 -15.86
C THR B 252 16.19 -32.60 -16.50
N LEU B 253 15.55 -32.15 -17.58
CA LEU B 253 14.65 -33.04 -18.31
C LEU B 253 15.42 -34.17 -19.01
N ASP B 254 16.68 -33.93 -19.38
CA ASP B 254 17.46 -34.96 -20.06
C ASP B 254 17.79 -36.13 -19.13
N ASN B 255 18.42 -35.84 -17.98
CA ASN B 255 18.89 -36.87 -17.06
C ASN B 255 17.84 -37.34 -16.05
N LEU B 256 16.57 -36.98 -16.22
CA LEU B 256 15.63 -37.24 -15.15
C LEU B 256 15.43 -38.74 -14.89
N PRO B 257 15.35 -39.60 -15.92
CA PRO B 257 15.27 -41.04 -15.62
C PRO B 257 16.46 -41.56 -14.81
N GLN B 258 17.68 -41.06 -15.07
CA GLN B 258 18.81 -41.40 -14.20
C GLN B 258 18.50 -41.14 -12.73
N PHE B 259 17.64 -40.16 -12.40
CA PHE B 259 17.40 -39.82 -11.01
C PHE B 259 16.15 -40.48 -10.44
N CYS B 260 15.32 -41.11 -11.27
CA CYS B 260 14.21 -41.91 -10.77
C CYS B 260 14.75 -43.20 -10.19
N GLY B 261 14.10 -43.66 -9.14
CA GLY B 261 14.55 -44.82 -8.43
C GLY B 261 13.44 -45.29 -7.54
N PRO B 262 13.41 -46.58 -7.24
CA PRO B 262 12.28 -47.13 -6.50
C PRO B 262 12.23 -46.65 -5.08
N HIS B 263 13.30 -46.03 -4.58
CA HIS B 263 13.34 -45.52 -3.22
C HIS B 263 13.39 -43.98 -3.16
N ILE B 264 13.10 -43.31 -4.26
CA ILE B 264 12.94 -41.86 -4.27
C ILE B 264 11.45 -41.54 -4.30
N ASP B 265 10.99 -40.70 -3.36
CA ASP B 265 9.58 -40.38 -3.23
C ASP B 265 9.23 -39.13 -4.02
N VAL B 266 10.08 -38.12 -3.95
CA VAL B 266 9.85 -36.84 -4.59
C VAL B 266 11.16 -36.40 -5.23
N ILE B 267 11.10 -36.02 -6.49
CA ILE B 267 12.16 -35.32 -7.19
C ILE B 267 11.70 -33.88 -7.42
N SER B 268 12.37 -32.92 -6.82
CA SER B 268 12.01 -31.52 -6.99
C SER B 268 13.04 -30.85 -7.90
N MET B 269 12.55 -30.18 -8.93
CA MET B 269 13.40 -29.72 -10.02
C MET B 269 13.42 -28.19 -10.00
N GLY B 270 14.59 -27.61 -9.71
CA GLY B 270 14.74 -26.17 -9.84
C GLY B 270 14.53 -25.66 -11.26
N MET B 271 15.04 -26.38 -12.27
CA MET B 271 14.96 -25.86 -13.62
C MET B 271 13.54 -25.52 -14.02
N LEU B 272 12.56 -26.18 -13.38
CA LEU B 272 11.16 -25.97 -13.74
C LEU B 272 10.78 -24.50 -13.66
N THR B 273 11.40 -23.76 -12.78
CA THR B 273 11.11 -22.35 -12.62
C THR B 273 12.27 -21.46 -12.95
N GLN B 274 13.49 -21.99 -12.95
CA GLN B 274 14.69 -21.20 -13.11
C GLN B 274 15.27 -21.28 -14.51
N ALA B 275 14.79 -22.23 -15.34
CA ALA B 275 15.27 -22.36 -16.71
C ALA B 275 14.15 -22.85 -17.62
N ALA B 276 12.92 -22.47 -17.31
CA ALA B 276 11.75 -22.82 -18.10
C ALA B 276 11.49 -21.75 -19.13
N PRO B 277 11.98 -21.87 -20.34
CA PRO B 277 11.79 -20.79 -21.31
C PRO B 277 10.32 -20.47 -21.48
N ALA B 278 10.03 -19.19 -21.65
CA ALA B 278 8.63 -18.75 -21.78
C ALA B 278 8.06 -19.13 -23.15
N LEU B 279 6.75 -19.41 -23.17
CA LEU B 279 6.15 -19.71 -24.46
C LEU B 279 5.94 -18.42 -25.25
N ASP B 280 5.79 -18.57 -26.57
CA ASP B 280 5.58 -17.44 -27.47
C ASP B 280 4.09 -17.27 -27.74
N PHE B 281 3.55 -16.11 -27.34
CA PHE B 281 2.18 -15.74 -27.68
C PHE B 281 2.16 -14.35 -28.32
N SER B 282 1.11 -14.08 -29.05
CA SER B 282 0.91 -12.75 -29.61
C SER B 282 -0.57 -12.45 -29.60
N LEU B 283 -0.91 -11.18 -29.82
CA LEU B 283 -2.28 -10.72 -29.71
C LEU B 283 -2.49 -9.67 -30.78
N LYS B 284 -3.32 -9.97 -31.79
CA LYS B 284 -3.53 -9.04 -32.91
C LYS B 284 -5.01 -8.70 -33.06
N LEU B 285 -5.29 -7.44 -33.37
CA LEU B 285 -6.64 -7.00 -33.72
C LEU B 285 -7.03 -7.52 -35.12
N PHE B 286 -8.35 -7.62 -35.39
CA PHE B 286 -8.78 -7.98 -36.74
C PHE B 286 -10.01 -7.21 -37.25
N ALA B 287 -10.37 -6.10 -36.61
CA ALA B 287 -11.31 -5.14 -37.17
C ALA B 287 -11.25 -3.86 -36.33
N LYS B 288 -11.28 -2.71 -37.01
CA LYS B 288 -11.34 -1.42 -36.33
C LYS B 288 -11.84 -0.33 -37.29
N GLU B 289 -13.15 -0.34 -37.55
CA GLU B 289 -13.92 0.73 -38.22
C GLU B 289 -15.38 0.32 -38.30
N MET C 1 9.53 -23.80 22.67
CA MET C 1 9.05 -24.28 23.96
C MET C 1 9.44 -23.31 25.06
N ASP C 2 10.73 -22.95 25.11
CA ASP C 2 11.16 -22.00 26.13
C ASP C 2 10.53 -20.65 25.87
N ALA C 3 9.83 -20.11 26.87
CA ALA C 3 9.04 -18.91 26.70
C ALA C 3 9.86 -17.71 26.20
N GLU C 4 11.15 -17.64 26.54
CA GLU C 4 11.94 -16.45 26.24
C GLU C 4 12.58 -16.48 24.85
N GLY C 5 12.95 -17.66 24.35
CA GLY C 5 13.49 -17.72 22.99
C GLY C 5 12.47 -17.44 21.90
N LEU C 6 11.18 -17.35 22.24
CA LEU C 6 10.12 -17.21 21.24
C LEU C 6 10.04 -15.82 20.63
N ALA C 7 10.72 -14.82 21.20
CA ALA C 7 10.78 -13.53 20.52
C ALA C 7 11.30 -13.70 19.10
N LEU C 8 12.16 -14.67 18.88
CA LEU C 8 12.76 -14.93 17.57
C LEU C 8 11.75 -15.40 16.54
N LEU C 9 10.50 -15.62 16.93
CA LEU C 9 9.50 -16.10 15.98
C LEU C 9 8.93 -15.00 15.10
N LEU C 10 9.06 -13.72 15.50
CA LEU C 10 8.29 -12.74 14.73
C LEU C 10 9.12 -12.17 13.58
N PRO C 11 8.60 -12.21 12.36
CA PRO C 11 9.39 -11.75 11.20
C PRO C 11 9.55 -10.25 11.25
N PRO C 12 10.78 -9.75 11.18
CA PRO C 12 11.02 -8.32 11.47
C PRO C 12 10.35 -7.37 10.50
N VAL C 13 10.26 -7.72 9.23
CA VAL C 13 9.72 -6.78 8.28
C VAL C 13 8.20 -6.65 8.46
N THR C 14 7.49 -7.78 8.46
CA THR C 14 6.04 -7.67 8.53
C THR C 14 5.60 -7.19 9.92
N LEU C 15 6.46 -7.36 10.94
CA LEU C 15 6.22 -6.79 12.25
C LEU C 15 6.47 -5.28 12.25
N ALA C 16 7.56 -4.82 11.62
CA ALA C 16 7.76 -3.37 11.46
C ALA C 16 6.58 -2.73 10.74
N ALA C 17 6.14 -3.33 9.62
CA ALA C 17 5.03 -2.83 8.81
C ALA C 17 3.67 -2.95 9.47
N LEU C 18 3.50 -3.94 10.33
CA LEU C 18 2.32 -4.03 11.18
C LEU C 18 2.21 -3.03 12.32
N VAL C 19 3.34 -2.68 12.93
CA VAL C 19 3.42 -1.58 13.88
C VAL C 19 3.33 -0.22 13.17
N ASP C 20 3.77 -0.15 11.95
CA ASP C 20 3.64 1.08 11.20
C ASP C 20 2.18 1.44 10.97
N SER C 21 1.35 0.48 10.60
CA SER C 21 -0.04 0.75 10.36
C SER C 21 -0.78 1.20 11.58
N TRP C 22 -0.48 0.60 12.72
CA TRP C 22 -1.13 0.97 13.95
C TRP C 22 -0.81 2.38 14.34
N LEU C 23 0.40 2.79 14.15
CA LEU C 23 0.79 4.14 14.49
C LEU C 23 0.05 5.15 13.66
N ARG C 24 -0.09 4.84 12.39
CA ARG C 24 -0.81 5.65 11.42
C ARG C 24 -2.30 5.74 11.70
N GLU C 25 -2.87 4.64 12.16
CA GLU C 25 -4.30 4.56 12.48
C GLU C 25 -4.72 5.59 13.51
N ASP C 26 -3.83 5.86 14.47
CA ASP C 26 -4.21 6.50 15.72
C ASP C 26 -3.96 8.02 15.69
N CYS C 27 -2.89 8.48 15.02
CA CYS C 27 -2.69 9.91 14.75
C CYS C 27 -2.66 10.14 13.24
N PRO C 28 -3.81 10.38 12.63
CA PRO C 28 -3.86 10.67 11.19
C PRO C 28 -3.53 12.11 10.85
N GLY C 29 -3.41 12.99 11.84
CA GLY C 29 -3.18 14.41 11.58
C GLY C 29 -2.25 15.09 12.57
N LEU C 30 -2.38 16.41 12.68
CA LEU C 30 -1.53 17.21 13.57
C LEU C 30 -1.70 16.80 15.03
N ASN C 31 -0.59 16.58 15.71
CA ASN C 31 -0.60 16.20 17.13
C ASN C 31 -0.41 17.44 17.99
N TYR C 32 -1.52 17.97 18.54
CA TYR C 32 -1.45 19.12 19.43
C TYR C 32 -0.95 18.76 20.82
N ALA C 33 -1.13 17.50 21.26
CA ALA C 33 -0.60 17.10 22.54
C ALA C 33 0.91 17.18 22.62
N ALA C 34 1.59 17.18 21.47
CA ALA C 34 3.03 17.38 21.47
C ALA C 34 3.39 18.78 21.97
N LEU C 35 2.59 19.78 21.60
CA LEU C 35 2.97 21.15 21.92
C LEU C 35 2.97 21.41 23.41
N VAL C 36 2.13 20.69 24.17
CA VAL C 36 2.25 20.69 25.62
C VAL C 36 3.48 19.90 26.04
N SER C 37 3.74 18.77 25.39
CA SER C 37 4.74 17.83 25.88
C SER C 37 6.11 18.45 25.87
N GLY C 38 6.46 19.11 24.75
CA GLY C 38 7.84 19.39 24.45
C GLY C 38 8.54 18.15 23.94
N ALA C 39 9.79 18.32 23.50
CA ALA C 39 10.63 17.21 23.07
C ALA C 39 11.82 17.00 24.00
N GLY C 40 11.65 17.31 25.29
CA GLY C 40 12.69 17.11 26.26
C GLY C 40 12.86 15.65 26.61
N PRO C 41 14.11 15.23 26.85
CA PRO C 41 14.38 13.83 27.21
C PRO C 41 13.57 13.41 28.42
N SER C 42 13.01 12.20 28.38
CA SER C 42 12.10 11.79 29.44
C SER C 42 12.22 10.29 29.68
N GLN C 43 11.50 9.85 30.70
CA GLN C 43 11.45 8.45 31.10
C GLN C 43 10.04 8.18 31.61
N ALA C 44 9.60 6.93 31.44
CA ALA C 44 8.34 6.51 32.02
C ALA C 44 8.51 5.11 32.56
N ALA C 45 7.76 4.81 33.61
CA ALA C 45 7.72 3.48 34.19
C ALA C 45 6.44 2.77 33.76
N LEU C 46 6.54 1.49 33.47
CA LEU C 46 5.41 0.69 33.03
C LEU C 46 4.97 -0.18 34.19
N TRP C 47 3.76 0.06 34.68
CA TRP C 47 3.20 -0.67 35.83
C TRP C 47 2.17 -1.68 35.34
N ALA C 48 2.41 -2.95 35.64
CA ALA C 48 1.39 -3.97 35.50
C ALA C 48 0.54 -4.08 36.75
N LYS C 49 -0.77 -3.93 36.59
CA LYS C 49 -1.71 -3.88 37.70
C LYS C 49 -2.73 -5.02 37.62
N SER C 50 -2.33 -6.16 37.05
CA SER C 50 -3.22 -7.32 36.87
C SER C 50 -2.42 -8.59 37.12
N PRO C 51 -3.04 -9.59 37.75
CA PRO C 51 -2.41 -10.91 37.76
C PRO C 51 -2.47 -11.54 36.37
N GLY C 52 -1.48 -12.36 36.05
CA GLY C 52 -1.48 -13.12 34.82
C GLY C 52 -0.07 -13.34 34.29
N VAL C 53 0.03 -13.60 32.98
CA VAL C 53 1.31 -13.77 32.31
C VAL C 53 1.56 -12.54 31.42
N LEU C 54 2.84 -12.21 31.28
CA LEU C 54 3.30 -11.04 30.54
C LEU C 54 3.78 -11.47 29.17
N ALA C 55 3.13 -10.97 28.13
CA ALA C 55 3.49 -11.29 26.75
C ALA C 55 3.24 -10.07 25.89
N GLY C 56 4.02 -9.96 24.82
CA GLY C 56 3.94 -8.82 23.92
C GLY C 56 5.14 -7.89 23.93
N GLN C 57 6.24 -8.26 24.57
CA GLN C 57 7.39 -7.36 24.59
C GLN C 57 7.88 -7.00 23.19
N PRO C 58 8.01 -7.95 22.25
CA PRO C 58 8.49 -7.57 20.90
C PRO C 58 7.61 -6.54 20.22
N PHE C 59 6.28 -6.63 20.38
CA PHE C 59 5.42 -5.61 19.79
C PHE C 59 5.59 -4.28 20.50
N PHE C 60 5.67 -4.32 21.83
CA PHE C 60 5.95 -3.13 22.62
C PHE C 60 7.26 -2.47 22.15
N ASP C 61 8.31 -3.28 22.04
CA ASP C 61 9.60 -2.77 21.61
C ASP C 61 9.51 -2.11 20.23
N ALA C 62 8.98 -2.84 19.26
CA ALA C 62 8.94 -2.34 17.90
C ALA C 62 8.19 -1.01 17.80
N ILE C 63 7.11 -0.84 18.59
CA ILE C 63 6.35 0.41 18.56
C ILE C 63 7.22 1.59 18.99
N PHE C 64 7.93 1.45 20.11
CA PHE C 64 8.78 2.56 20.54
C PHE C 64 10.05 2.68 19.73
N THR C 65 10.59 1.60 19.16
CA THR C 65 11.73 1.79 18.26
C THR C 65 11.35 2.67 17.09
N GLN C 66 10.17 2.46 16.51
CA GLN C 66 9.70 3.31 15.42
C GLN C 66 9.63 4.79 15.80
N LEU C 67 9.48 5.11 17.09
CA LEU C 67 9.47 6.49 17.56
C LEU C 67 10.81 6.87 18.17
N ASN C 68 11.86 6.11 17.84
CA ASN C 68 13.21 6.19 18.40
C ASN C 68 13.18 6.50 19.90
N CYS C 69 12.46 5.66 20.63
CA CYS C 69 12.56 5.51 22.06
C CYS C 69 13.12 4.13 22.37
N GLN C 70 13.66 3.99 23.56
CA GLN C 70 14.32 2.76 23.99
C GLN C 70 13.58 2.22 25.20
N VAL C 71 13.67 0.92 25.43
CA VAL C 71 12.89 0.28 26.47
C VAL C 71 13.75 -0.73 27.21
N SER C 72 13.73 -0.66 28.54
CA SER C 72 14.46 -1.57 29.41
C SER C 72 13.64 -2.44 30.36
N TRP C 73 13.64 -3.75 30.13
CA TRP C 73 12.77 -4.68 30.83
C TRP C 73 13.42 -5.22 32.11
N PHE C 74 12.62 -5.32 33.18
CA PHE C 74 13.03 -5.93 34.43
C PHE C 74 12.44 -7.31 34.66
N LEU C 75 11.34 -7.63 33.99
CA LEU C 75 10.83 -9.00 33.93
C LEU C 75 10.99 -9.54 32.52
N PRO C 76 11.20 -10.85 32.37
CA PRO C 76 11.28 -11.44 31.03
C PRO C 76 9.90 -11.68 30.43
N GLU C 77 9.90 -12.05 29.15
CA GLU C 77 8.68 -12.45 28.45
C GLU C 77 8.16 -13.78 29.00
N GLY C 78 6.96 -13.76 29.59
CA GLY C 78 6.39 -14.94 30.22
C GLY C 78 6.38 -14.90 31.74
N SER C 79 6.99 -13.88 32.34
CA SER C 79 6.96 -13.72 33.78
C SER C 79 5.54 -13.72 34.31
N LYS C 80 5.34 -14.41 35.43
CA LYS C 80 4.14 -14.21 36.22
C LYS C 80 4.08 -12.74 36.64
N LEU C 81 2.86 -12.20 36.64
CA LEU C 81 2.64 -10.83 37.02
C LEU C 81 1.92 -10.80 38.36
N VAL C 82 2.48 -10.06 39.31
CA VAL C 82 1.82 -9.87 40.61
C VAL C 82 1.54 -8.37 40.79
N PRO C 83 0.27 -7.98 40.74
CA PRO C 83 -0.13 -6.56 40.61
C PRO C 83 0.52 -5.43 41.39
N VAL C 84 0.67 -4.32 40.65
CA VAL C 84 1.60 -3.24 40.92
C VAL C 84 3.11 -3.46 40.79
N ALA C 85 3.50 -4.06 39.67
CA ALA C 85 4.86 -4.47 39.40
C ALA C 85 5.46 -3.50 38.42
N ARG C 86 6.70 -3.09 38.66
CA ARG C 86 7.47 -2.39 37.66
C ARG C 86 7.95 -3.41 36.64
N VAL C 87 7.51 -3.28 35.40
CA VAL C 87 7.95 -4.21 34.37
C VAL C 87 8.99 -3.59 33.45
N ALA C 88 8.94 -2.28 33.23
CA ALA C 88 9.88 -1.69 32.28
C ALA C 88 9.99 -0.18 32.48
N GLU C 89 11.05 0.38 31.91
CA GLU C 89 11.24 1.80 31.77
C GLU C 89 11.30 2.13 30.29
N VAL C 90 10.77 3.28 29.89
CA VAL C 90 10.82 3.72 28.49
C VAL C 90 11.49 5.08 28.47
N ARG C 91 12.45 5.26 27.56
CA ARG C 91 13.16 6.53 27.42
C ARG C 91 13.03 7.10 26.01
N GLY C 92 12.71 8.38 25.91
CA GLY C 92 12.83 9.12 24.68
C GLY C 92 12.21 10.50 24.76
N PRO C 93 12.21 11.24 23.65
CA PRO C 93 11.56 12.55 23.64
C PRO C 93 10.15 12.46 24.20
N ALA C 94 9.74 13.50 24.93
CA ALA C 94 8.46 13.44 25.62
C ALA C 94 7.33 13.23 24.62
N HIS C 95 7.35 13.98 23.53
CA HIS C 95 6.20 13.91 22.65
C HIS C 95 6.14 12.56 21.94
N CYS C 96 7.30 11.97 21.63
CA CYS C 96 7.31 10.63 21.02
C CYS C 96 6.89 9.57 22.03
N LEU C 97 7.35 9.71 23.27
CA LEU C 97 6.93 8.82 24.34
C LEU C 97 5.41 8.74 24.46
N LEU C 98 4.73 9.89 24.46
CA LEU C 98 3.29 9.96 24.64
C LEU C 98 2.51 9.65 23.36
N LEU C 99 3.18 9.70 22.21
CA LEU C 99 2.58 9.23 20.96
C LEU C 99 2.41 7.72 20.97
N GLY C 100 3.41 7.01 21.47
CA GLY C 100 3.39 5.57 21.39
C GLY C 100 2.76 4.88 22.56
N GLU C 101 2.05 5.62 23.43
CA GLU C 101 1.63 5.04 24.68
C GLU C 101 0.36 4.20 24.52
N ARG C 102 -0.62 4.72 23.81
CA ARG C 102 -1.85 4.00 23.62
C ARG C 102 -1.57 2.70 22.90
N VAL C 103 -1.03 2.80 21.71
CA VAL C 103 -0.88 1.63 20.90
C VAL C 103 -0.11 0.58 21.66
N ALA C 104 0.94 1.00 22.32
CA ALA C 104 1.80 0.09 23.04
C ALA C 104 1.15 -0.63 24.19
N LEU C 105 0.39 0.10 24.99
CA LEU C 105 -0.30 -0.45 26.14
C LEU C 105 -1.43 -1.34 25.70
N ASN C 106 -2.13 -0.90 24.68
CA ASN C 106 -3.23 -1.63 24.15
C ASN C 106 -2.75 -2.91 23.57
N THR C 107 -1.59 -2.86 22.94
CA THR C 107 -1.07 -4.09 22.35
C THR C 107 -0.61 -5.07 23.42
N LEU C 108 0.17 -4.58 24.41
CA LEU C 108 0.62 -5.44 25.49
C LEU C 108 -0.56 -6.00 26.27
N ALA C 109 -1.58 -5.17 26.49
CA ALA C 109 -2.68 -5.55 27.36
C ALA C 109 -3.37 -6.80 26.85
N ARG C 110 -3.76 -6.77 25.57
CA ARG C 110 -4.51 -7.89 25.00
C ARG C 110 -3.62 -9.08 24.75
N CYS C 111 -2.38 -8.84 24.32
CA CYS C 111 -1.47 -9.96 24.17
C CYS C 111 -1.29 -10.68 25.49
N SER C 112 -1.05 -9.91 26.57
CA SER C 112 -0.88 -10.54 27.87
C SER C 112 -2.17 -11.22 28.32
N GLY C 113 -3.32 -10.58 28.13
CA GLY C 113 -4.58 -11.19 28.51
C GLY C 113 -4.81 -12.54 27.88
N ILE C 114 -4.47 -12.70 26.60
CA ILE C 114 -4.62 -13.98 25.94
C ILE C 114 -3.59 -15.03 26.35
N ALA C 115 -2.37 -14.58 26.66
CA ALA C 115 -1.39 -15.45 27.31
C ALA C 115 -1.85 -15.87 28.70
N SER C 116 -2.43 -14.94 29.45
CA SER C 116 -2.95 -15.21 30.78
C SER C 116 -4.10 -16.17 30.81
N ALA C 117 -5.12 -15.96 29.99
CA ALA C 117 -6.22 -16.90 29.85
C ALA C 117 -5.73 -18.26 29.38
N ALA C 118 -4.74 -18.27 28.47
CA ALA C 118 -4.22 -19.55 27.97
C ALA C 118 -3.51 -20.31 29.08
N ALA C 119 -2.66 -19.61 29.83
CA ALA C 119 -1.95 -20.23 30.94
C ALA C 119 -2.92 -20.84 31.96
N ALA C 120 -3.86 -20.02 32.46
CA ALA C 120 -4.92 -20.53 33.34
C ALA C 120 -5.45 -21.86 32.84
N ALA C 121 -5.83 -21.89 31.55
CA ALA C 121 -6.56 -23.03 31.02
C ALA C 121 -5.69 -24.27 30.87
N VAL C 122 -4.37 -24.10 30.71
CA VAL C 122 -3.52 -25.28 30.68
C VAL C 122 -3.24 -25.76 32.10
N GLU C 123 -3.32 -24.86 33.08
CA GLU C 123 -3.18 -25.28 34.48
C GLU C 123 -4.42 -26.04 34.94
N ALA C 124 -5.58 -25.76 34.35
CA ALA C 124 -6.76 -26.56 34.58
C ALA C 124 -6.67 -27.92 33.91
N ALA C 125 -5.94 -28.03 32.79
CA ALA C 125 -5.85 -29.29 32.07
C ALA C 125 -4.95 -30.28 32.80
N ARG C 126 -3.82 -29.80 33.34
CA ARG C 126 -2.98 -30.67 34.15
C ARG C 126 -3.64 -30.95 35.50
N GLY C 127 -4.51 -30.06 35.96
CA GLY C 127 -5.20 -30.26 37.22
C GLY C 127 -6.01 -31.54 37.24
N ALA C 128 -6.66 -31.88 36.12
CA ALA C 128 -7.35 -33.16 35.99
C ALA C 128 -6.52 -34.16 35.22
N GLY C 129 -5.21 -34.22 35.49
CA GLY C 129 -4.34 -35.24 34.95
C GLY C 129 -4.45 -35.47 33.46
N TRP C 130 -5.11 -34.55 32.76
CA TRP C 130 -5.31 -34.71 31.33
C TRP C 130 -3.98 -34.52 30.60
N THR C 131 -3.65 -35.45 29.70
CA THR C 131 -2.38 -35.46 28.99
C THR C 131 -2.48 -35.11 27.51
N GLY C 132 -3.56 -34.47 27.07
CA GLY C 132 -3.61 -33.91 25.74
C GLY C 132 -3.20 -32.44 25.73
N HIS C 133 -3.36 -31.80 24.58
CA HIS C 133 -2.93 -30.43 24.38
C HIS C 133 -4.11 -29.46 24.36
N VAL C 134 -3.92 -28.28 24.94
CA VAL C 134 -4.89 -27.17 24.85
C VAL C 134 -4.50 -26.28 23.67
N ALA C 135 -5.48 -25.87 22.89
CA ALA C 135 -5.22 -25.15 21.64
C ALA C 135 -6.15 -23.95 21.51
N GLY C 136 -5.75 -23.02 20.64
CA GLY C 136 -6.60 -21.91 20.27
C GLY C 136 -7.46 -22.23 19.04
N THR C 137 -8.25 -21.25 18.66
CA THR C 137 -9.08 -21.30 17.46
C THR C 137 -8.59 -20.28 16.45
N ARG C 138 -9.27 -20.22 15.34
CA ARG C 138 -8.99 -19.24 14.33
C ARG C 138 -9.91 -18.04 14.56
N LYS C 139 -10.63 -18.06 15.67
CA LYS C 139 -11.54 -17.00 16.08
C LYS C 139 -10.73 -15.81 16.61
N THR C 140 -9.94 -15.24 15.72
CA THR C 140 -9.08 -14.13 16.07
C THR C 140 -9.65 -12.81 15.56
N THR C 141 -8.95 -11.73 15.90
CA THR C 141 -9.36 -10.38 15.49
C THR C 141 -8.80 -10.04 14.12
N PRO C 142 -9.63 -9.69 13.17
CA PRO C 142 -9.12 -9.27 11.87
C PRO C 142 -8.07 -8.16 11.99
N GLY C 143 -6.90 -8.41 11.42
CA GLY C 143 -5.79 -7.49 11.48
C GLY C 143 -4.87 -7.67 12.66
N PHE C 144 -5.21 -8.53 13.61
CA PHE C 144 -4.46 -8.61 14.84
C PHE C 144 -3.95 -10.01 15.11
N ARG C 145 -4.00 -10.90 14.11
CA ARG C 145 -3.78 -12.31 14.36
C ARG C 145 -2.35 -12.61 14.75
N LEU C 146 -1.38 -11.88 14.19
CA LEU C 146 0.00 -12.13 14.58
C LEU C 146 0.16 -11.96 16.08
N VAL C 147 -0.44 -10.92 16.64
CA VAL C 147 -0.31 -10.68 18.07
C VAL C 147 -1.01 -11.78 18.86
N GLU C 148 -2.27 -12.06 18.52
CA GLU C 148 -3.03 -13.04 19.30
C GLU C 148 -2.39 -14.43 19.24
N LYS C 149 -1.91 -14.84 18.08
CA LYS C 149 -1.26 -16.12 17.93
C LYS C 149 -0.02 -16.19 18.79
N TYR C 150 0.72 -15.12 18.85
CA TYR C 150 1.91 -15.09 19.69
C TYR C 150 1.54 -15.24 21.16
N GLY C 151 0.47 -14.57 21.59
CA GLY C 151 0.02 -14.72 22.97
C GLY C 151 -0.29 -16.15 23.35
N LEU C 152 -1.07 -16.84 22.51
CA LEU C 152 -1.40 -18.24 22.79
C LEU C 152 -0.12 -19.04 23.02
N LEU C 153 0.87 -18.87 22.14
CA LEU C 153 2.10 -19.65 22.28
C LEU C 153 2.85 -19.28 23.55
N VAL C 154 2.77 -18.02 24.00
CA VAL C 154 3.53 -17.58 25.18
C VAL C 154 2.94 -18.21 26.44
N GLY C 155 1.61 -18.10 26.61
CA GLY C 155 0.84 -18.72 27.67
C GLY C 155 0.70 -20.22 27.57
N GLY C 156 1.38 -20.87 26.62
CA GLY C 156 1.49 -22.32 26.59
C GLY C 156 0.51 -23.04 25.70
N ALA C 157 -0.45 -22.35 25.12
CA ALA C 157 -1.40 -22.99 24.24
C ALA C 157 -0.76 -23.22 22.89
N ALA C 158 -1.52 -23.72 21.93
CA ALA C 158 -0.99 -23.95 20.59
C ALA C 158 -1.83 -23.58 19.37
N SER C 159 -1.15 -23.04 18.35
CA SER C 159 -1.77 -22.65 17.08
C SER C 159 -1.93 -23.95 16.30
N HIS C 160 -3.18 -24.07 15.89
CA HIS C 160 -3.91 -25.28 15.53
C HIS C 160 -3.37 -26.07 14.35
N ARG C 161 -2.23 -25.73 13.83
CA ARG C 161 -1.88 -26.18 12.48
C ARG C 161 -2.58 -25.44 11.35
N TYR C 162 -3.59 -24.65 11.71
CA TYR C 162 -4.38 -23.89 10.76
C TYR C 162 -3.42 -22.89 10.18
N ASP C 163 -2.65 -22.28 11.05
CA ASP C 163 -1.52 -21.52 10.54
C ASP C 163 -0.17 -21.80 11.19
N LEU C 164 -0.22 -22.59 12.27
CA LEU C 164 0.93 -23.15 12.93
C LEU C 164 1.43 -24.22 11.96
N GLY C 165 0.53 -24.61 11.04
CA GLY C 165 0.72 -25.63 10.02
C GLY C 165 -0.35 -25.56 8.94
N GLY C 166 -0.71 -26.70 8.37
CA GLY C 166 -1.64 -26.72 7.25
C GLY C 166 -2.25 -28.09 7.06
N LEU C 167 -3.51 -28.25 7.45
CA LEU C 167 -4.22 -29.53 7.36
C LEU C 167 -5.53 -29.66 6.58
N VAL C 168 -5.92 -28.67 5.79
CA VAL C 168 -7.19 -28.79 5.05
C VAL C 168 -8.41 -29.20 5.86
N MET C 169 -8.85 -28.34 6.77
CA MET C 169 -10.02 -28.63 7.57
C MET C 169 -11.24 -28.73 6.67
N VAL C 170 -12.18 -29.61 7.01
CA VAL C 170 -13.44 -29.78 6.34
C VAL C 170 -14.41 -29.42 7.43
N LYS C 171 -15.19 -28.40 7.19
CA LYS C 171 -16.14 -27.91 8.12
C LYS C 171 -17.40 -28.51 7.62
N ASP C 172 -18.48 -28.44 8.38
CA ASP C 172 -19.71 -29.04 7.94
C ASP C 172 -20.07 -28.38 6.65
N ASN C 173 -19.79 -27.10 6.54
CA ASN C 173 -20.12 -26.39 5.34
C ASN C 173 -19.42 -27.04 4.17
N HIS C 174 -18.17 -27.41 4.33
CA HIS C 174 -17.54 -28.16 3.25
C HIS C 174 -18.33 -29.42 2.96
N VAL C 175 -18.67 -30.18 4.02
CA VAL C 175 -19.44 -31.40 3.86
C VAL C 175 -20.75 -31.13 3.11
N VAL C 176 -21.46 -30.07 3.51
CA VAL C 176 -22.74 -29.71 2.88
C VAL C 176 -22.57 -29.52 1.38
N ALA C 177 -21.64 -28.63 0.97
CA ALA C 177 -21.53 -28.28 -0.45
C ALA C 177 -20.91 -29.39 -1.29
N ALA C 178 -20.04 -30.21 -0.69
CA ALA C 178 -19.41 -31.31 -1.40
C ALA C 178 -20.36 -32.48 -1.63
N GLY C 179 -21.50 -32.52 -0.94
CA GLY C 179 -22.44 -33.61 -0.97
C GLY C 179 -22.04 -34.77 -0.08
N GLY C 180 -22.03 -34.56 1.23
CA GLY C 180 -21.69 -35.62 2.17
C GLY C 180 -20.20 -35.74 2.43
N VAL C 181 -19.87 -36.41 3.55
CA VAL C 181 -18.53 -36.38 4.14
C VAL C 181 -17.50 -37.18 3.35
N GLU C 182 -17.93 -38.29 2.75
CA GLU C 182 -17.06 -39.15 1.98
C GLU C 182 -16.52 -38.45 0.76
N LYS C 183 -17.38 -37.70 0.10
CA LYS C 183 -17.02 -36.95 -1.10
C LYS C 183 -15.99 -35.90 -0.77
N ALA C 184 -16.26 -35.11 0.26
CA ALA C 184 -15.36 -34.04 0.70
C ALA C 184 -14.00 -34.57 1.12
N VAL C 185 -13.89 -35.83 1.54
CA VAL C 185 -12.59 -36.28 2.03
C VAL C 185 -11.68 -36.73 0.89
N ARG C 186 -12.19 -37.42 -0.13
CA ARG C 186 -11.27 -37.72 -1.22
C ARG C 186 -10.98 -36.47 -2.05
N ALA C 187 -11.94 -35.53 -2.14
CA ALA C 187 -11.60 -34.21 -2.69
C ALA C 187 -10.58 -33.51 -1.81
N ALA C 188 -10.51 -33.84 -0.52
CA ALA C 188 -9.52 -33.23 0.36
C ALA C 188 -8.14 -33.83 0.13
N ARG C 189 -8.08 -35.08 -0.32
CA ARG C 189 -6.81 -35.73 -0.64
C ARG C 189 -6.51 -35.74 -2.14
N GLN C 190 -7.50 -35.41 -2.99
CA GLN C 190 -7.25 -35.08 -4.39
C GLN C 190 -6.11 -34.06 -4.51
N ALA C 191 -6.26 -32.93 -3.82
CA ALA C 191 -5.34 -31.80 -3.95
C ALA C 191 -3.95 -32.16 -3.44
N ALA C 192 -3.81 -32.33 -2.14
CA ALA C 192 -2.52 -32.66 -1.55
C ALA C 192 -2.11 -34.07 -1.96
N ASP C 193 -0.96 -34.16 -2.64
CA ASP C 193 -0.51 -35.38 -3.30
C ASP C 193 0.48 -36.17 -2.46
N PHE C 194 0.13 -36.44 -1.20
CA PHE C 194 1.02 -37.08 -0.24
C PHE C 194 0.20 -37.56 0.95
N THR C 195 0.87 -38.24 1.89
CA THR C 195 0.30 -38.68 3.16
C THR C 195 -0.10 -37.31 3.69
N LEU C 196 -1.40 -36.97 3.60
CA LEU C 196 -1.95 -35.77 4.21
C LEU C 196 -2.71 -36.22 5.46
N LYS C 197 -2.94 -35.22 6.30
CA LYS C 197 -3.72 -35.29 7.52
C LYS C 197 -4.94 -34.43 7.25
N VAL C 198 -6.13 -35.02 7.24
CA VAL C 198 -7.36 -34.26 6.99
C VAL C 198 -8.24 -34.38 8.24
N GLU C 199 -8.85 -33.26 8.63
CA GLU C 199 -9.70 -33.12 9.82
C GLU C 199 -11.12 -32.72 9.46
N VAL C 200 -12.12 -33.29 10.13
CA VAL C 200 -13.51 -33.00 9.80
C VAL C 200 -14.20 -32.40 11.03
N GLU C 201 -14.96 -31.34 10.80
CA GLU C 201 -15.83 -30.76 11.82
C GLU C 201 -17.11 -31.60 11.86
N CYS C 202 -17.46 -32.06 13.05
CA CYS C 202 -18.57 -32.98 13.25
C CYS C 202 -19.45 -32.49 14.38
N SER C 203 -20.75 -32.38 14.13
CA SER C 203 -21.65 -31.82 15.12
C SER C 203 -22.41 -32.87 15.90
N SER C 204 -22.47 -34.10 15.37
CA SER C 204 -23.26 -35.18 15.93
C SER C 204 -22.51 -36.50 15.82
N LEU C 205 -22.94 -37.47 16.64
CA LEU C 205 -22.29 -38.76 16.73
C LEU C 205 -22.29 -39.51 15.40
N GLN C 206 -23.38 -39.38 14.63
CA GLN C 206 -23.43 -40.00 13.31
C GLN C 206 -22.40 -39.39 12.36
N GLU C 207 -22.34 -38.05 12.34
CA GLU C 207 -21.36 -37.35 11.49
C GLU C 207 -19.94 -37.82 11.80
N ALA C 208 -19.58 -37.84 13.09
CA ALA C 208 -18.24 -38.27 13.48
C ALA C 208 -17.91 -39.64 12.88
N VAL C 209 -18.85 -40.58 12.96
CA VAL C 209 -18.58 -41.96 12.56
C VAL C 209 -18.41 -42.07 11.05
N GLN C 210 -19.30 -41.45 10.28
CA GLN C 210 -19.10 -41.48 8.83
C GLN C 210 -17.75 -40.90 8.46
N ALA C 211 -17.35 -39.83 9.16
CA ALA C 211 -16.10 -39.14 8.83
C ALA C 211 -14.91 -40.04 9.03
N ALA C 212 -14.88 -40.79 10.14
CA ALA C 212 -13.77 -41.68 10.41
C ALA C 212 -13.71 -42.82 9.38
N GLU C 213 -14.86 -43.45 9.10
CA GLU C 213 -14.93 -44.49 8.07
C GLU C 213 -14.55 -43.94 6.70
N ALA C 214 -14.79 -42.64 6.48
CA ALA C 214 -14.28 -41.97 5.29
C ALA C 214 -12.77 -41.79 5.33
N GLY C 215 -12.13 -42.06 6.46
CA GLY C 215 -10.68 -42.04 6.51
C GLY C 215 -10.13 -40.66 6.80
N ALA C 216 -10.69 -40.01 7.82
CA ALA C 216 -10.13 -38.77 8.33
C ALA C 216 -9.16 -39.07 9.46
N ASP C 217 -8.13 -38.23 9.56
CA ASP C 217 -7.15 -38.43 10.62
C ASP C 217 -7.50 -37.71 11.92
N LEU C 218 -8.21 -36.58 11.85
CA LEU C 218 -8.83 -36.02 13.05
C LEU C 218 -10.33 -35.90 12.86
N VAL C 219 -11.06 -36.15 13.94
CA VAL C 219 -12.47 -35.84 14.03
C VAL C 219 -12.60 -34.73 15.08
N LEU C 220 -13.27 -33.65 14.71
CA LEU C 220 -13.53 -32.56 15.63
C LEU C 220 -14.96 -32.75 16.12
N LEU C 221 -15.13 -32.86 17.44
CA LEU C 221 -16.45 -33.06 18.04
C LEU C 221 -16.90 -31.71 18.57
N ASP C 222 -17.73 -31.03 17.78
CA ASP C 222 -18.03 -29.63 18.00
C ASP C 222 -19.35 -29.48 18.75
N ASN C 223 -19.33 -28.63 19.78
CA ASN C 223 -20.52 -28.26 20.54
C ASN C 223 -21.22 -29.47 21.12
N PHE C 224 -20.45 -30.50 21.42
CA PHE C 224 -20.98 -31.59 22.22
C PHE C 224 -21.10 -31.16 23.67
N LYS C 225 -21.87 -31.92 24.41
CA LYS C 225 -22.05 -32.02 25.85
C LYS C 225 -21.09 -33.06 26.40
N PRO C 226 -20.44 -32.84 27.55
CA PRO C 226 -19.55 -33.89 28.07
C PRO C 226 -20.24 -35.24 28.18
N GLU C 227 -21.55 -35.26 28.46
CA GLU C 227 -22.30 -36.50 28.61
C GLU C 227 -22.21 -37.36 27.35
N GLU C 228 -22.45 -36.75 26.19
CA GLU C 228 -22.39 -37.45 24.91
C GLU C 228 -21.01 -37.41 24.25
N LEU C 229 -20.09 -36.60 24.75
CA LEU C 229 -18.78 -36.48 24.11
C LEU C 229 -17.93 -37.73 24.31
N HIS C 230 -17.77 -38.16 25.57
CA HIS C 230 -16.86 -39.27 25.86
C HIS C 230 -17.33 -40.59 25.26
N PRO C 231 -18.60 -41.00 25.35
CA PRO C 231 -19.06 -42.17 24.57
C PRO C 231 -18.74 -42.09 23.10
N THR C 232 -18.91 -40.91 22.49
CA THR C 232 -18.60 -40.72 21.08
C THR C 232 -17.10 -40.90 20.82
N ALA C 233 -16.27 -40.32 21.69
CA ALA C 233 -14.83 -40.45 21.51
C ALA C 233 -14.37 -41.89 21.70
N THR C 234 -14.91 -42.61 22.70
CA THR C 234 -14.46 -43.97 22.96
C THR C 234 -14.70 -44.87 21.75
N VAL C 235 -15.85 -44.72 21.11
CA VAL C 235 -16.13 -45.54 19.93
C VAL C 235 -15.13 -45.28 18.83
N LEU C 236 -14.83 -43.99 18.58
CA LEU C 236 -13.95 -43.65 17.47
C LEU C 236 -12.48 -43.96 17.72
N LYS C 237 -12.11 -44.37 18.92
CA LYS C 237 -10.78 -44.94 19.04
C LYS C 237 -10.79 -46.44 19.22
N ALA C 238 -11.98 -47.02 19.30
CA ALA C 238 -12.22 -48.37 18.82
C ALA C 238 -12.49 -48.41 17.31
N GLN C 239 -12.56 -47.29 16.64
CA GLN C 239 -12.87 -47.37 15.22
C GLN C 239 -11.51 -47.65 14.66
N PHE C 240 -10.72 -46.60 14.61
CA PHE C 240 -9.39 -46.61 14.09
C PHE C 240 -8.55 -46.09 15.22
N PRO C 241 -7.23 -46.48 15.21
CA PRO C 241 -6.45 -46.00 16.35
C PRO C 241 -5.76 -44.68 16.19
N SER C 242 -5.36 -44.36 14.96
CA SER C 242 -4.66 -43.13 14.62
C SER C 242 -5.60 -41.94 14.46
N VAL C 243 -6.91 -42.16 14.58
CA VAL C 243 -7.82 -41.03 14.48
C VAL C 243 -7.74 -40.24 15.78
N ALA C 244 -7.20 -39.03 15.70
CA ALA C 244 -7.23 -38.16 16.86
C ALA C 244 -8.62 -37.55 16.99
N VAL C 245 -8.97 -37.20 18.23
CA VAL C 245 -10.25 -36.56 18.53
C VAL C 245 -9.93 -35.17 19.08
N GLU C 246 -10.63 -34.16 18.57
CA GLU C 246 -10.50 -32.80 19.04
C GLU C 246 -11.86 -32.35 19.54
N ALA C 247 -11.89 -31.51 20.56
CA ALA C 247 -13.12 -31.03 21.17
C ALA C 247 -13.12 -29.50 21.17
N SER C 248 -14.13 -28.92 20.53
CA SER C 248 -14.34 -27.49 20.59
C SER C 248 -15.80 -27.25 20.92
N GLY C 249 -16.12 -26.04 21.38
CA GLY C 249 -17.50 -25.60 21.41
C GLY C 249 -18.15 -25.53 22.78
N GLY C 250 -18.15 -24.35 23.38
CA GLY C 250 -18.70 -24.20 24.70
C GLY C 250 -17.76 -24.56 25.82
N ILE C 251 -16.46 -24.51 25.60
CA ILE C 251 -15.47 -24.91 26.59
C ILE C 251 -14.93 -23.66 27.26
N THR C 252 -14.97 -23.67 28.60
CA THR C 252 -14.62 -22.53 29.44
C THR C 252 -13.63 -22.99 30.51
N LEU C 253 -12.99 -22.01 31.16
CA LEU C 253 -11.96 -22.35 32.14
C LEU C 253 -12.53 -23.14 33.30
N ASP C 254 -13.75 -22.80 33.73
CA ASP C 254 -14.39 -23.51 34.83
C ASP C 254 -14.74 -24.95 34.45
N ASN C 255 -15.52 -25.12 33.38
CA ASN C 255 -16.03 -26.44 33.01
C ASN C 255 -15.07 -27.22 32.11
N LEU C 256 -13.80 -26.88 32.12
CA LEU C 256 -12.90 -27.58 31.21
C LEU C 256 -12.56 -28.99 31.71
N PRO C 257 -12.50 -29.24 33.03
CA PRO C 257 -12.37 -30.63 33.50
C PRO C 257 -13.36 -31.59 32.83
N GLN C 258 -14.61 -31.18 32.66
CA GLN C 258 -15.65 -32.04 32.08
C GLN C 258 -15.34 -32.47 30.65
N PHE C 259 -14.51 -31.71 29.92
CA PHE C 259 -14.12 -32.09 28.55
C PHE C 259 -12.80 -32.85 28.49
N CYS C 260 -12.02 -32.88 29.57
CA CYS C 260 -10.74 -33.58 29.55
C CYS C 260 -10.99 -35.06 29.74
N GLY C 261 -10.93 -35.81 28.66
CA GLY C 261 -11.40 -37.16 28.70
C GLY C 261 -10.34 -38.18 28.26
N PRO C 262 -10.63 -39.44 28.49
CA PRO C 262 -9.62 -40.53 28.32
C PRO C 262 -9.25 -40.61 26.85
N HIS C 263 -10.01 -39.90 26.06
CA HIS C 263 -10.25 -40.23 24.69
C HIS C 263 -10.43 -38.97 23.85
N ILE C 264 -9.74 -37.90 24.28
CA ILE C 264 -9.63 -36.64 23.56
C ILE C 264 -8.17 -36.21 23.61
N ASP C 265 -7.59 -35.96 22.43
CA ASP C 265 -6.22 -35.50 22.27
C ASP C 265 -6.06 -33.99 22.40
N VAL C 266 -7.04 -33.21 21.93
CA VAL C 266 -6.94 -31.75 21.85
C VAL C 266 -8.24 -31.13 22.34
N ILE C 267 -8.13 -29.97 23.00
CA ILE C 267 -9.28 -29.10 23.27
C ILE C 267 -9.00 -27.70 22.73
N SER C 268 -9.83 -27.24 21.81
CA SER C 268 -9.72 -25.91 21.27
C SER C 268 -10.68 -25.04 22.04
N MET C 269 -10.20 -23.94 22.57
CA MET C 269 -11.01 -23.04 23.38
C MET C 269 -11.11 -21.70 22.66
N GLY C 270 -12.27 -21.45 22.07
CA GLY C 270 -12.52 -20.16 21.47
C GLY C 270 -12.46 -19.01 22.44
N MET C 271 -12.61 -19.26 23.73
CA MET C 271 -12.63 -18.12 24.63
C MET C 271 -11.23 -17.61 24.95
N LEU C 272 -10.19 -18.41 24.67
CA LEU C 272 -8.82 -17.93 24.84
C LEU C 272 -8.58 -16.60 24.13
N THR C 273 -9.27 -16.36 23.03
CA THR C 273 -9.17 -15.14 22.26
C THR C 273 -10.46 -14.33 22.22
N GLN C 274 -11.62 -14.98 22.16
CA GLN C 274 -12.86 -14.22 22.10
C GLN C 274 -13.26 -13.66 23.46
N ALA C 275 -12.86 -14.29 24.56
CA ALA C 275 -13.35 -13.89 25.89
C ALA C 275 -12.27 -13.44 26.85
N ALA C 276 -11.02 -13.38 26.44
CA ALA C 276 -9.93 -13.10 27.38
C ALA C 276 -9.89 -11.64 27.77
N PRO C 277 -10.02 -11.31 29.03
CA PRO C 277 -9.88 -9.90 29.43
C PRO C 277 -8.44 -9.42 29.32
N ALA C 278 -8.31 -8.15 28.95
CA ALA C 278 -7.01 -7.50 28.82
C ALA C 278 -6.40 -7.18 30.17
N LEU C 279 -5.12 -7.47 30.32
CA LEU C 279 -4.38 -7.16 31.52
C LEU C 279 -4.32 -5.66 31.68
N ASP C 280 -4.26 -5.18 32.91
CA ASP C 280 -4.27 -3.74 33.14
C ASP C 280 -2.84 -3.24 33.26
N PHE C 281 -2.51 -2.26 32.41
CA PHE C 281 -1.19 -1.65 32.41
C PHE C 281 -1.38 -0.14 32.40
N SER C 282 -0.31 0.54 32.78
CA SER C 282 -0.28 1.99 32.71
C SER C 282 1.17 2.40 32.60
N LEU C 283 1.39 3.50 31.91
CA LEU C 283 2.74 3.99 31.63
C LEU C 283 2.76 5.37 32.25
N LYS C 284 3.34 5.47 33.44
CA LYS C 284 3.34 6.72 34.20
C LYS C 284 4.71 7.36 34.08
N LEU C 285 4.75 8.56 33.52
CA LEU C 285 6.00 9.27 33.34
C LEU C 285 6.51 9.70 34.71
N PHE C 286 7.74 9.31 35.04
CA PHE C 286 8.29 9.43 36.39
C PHE C 286 9.08 10.71 36.61
N ALA C 287 10.21 10.87 35.93
CA ALA C 287 11.00 12.08 36.02
C ALA C 287 11.27 12.61 34.61
N LYS C 288 11.68 13.87 34.54
CA LYS C 288 12.19 14.42 33.28
C LYS C 288 13.71 14.36 33.24
N GLU C 289 14.37 14.75 34.33
CA GLU C 289 15.82 14.69 34.47
C GLU C 289 16.55 15.39 33.33
N MET D 1 -29.47 8.10 13.96
CA MET D 1 -29.87 7.69 15.30
C MET D 1 -30.85 6.55 15.22
N ASP D 2 -31.30 6.26 14.01
CA ASP D 2 -32.22 5.17 13.82
C ASP D 2 -31.48 3.95 14.25
N ALA D 3 -32.20 2.97 14.78
CA ALA D 3 -31.53 1.77 15.24
C ALA D 3 -30.82 1.19 14.02
N GLU D 4 -31.41 1.33 12.85
CA GLU D 4 -30.77 0.78 11.66
C GLU D 4 -30.25 1.77 10.54
N GLY D 5 -30.19 3.11 10.72
CA GLY D 5 -29.63 3.92 9.65
C GLY D 5 -28.20 4.36 9.85
N LEU D 6 -27.50 3.84 10.85
CA LEU D 6 -26.12 4.25 11.07
C LEU D 6 -25.11 3.46 10.25
N ALA D 7 -25.55 2.51 9.43
CA ALA D 7 -24.66 1.90 8.47
C ALA D 7 -24.11 2.93 7.48
N LEU D 8 -24.75 4.10 7.38
CA LEU D 8 -24.28 5.20 6.56
C LEU D 8 -23.10 5.94 7.18
N LEU D 9 -22.75 5.61 8.42
CA LEU D 9 -21.66 6.32 9.09
C LEU D 9 -20.30 5.93 8.57
N LEU D 10 -20.22 4.92 7.71
CA LEU D 10 -18.94 4.42 7.26
C LEU D 10 -18.67 4.94 5.86
N PRO D 11 -17.52 5.55 5.63
CA PRO D 11 -17.14 5.92 4.28
C PRO D 11 -16.85 4.68 3.47
N PRO D 12 -17.46 4.55 2.28
CA PRO D 12 -17.31 3.30 1.51
C PRO D 12 -15.88 2.96 1.14
N VAL D 13 -15.10 3.93 0.68
CA VAL D 13 -13.79 3.60 0.14
C VAL D 13 -12.87 3.10 1.24
N THR D 14 -12.88 3.74 2.41
CA THR D 14 -12.06 3.26 3.52
C THR D 14 -12.52 1.89 4.00
N LEU D 15 -13.83 1.63 3.96
CA LEU D 15 -14.34 0.32 4.34
C LEU D 15 -13.78 -0.79 3.45
N ALA D 16 -13.82 -0.60 2.12
CA ALA D 16 -13.31 -1.65 1.23
C ALA D 16 -11.80 -1.88 1.41
N ALA D 17 -11.05 -0.83 1.73
CA ALA D 17 -9.62 -1.02 1.95
C ALA D 17 -9.38 -1.76 3.26
N LEU D 18 -10.24 -1.54 4.26
CA LEU D 18 -10.12 -2.27 5.51
C LEU D 18 -10.48 -3.74 5.32
N VAL D 19 -11.61 -4.00 4.68
CA VAL D 19 -12.01 -5.37 4.33
C VAL D 19 -10.93 -6.08 3.53
N ASP D 20 -10.54 -5.50 2.37
CA ASP D 20 -9.48 -6.08 1.52
C ASP D 20 -8.26 -6.45 2.33
N SER D 21 -7.84 -5.56 3.23
CA SER D 21 -6.69 -5.86 4.07
C SER D 21 -6.93 -7.15 4.86
N TRP D 22 -8.12 -7.29 5.47
CA TRP D 22 -8.42 -8.47 6.28
C TRP D 22 -8.40 -9.73 5.44
N LEU D 23 -8.91 -9.66 4.21
CA LEU D 23 -9.01 -10.86 3.39
C LEU D 23 -7.64 -11.35 2.93
N ARG D 24 -6.73 -10.42 2.55
CA ARG D 24 -5.40 -10.86 2.12
C ARG D 24 -4.61 -11.41 3.30
N GLU D 25 -4.88 -10.92 4.50
CA GLU D 25 -4.32 -11.47 5.73
C GLU D 25 -4.68 -12.94 5.95
N ASP D 26 -5.94 -13.30 5.67
CA ASP D 26 -6.48 -14.65 5.85
C ASP D 26 -6.04 -15.75 4.91
N CYS D 27 -6.01 -15.45 3.63
CA CYS D 27 -5.63 -16.42 2.64
C CYS D 27 -4.64 -15.85 1.68
N PRO D 28 -3.32 -15.80 2.12
CA PRO D 28 -2.38 -15.26 1.15
C PRO D 28 -2.14 -16.24 0.02
N GLY D 29 -2.02 -17.51 0.42
CA GLY D 29 -1.73 -18.61 -0.47
C GLY D 29 -2.89 -19.21 -1.21
N LEU D 30 -2.64 -20.29 -1.95
CA LEU D 30 -3.74 -20.89 -2.69
C LEU D 30 -4.71 -21.57 -1.73
N ASN D 31 -5.94 -21.76 -2.22
CA ASN D 31 -7.09 -22.08 -1.38
C ASN D 31 -7.48 -23.45 -1.86
N TYR D 32 -6.94 -24.47 -1.19
CA TYR D 32 -7.25 -25.84 -1.55
C TYR D 32 -8.68 -26.21 -1.18
N ALA D 33 -9.16 -25.70 -0.02
CA ALA D 33 -10.52 -25.97 0.41
C ALA D 33 -11.56 -25.57 -0.64
N ALA D 34 -11.20 -24.65 -1.56
CA ALA D 34 -12.10 -24.35 -2.67
C ALA D 34 -12.38 -25.58 -3.51
N LEU D 35 -11.41 -26.49 -3.62
CA LEU D 35 -11.61 -27.66 -4.46
C LEU D 35 -12.60 -28.63 -3.81
N VAL D 36 -12.51 -28.78 -2.49
CA VAL D 36 -13.48 -29.56 -1.72
C VAL D 36 -14.92 -29.09 -2.00
N SER D 37 -15.16 -27.78 -1.97
CA SER D 37 -16.54 -27.30 -2.04
C SER D 37 -16.98 -26.95 -3.46
N GLY D 38 -16.08 -26.57 -4.36
CA GLY D 38 -16.47 -26.17 -5.70
C GLY D 38 -17.20 -24.83 -5.71
N ALA D 39 -17.65 -24.45 -6.90
CA ALA D 39 -18.15 -23.09 -7.13
C ALA D 39 -19.65 -23.03 -7.41
N GLY D 40 -20.42 -24.01 -6.96
CA GLY D 40 -21.84 -24.02 -7.23
C GLY D 40 -22.59 -22.94 -6.45
N PRO D 41 -23.73 -22.47 -6.98
CA PRO D 41 -24.52 -21.50 -6.21
C PRO D 41 -24.87 -22.06 -4.85
N SER D 42 -25.01 -21.17 -3.88
CA SER D 42 -25.19 -21.63 -2.51
C SER D 42 -25.86 -20.56 -1.67
N GLN D 43 -26.31 -20.97 -0.49
CA GLN D 43 -26.93 -20.08 0.45
C GLN D 43 -26.50 -20.52 1.83
N ALA D 44 -26.39 -19.56 2.73
CA ALA D 44 -26.11 -19.83 4.13
C ALA D 44 -26.98 -18.95 5.02
N ALA D 45 -27.27 -19.45 6.21
CA ALA D 45 -28.06 -18.73 7.19
C ALA D 45 -27.16 -18.27 8.33
N LEU D 46 -27.25 -17.00 8.68
CA LEU D 46 -26.54 -16.47 9.84
C LEU D 46 -27.41 -16.67 11.10
N TRP D 47 -26.88 -17.39 12.06
CA TRP D 47 -27.58 -17.66 13.29
C TRP D 47 -26.93 -16.99 14.46
N ALA D 48 -27.71 -16.40 15.35
CA ALA D 48 -27.17 -15.76 16.54
C ALA D 48 -27.41 -16.65 17.73
N LYS D 49 -26.35 -17.07 18.39
CA LYS D 49 -26.45 -17.96 19.52
C LYS D 49 -26.18 -17.35 20.88
N SER D 50 -26.03 -16.04 20.92
CA SER D 50 -25.78 -15.29 22.14
C SER D 50 -26.88 -14.27 22.36
N PRO D 51 -27.05 -13.81 23.60
CA PRO D 51 -27.93 -12.66 23.83
C PRO D 51 -27.12 -11.39 23.67
N GLY D 52 -27.75 -10.37 23.10
CA GLY D 52 -27.08 -9.08 23.08
C GLY D 52 -27.69 -8.16 22.04
N VAL D 53 -26.86 -7.21 21.60
CA VAL D 53 -27.17 -6.27 20.53
C VAL D 53 -26.45 -6.71 19.26
N LEU D 54 -27.12 -6.59 18.11
CA LEU D 54 -26.51 -6.92 16.82
C LEU D 54 -25.74 -5.71 16.30
N ALA D 55 -24.50 -5.92 15.87
CA ALA D 55 -23.76 -4.76 15.40
C ALA D 55 -22.70 -5.20 14.39
N GLY D 56 -22.55 -4.40 13.36
CA GLY D 56 -21.55 -4.58 12.35
C GLY D 56 -22.01 -5.03 10.97
N GLN D 57 -23.29 -4.84 10.62
CA GLN D 57 -23.75 -5.23 9.30
C GLN D 57 -22.89 -4.65 8.17
N PRO D 58 -22.53 -3.37 8.17
CA PRO D 58 -21.77 -2.84 7.02
C PRO D 58 -20.44 -3.54 6.78
N PHE D 59 -19.70 -3.91 7.84
CA PHE D 59 -18.47 -4.69 7.63
C PHE D 59 -18.80 -6.07 7.10
N PHE D 60 -19.90 -6.65 7.55
CA PHE D 60 -20.28 -7.98 7.11
C PHE D 60 -20.55 -8.00 5.62
N ASP D 61 -21.28 -6.99 5.12
CA ASP D 61 -21.63 -6.90 3.71
C ASP D 61 -20.41 -6.62 2.86
N ALA D 62 -19.57 -5.69 3.30
CA ALA D 62 -18.40 -5.30 2.54
C ALA D 62 -17.48 -6.49 2.33
N ILE D 63 -17.35 -7.35 3.36
CA ILE D 63 -16.62 -8.59 3.18
C ILE D 63 -17.23 -9.39 2.03
N PHE D 64 -18.51 -9.73 2.16
CA PHE D 64 -19.06 -10.62 1.15
C PHE D 64 -19.21 -9.93 -0.18
N THR D 65 -19.38 -8.61 -0.21
CA THR D 65 -19.43 -7.91 -1.50
C THR D 65 -18.09 -8.05 -2.22
N GLN D 66 -16.99 -7.79 -1.52
CA GLN D 66 -15.66 -7.96 -2.09
C GLN D 66 -15.44 -9.36 -2.66
N LEU D 67 -16.31 -10.32 -2.32
CA LEU D 67 -16.20 -11.69 -2.79
C LEU D 67 -17.33 -12.10 -3.74
N ASN D 68 -18.14 -11.14 -4.20
CA ASN D 68 -19.26 -11.39 -5.11
C ASN D 68 -20.35 -12.23 -4.43
N CYS D 69 -20.70 -11.85 -3.20
CA CYS D 69 -21.75 -12.51 -2.44
C CYS D 69 -22.73 -11.46 -1.92
N GLN D 70 -24.01 -11.75 -2.03
CA GLN D 70 -25.06 -10.85 -1.61
C GLN D 70 -25.57 -11.28 -0.23
N VAL D 71 -26.19 -10.35 0.48
CA VAL D 71 -26.58 -10.58 1.88
C VAL D 71 -27.97 -10.00 2.12
N SER D 72 -28.87 -10.81 2.66
CA SER D 72 -30.17 -10.33 3.12
C SER D 72 -30.22 -10.37 4.64
N TRP D 73 -30.50 -9.22 5.26
CA TRP D 73 -30.68 -9.12 6.70
C TRP D 73 -32.15 -9.26 7.08
N PHE D 74 -32.42 -9.98 8.17
CA PHE D 74 -33.78 -10.12 8.67
C PHE D 74 -33.99 -9.39 9.99
N LEU D 75 -33.00 -8.65 10.47
CA LEU D 75 -33.17 -7.81 11.65
C LEU D 75 -32.54 -6.46 11.37
N PRO D 76 -33.04 -5.41 12.01
CA PRO D 76 -32.39 -4.11 11.87
C PRO D 76 -31.02 -4.14 12.52
N GLU D 77 -30.16 -3.24 12.06
CA GLU D 77 -28.89 -3.02 12.73
C GLU D 77 -29.08 -2.45 14.13
N GLY D 78 -28.45 -3.07 15.11
CA GLY D 78 -28.64 -2.67 16.47
C GLY D 78 -29.87 -3.24 17.14
N SER D 79 -30.59 -4.13 16.47
CA SER D 79 -31.71 -4.78 17.14
C SER D 79 -31.19 -5.70 18.24
N LYS D 80 -32.05 -6.02 19.20
CA LYS D 80 -31.67 -6.99 20.22
C LYS D 80 -31.71 -8.41 19.66
N LEU D 81 -30.89 -9.25 20.26
CA LEU D 81 -30.81 -10.63 19.85
C LEU D 81 -31.04 -11.65 20.91
N VAL D 82 -32.13 -12.40 20.81
CA VAL D 82 -32.48 -13.46 21.76
C VAL D 82 -32.18 -14.80 21.12
N PRO D 83 -31.37 -15.62 21.75
CA PRO D 83 -30.65 -16.72 21.16
C PRO D 83 -31.33 -17.71 20.23
N VAL D 84 -30.48 -18.17 19.33
CA VAL D 84 -30.80 -19.04 18.24
C VAL D 84 -31.76 -18.40 17.28
N ALA D 85 -31.54 -17.11 17.02
CA ALA D 85 -32.31 -16.30 16.10
C ALA D 85 -31.70 -16.34 14.73
N ARG D 86 -32.51 -16.22 13.69
CA ARG D 86 -31.98 -16.23 12.34
C ARG D 86 -31.73 -14.80 12.08
N VAL D 87 -30.49 -14.44 11.78
CA VAL D 87 -30.17 -13.03 11.58
C VAL D 87 -30.15 -12.68 10.10
N ALA D 88 -29.70 -13.60 9.24
CA ALA D 88 -29.48 -13.20 7.85
C ALA D 88 -29.30 -14.42 6.94
N GLU D 89 -29.23 -14.13 5.63
CA GLU D 89 -28.94 -15.12 4.59
C GLU D 89 -27.85 -14.57 3.67
N VAL D 90 -26.84 -15.37 3.38
CA VAL D 90 -25.76 -14.98 2.49
C VAL D 90 -25.77 -15.91 1.30
N ARG D 91 -25.71 -15.34 0.09
CA ARG D 91 -25.77 -16.09 -1.15
C ARG D 91 -24.53 -15.86 -2.00
N GLY D 92 -24.10 -16.91 -2.72
CA GLY D 92 -23.02 -16.81 -3.67
C GLY D 92 -22.34 -18.14 -3.96
N PRO D 93 -21.28 -18.11 -4.75
CA PRO D 93 -20.53 -19.34 -5.06
C PRO D 93 -19.91 -19.98 -3.82
N ALA D 94 -20.24 -21.25 -3.60
CA ALA D 94 -19.88 -21.99 -2.39
C ALA D 94 -18.52 -21.61 -1.82
N HIS D 95 -17.47 -21.67 -2.64
CA HIS D 95 -16.12 -21.42 -2.16
C HIS D 95 -15.93 -19.96 -1.76
N CYS D 96 -16.65 -19.04 -2.40
CA CYS D 96 -16.53 -17.64 -2.02
C CYS D 96 -17.25 -17.38 -0.70
N LEU D 97 -18.32 -18.14 -0.42
CA LEU D 97 -19.01 -18.03 0.86
C LEU D 97 -18.12 -18.51 2.00
N LEU D 98 -17.41 -19.62 1.79
CA LEU D 98 -16.55 -20.13 2.85
C LEU D 98 -15.31 -19.25 3.02
N LEU D 99 -14.88 -18.62 1.94
CA LEU D 99 -13.73 -17.72 1.98
C LEU D 99 -14.04 -16.51 2.91
N GLY D 100 -15.24 -15.94 2.83
CA GLY D 100 -15.55 -14.83 3.71
C GLY D 100 -15.97 -15.23 5.11
N GLU D 101 -16.25 -16.52 5.32
CA GLU D 101 -16.95 -16.95 6.52
C GLU D 101 -16.29 -16.47 7.83
N ARG D 102 -14.98 -16.69 8.01
CA ARG D 102 -14.44 -16.38 9.34
C ARG D 102 -14.13 -14.91 9.55
N VAL D 103 -13.57 -14.20 8.57
CA VAL D 103 -13.40 -12.77 8.75
C VAL D 103 -14.74 -12.12 9.06
N ALA D 104 -15.80 -12.52 8.36
CA ALA D 104 -17.12 -11.96 8.60
C ALA D 104 -17.60 -12.27 10.02
N LEU D 105 -17.56 -13.56 10.41
CA LEU D 105 -18.08 -13.96 11.73
C LEU D 105 -17.26 -13.37 12.87
N ASN D 106 -15.92 -13.49 12.82
CA ASN D 106 -15.07 -12.87 13.82
C ASN D 106 -15.29 -11.35 13.88
N THR D 107 -15.50 -10.70 12.73
CA THR D 107 -15.77 -9.26 12.74
C THR D 107 -17.10 -8.98 13.40
N LEU D 108 -18.16 -9.64 12.93
CA LEU D 108 -19.48 -9.42 13.51
C LEU D 108 -19.50 -9.80 14.97
N ALA D 109 -18.74 -10.83 15.36
CA ALA D 109 -18.73 -11.27 16.75
C ALA D 109 -18.21 -10.19 17.70
N ARG D 110 -17.14 -9.48 17.31
CA ARG D 110 -16.54 -8.47 18.18
C ARG D 110 -17.32 -7.17 18.15
N CYS D 111 -17.80 -6.76 16.99
CA CYS D 111 -18.63 -5.56 16.94
C CYS D 111 -19.86 -5.70 17.82
N SER D 112 -20.64 -6.77 17.61
CA SER D 112 -21.80 -7.03 18.44
C SER D 112 -21.42 -7.10 19.93
N GLY D 113 -20.32 -7.78 20.23
CA GLY D 113 -19.90 -7.94 21.60
C GLY D 113 -19.65 -6.62 22.31
N ILE D 114 -19.09 -5.65 21.60
CA ILE D 114 -18.90 -4.33 22.18
C ILE D 114 -20.23 -3.60 22.31
N ALA D 115 -21.04 -3.65 21.24
CA ALA D 115 -22.37 -3.02 21.25
C ALA D 115 -23.24 -3.60 22.38
N SER D 116 -23.40 -4.93 22.42
CA SER D 116 -23.97 -5.59 23.60
C SER D 116 -23.46 -4.99 24.90
N ALA D 117 -22.14 -4.82 25.03
CA ALA D 117 -21.58 -4.34 26.29
C ALA D 117 -21.94 -2.89 26.54
N ALA D 118 -21.91 -2.05 25.52
CA ALA D 118 -22.37 -0.67 25.69
C ALA D 118 -23.82 -0.65 26.14
N ALA D 119 -24.67 -1.41 25.47
CA ALA D 119 -26.11 -1.43 25.78
C ALA D 119 -26.36 -1.71 27.25
N ALA D 120 -25.65 -2.68 27.82
CA ALA D 120 -25.83 -2.97 29.24
C ALA D 120 -25.35 -1.81 30.09
N ALA D 121 -24.31 -1.09 29.66
CA ALA D 121 -23.81 0.05 30.42
C ALA D 121 -24.83 1.19 30.44
N VAL D 122 -25.55 1.41 29.33
CA VAL D 122 -26.50 2.50 29.32
C VAL D 122 -27.82 2.10 29.98
N GLU D 123 -28.20 0.81 29.89
CA GLU D 123 -29.47 0.36 30.48
C GLU D 123 -29.42 0.37 32.00
N ALA D 124 -28.24 0.06 32.57
CA ALA D 124 -28.12 0.11 34.02
C ALA D 124 -28.03 1.54 34.52
N ALA D 125 -27.44 2.44 33.72
CA ALA D 125 -27.41 3.85 34.11
C ALA D 125 -28.76 4.52 33.87
N ARG D 126 -29.45 4.14 32.79
CA ARG D 126 -30.82 4.57 32.62
C ARG D 126 -31.69 4.10 33.79
N GLY D 127 -31.57 2.81 34.14
CA GLY D 127 -32.41 2.24 35.18
C GLY D 127 -32.07 2.70 36.58
N ALA D 128 -30.80 3.04 36.84
CA ALA D 128 -30.39 3.53 38.15
C ALA D 128 -30.58 5.04 38.29
N GLY D 129 -31.49 5.62 37.51
CA GLY D 129 -31.85 7.02 37.64
C GLY D 129 -30.70 7.99 37.54
N TRP D 130 -30.18 8.21 36.34
CA TRP D 130 -29.02 9.08 36.19
C TRP D 130 -29.03 9.75 34.83
N THR D 131 -28.80 11.05 34.84
CA THR D 131 -28.70 11.88 33.65
C THR D 131 -27.32 11.77 33.04
N GLY D 132 -27.23 11.75 31.72
CA GLY D 132 -25.92 11.97 31.13
C GLY D 132 -25.66 11.02 29.97
N HIS D 133 -24.38 10.69 29.81
CA HIS D 133 -23.95 9.81 28.75
C HIS D 133 -22.84 8.85 29.15
N VAL D 134 -22.96 7.63 28.71
CA VAL D 134 -21.99 6.57 28.97
C VAL D 134 -21.11 6.43 27.73
N ALA D 135 -19.79 6.59 27.90
CA ALA D 135 -18.85 6.64 26.81
C ALA D 135 -17.85 5.49 26.89
N GLY D 136 -17.19 5.24 25.76
CA GLY D 136 -16.05 4.34 25.73
C GLY D 136 -14.74 5.08 25.97
N THR D 137 -13.67 4.31 25.93
CA THR D 137 -12.31 4.85 25.96
C THR D 137 -11.62 4.57 24.62
N ARG D 138 -10.33 4.87 24.59
CA ARG D 138 -9.49 4.64 23.44
C ARG D 138 -8.74 3.30 23.59
N LYS D 139 -9.01 2.58 24.68
CA LYS D 139 -8.44 1.26 24.92
C LYS D 139 -9.02 0.30 23.88
N THR D 140 -8.49 0.42 22.66
CA THR D 140 -8.98 -0.31 21.52
C THR D 140 -7.91 -1.27 21.02
N THR D 141 -8.36 -2.27 20.28
CA THR D 141 -7.46 -3.14 19.55
C THR D 141 -6.84 -2.35 18.40
N PRO D 142 -5.52 -2.28 18.32
CA PRO D 142 -4.88 -1.60 17.20
C PRO D 142 -5.36 -2.17 15.87
N GLY D 143 -5.42 -1.31 14.86
CA GLY D 143 -5.84 -1.75 13.55
C GLY D 143 -7.29 -2.15 13.46
N PHE D 144 -8.08 -1.83 14.49
CA PHE D 144 -9.45 -2.30 14.59
C PHE D 144 -10.37 -1.22 15.15
N ARG D 145 -9.89 0.02 15.25
CA ARG D 145 -10.66 1.09 15.89
C ARG D 145 -11.97 1.37 15.15
N LEU D 146 -11.96 1.40 13.81
CA LEU D 146 -13.21 1.74 13.12
C LEU D 146 -14.33 0.79 13.51
N VAL D 147 -14.05 -0.51 13.56
CA VAL D 147 -15.07 -1.46 13.95
C VAL D 147 -15.52 -1.18 15.38
N GLU D 148 -14.57 -0.94 16.28
CA GLU D 148 -14.90 -0.95 17.71
C GLU D 148 -15.67 0.29 18.12
N LYS D 149 -15.45 1.37 17.38
CA LYS D 149 -16.10 2.63 17.69
C LYS D 149 -17.51 2.68 17.12
N TYR D 150 -17.68 2.19 15.89
CA TYR D 150 -19.00 1.95 15.35
C TYR D 150 -19.81 1.06 16.29
N GLY D 151 -19.17 0.07 16.91
CA GLY D 151 -19.89 -0.81 17.81
C GLY D 151 -20.39 -0.10 19.05
N LEU D 152 -19.58 0.81 19.60
CA LEU D 152 -20.05 1.65 20.69
C LEU D 152 -21.25 2.49 20.26
N LEU D 153 -21.15 3.18 19.11
CA LEU D 153 -22.25 4.01 18.62
C LEU D 153 -23.57 3.27 18.59
N VAL D 154 -23.61 2.14 17.88
CA VAL D 154 -24.82 1.33 17.74
C VAL D 154 -25.36 0.88 19.09
N GLY D 155 -24.49 0.65 20.05
CA GLY D 155 -24.90 0.26 21.38
C GLY D 155 -25.41 1.37 22.26
N GLY D 156 -25.56 2.59 21.72
CA GLY D 156 -26.07 3.72 22.45
C GLY D 156 -25.04 4.52 23.23
N ALA D 157 -23.76 4.12 23.21
CA ALA D 157 -22.73 4.77 24.00
C ALA D 157 -22.27 6.08 23.36
N ALA D 158 -21.58 6.89 24.17
CA ALA D 158 -21.19 8.23 23.76
C ALA D 158 -19.89 8.20 22.98
N GLY D 166 -13.75 17.18 18.99
CA GLY D 166 -13.59 18.19 20.03
C GLY D 166 -12.23 18.85 20.00
N LEU D 167 -11.67 19.11 21.20
CA LEU D 167 -10.32 19.66 21.29
C LEU D 167 -9.30 18.55 21.59
N VAL D 168 -8.31 18.84 22.42
CA VAL D 168 -7.22 17.92 22.75
C VAL D 168 -7.28 17.59 24.23
N MET D 169 -7.32 16.32 24.57
CA MET D 169 -7.34 15.79 25.93
C MET D 169 -5.92 15.87 26.55
N VAL D 170 -5.82 16.10 27.83
CA VAL D 170 -4.55 16.20 28.55
C VAL D 170 -4.57 15.17 29.67
N LYS D 171 -3.92 14.03 29.45
CA LYS D 171 -3.85 13.07 30.54
C LYS D 171 -2.89 13.59 31.62
N ASP D 172 -2.56 12.75 32.61
CA ASP D 172 -1.69 13.24 33.68
C ASP D 172 -0.21 13.14 33.34
N ASN D 173 0.14 12.68 32.13
CA ASN D 173 1.54 12.65 31.71
C ASN D 173 1.95 13.89 30.92
N HIS D 174 0.98 14.56 30.27
CA HIS D 174 1.25 15.87 29.68
C HIS D 174 1.48 16.92 30.75
N VAL D 175 0.75 16.81 31.86
CA VAL D 175 0.93 17.69 33.01
C VAL D 175 2.32 17.51 33.61
N VAL D 176 2.68 16.25 33.91
CA VAL D 176 4.01 15.94 34.43
C VAL D 176 5.09 16.36 33.44
N ALA D 177 4.81 16.26 32.14
CA ALA D 177 5.80 16.65 31.15
C ALA D 177 5.91 18.17 31.01
N ALA D 178 4.77 18.86 30.88
CA ALA D 178 4.78 20.32 30.73
C ALA D 178 5.06 21.04 32.05
N GLY D 179 5.07 20.33 33.17
CA GLY D 179 5.34 20.93 34.45
C GLY D 179 4.17 21.69 35.00
N GLY D 180 3.52 21.15 36.04
CA GLY D 180 2.40 21.82 36.66
C GLY D 180 1.13 21.77 35.81
N VAL D 181 -0.02 21.69 36.47
CA VAL D 181 -1.27 21.71 35.74
C VAL D 181 -1.56 23.12 35.27
N GLU D 182 -1.19 24.15 36.05
CA GLU D 182 -1.47 25.52 35.65
C GLU D 182 -0.72 25.90 34.37
N LYS D 183 0.53 25.45 34.24
CA LYS D 183 1.30 25.76 33.05
C LYS D 183 0.84 24.93 31.86
N ALA D 184 0.45 23.69 32.10
CA ALA D 184 -0.04 22.82 31.04
C ALA D 184 -1.37 23.19 30.39
N VAL D 185 -2.35 23.59 31.19
CA VAL D 185 -3.64 23.91 30.61
C VAL D 185 -3.38 25.04 29.68
N ARG D 186 -2.56 25.95 30.13
CA ARG D 186 -2.21 27.05 29.22
C ARG D 186 -1.71 26.39 27.94
N ALA D 187 -0.65 25.60 28.06
CA ALA D 187 0.06 25.02 26.91
C ALA D 187 -0.82 24.42 25.83
N ALA D 188 -1.94 23.80 26.19
CA ALA D 188 -2.84 23.32 25.15
C ALA D 188 -3.65 24.45 24.55
N ARG D 189 -4.10 25.38 25.35
CA ARG D 189 -4.89 26.47 24.83
C ARG D 189 -4.16 27.45 23.92
N GLN D 190 -2.83 27.48 23.97
CA GLN D 190 -2.11 28.42 23.12
C GLN D 190 -2.21 28.25 21.61
N ALA D 191 -2.74 27.14 21.12
CA ALA D 191 -2.91 26.97 19.67
C ALA D 191 -4.38 27.05 19.27
N VAL D 198 -11.17 19.78 27.19
CA VAL D 198 -9.75 19.46 27.25
C VAL D 198 -9.53 18.27 28.19
N GLU D 199 -10.46 18.07 29.11
CA GLU D 199 -10.41 16.93 29.99
C GLU D 199 -9.15 16.62 30.80
N VAL D 200 -8.67 17.57 31.58
CA VAL D 200 -7.46 17.36 32.35
C VAL D 200 -7.64 16.20 33.35
N GLU D 201 -6.63 15.34 33.49
CA GLU D 201 -6.69 14.20 34.39
C GLU D 201 -6.16 14.60 35.77
N CYS D 202 -6.36 13.71 36.74
CA CYS D 202 -6.15 14.07 38.13
C CYS D 202 -6.06 12.80 38.98
N SER D 203 -5.49 12.97 40.17
CA SER D 203 -5.53 11.94 41.20
C SER D 203 -5.73 12.56 42.58
N SER D 204 -6.11 13.84 42.63
CA SER D 204 -6.38 14.56 43.86
C SER D 204 -7.52 15.55 43.63
N LEU D 205 -7.97 16.19 44.71
CA LEU D 205 -9.04 17.18 44.62
C LEU D 205 -8.51 18.56 44.22
N GLN D 206 -7.38 18.97 44.80
CA GLN D 206 -6.74 20.23 44.41
C GLN D 206 -6.47 20.27 42.91
N GLU D 207 -6.07 19.14 42.32
CA GLU D 207 -5.73 19.09 40.90
C GLU D 207 -6.95 19.26 40.00
N ALA D 208 -8.11 18.80 40.47
CA ALA D 208 -9.33 18.97 39.68
C ALA D 208 -9.88 20.38 39.72
N VAL D 209 -9.62 21.13 40.81
CA VAL D 209 -10.06 22.51 40.90
C VAL D 209 -9.18 23.41 40.04
N GLN D 210 -7.85 23.23 40.20
CA GLN D 210 -6.84 23.83 39.34
C GLN D 210 -7.11 23.53 37.88
N ALA D 211 -7.54 22.30 37.55
CA ALA D 211 -7.73 21.88 36.17
C ALA D 211 -8.44 22.95 35.35
N ALA D 212 -9.48 23.55 35.89
CA ALA D 212 -10.17 24.64 35.23
C ALA D 212 -9.50 25.97 35.60
N GLU D 213 -8.57 26.42 34.75
CA GLU D 213 -7.94 27.73 34.88
C GLU D 213 -7.37 28.14 33.53
N ALA D 214 -7.29 29.47 33.31
CA ALA D 214 -6.95 30.09 32.04
C ALA D 214 -7.91 29.65 30.93
N GLY D 215 -9.00 28.97 31.26
CA GLY D 215 -10.08 28.72 30.32
C GLY D 215 -10.51 27.30 30.04
N ALA D 216 -10.14 26.33 30.89
CA ALA D 216 -10.32 24.91 30.56
C ALA D 216 -11.80 24.52 30.50
N ASP D 217 -12.09 23.38 29.82
CA ASP D 217 -13.46 23.02 29.48
C ASP D 217 -13.99 21.70 30.03
N LEU D 218 -13.13 20.74 30.41
CA LEU D 218 -13.60 19.44 30.90
C LEU D 218 -12.59 18.84 31.87
N VAL D 219 -13.03 17.80 32.58
CA VAL D 219 -12.22 17.12 33.59
C VAL D 219 -12.50 15.61 33.50
N LEU D 220 -11.56 14.82 34.03
CA LEU D 220 -11.62 13.35 34.00
C LEU D 220 -10.93 12.78 35.24
N LEU D 221 -11.72 12.19 36.16
CA LEU D 221 -11.23 11.62 37.43
C LEU D 221 -10.91 10.14 37.27
N ASP D 222 -9.70 9.75 37.64
CA ASP D 222 -9.21 8.40 37.37
C ASP D 222 -8.91 7.62 38.65
N ASN D 223 -9.52 6.44 38.79
CA ASN D 223 -9.23 5.48 39.88
C ASN D 223 -9.60 6.02 41.26
N PHE D 224 -10.71 6.75 41.33
CA PHE D 224 -11.25 7.27 42.59
C PHE D 224 -12.38 6.38 43.09
N LYS D 225 -12.53 6.29 44.41
CA LYS D 225 -13.59 5.51 45.02
C LYS D 225 -14.86 6.31 44.83
N PRO D 226 -16.06 5.60 44.79
CA PRO D 226 -17.25 6.42 44.59
C PRO D 226 -17.46 7.43 45.70
N GLU D 227 -17.19 7.04 46.93
CA GLU D 227 -17.39 7.96 48.02
C GLU D 227 -16.51 9.20 47.92
N GLU D 228 -15.28 9.05 47.44
CA GLU D 228 -14.36 10.18 47.36
C GLU D 228 -14.65 11.12 46.19
N LEU D 229 -15.56 10.79 45.30
CA LEU D 229 -15.73 11.64 44.13
C LEU D 229 -16.82 12.71 44.09
N HIS D 230 -17.86 12.56 44.87
CA HIS D 230 -18.92 13.55 44.80
C HIS D 230 -18.56 14.80 45.59
N PRO D 231 -17.80 14.73 46.69
CA PRO D 231 -17.25 15.99 47.25
C PRO D 231 -16.25 16.68 46.33
N THR D 232 -15.43 15.94 45.57
CA THR D 232 -14.75 16.58 44.45
C THR D 232 -15.77 17.17 43.50
N ALA D 233 -16.69 16.33 43.02
CA ALA D 233 -17.69 16.73 42.01
C ALA D 233 -18.53 17.93 42.46
N THR D 234 -18.99 17.93 43.72
CA THR D 234 -19.85 19.00 44.21
C THR D 234 -19.21 20.37 43.97
N VAL D 235 -17.94 20.52 44.37
CA VAL D 235 -17.27 21.82 44.38
C VAL D 235 -16.97 22.33 42.97
N LEU D 236 -17.25 21.55 41.93
CA LEU D 236 -17.04 22.06 40.57
C LEU D 236 -18.22 22.83 40.00
N LYS D 237 -19.46 22.40 40.22
CA LYS D 237 -20.56 23.30 39.87
C LYS D 237 -20.45 24.60 40.66
N ALA D 238 -19.83 24.56 41.85
CA ALA D 238 -19.60 25.75 42.65
C ALA D 238 -18.28 26.45 42.34
N GLN D 239 -17.44 25.89 41.47
CA GLN D 239 -16.19 26.53 41.03
C GLN D 239 -16.47 27.45 39.85
N PHE D 240 -16.82 26.84 38.70
CA PHE D 240 -17.34 27.46 37.49
C PHE D 240 -18.25 26.44 36.83
N PRO D 241 -19.54 26.65 36.83
CA PRO D 241 -20.48 25.65 36.31
C PRO D 241 -20.32 25.27 34.85
N SER D 242 -19.42 25.92 34.14
CA SER D 242 -19.30 25.76 32.69
C SER D 242 -18.68 24.43 32.30
N VAL D 243 -17.95 23.79 33.21
CA VAL D 243 -17.17 22.59 32.93
C VAL D 243 -17.91 21.31 33.32
N ALA D 244 -17.83 20.29 32.46
CA ALA D 244 -18.39 18.98 32.77
C ALA D 244 -17.38 18.14 33.55
N VAL D 245 -17.88 17.08 34.17
CA VAL D 245 -17.07 16.17 34.98
C VAL D 245 -17.25 14.75 34.47
N GLU D 246 -16.15 14.06 34.18
CA GLU D 246 -16.19 12.66 33.75
C GLU D 246 -15.57 11.75 34.80
N ALA D 247 -16.16 10.56 34.93
CA ALA D 247 -15.67 9.52 35.82
C ALA D 247 -15.04 8.40 34.99
N SER D 248 -13.88 7.92 35.43
CA SER D 248 -13.15 6.90 34.68
C SER D 248 -12.32 6.06 35.65
N GLY D 249 -12.14 4.80 35.29
CA GLY D 249 -11.33 3.89 36.07
C GLY D 249 -12.11 2.96 36.98
N GLY D 250 -11.99 1.65 36.75
CA GLY D 250 -12.62 0.66 37.59
C GLY D 250 -14.13 0.63 37.56
N ILE D 251 -14.73 1.25 36.54
CA ILE D 251 -16.18 1.27 36.37
C ILE D 251 -16.38 -0.06 35.65
N THR D 252 -17.29 -0.89 36.16
CA THR D 252 -17.68 -2.13 35.52
C THR D 252 -19.20 -2.22 35.45
N LEU D 253 -19.69 -3.31 34.82
CA LEU D 253 -21.13 -3.53 34.74
C LEU D 253 -21.75 -3.63 36.13
N ASP D 254 -21.09 -4.36 37.04
CA ASP D 254 -21.57 -4.55 38.40
C ASP D 254 -21.66 -3.22 39.16
N ASN D 255 -20.56 -2.49 39.22
CA ASN D 255 -20.47 -1.29 40.07
C ASN D 255 -20.80 -0.02 39.31
N LEU D 256 -21.84 -0.04 38.47
CA LEU D 256 -22.14 1.17 37.69
C LEU D 256 -22.95 2.22 38.45
N PRO D 257 -23.99 1.87 39.23
CA PRO D 257 -24.77 2.93 39.88
C PRO D 257 -24.00 3.68 40.94
N GLN D 258 -23.07 3.03 41.63
CA GLN D 258 -22.26 3.67 42.66
C GLN D 258 -21.44 4.83 42.11
N PHE D 259 -21.15 4.85 40.80
CA PHE D 259 -20.38 5.93 40.20
C PHE D 259 -21.24 7.00 39.55
N CYS D 260 -22.50 6.70 39.25
CA CYS D 260 -23.43 7.74 38.82
C CYS D 260 -23.63 8.74 39.95
N GLY D 261 -23.68 10.03 39.60
CA GLY D 261 -23.79 11.06 40.61
C GLY D 261 -24.66 12.24 40.20
N PRO D 262 -25.06 13.05 41.19
CA PRO D 262 -25.81 14.28 40.88
C PRO D 262 -25.00 15.28 40.06
N HIS D 263 -23.69 15.08 39.96
CA HIS D 263 -22.78 16.02 39.31
C HIS D 263 -21.74 15.27 38.48
N ILE D 264 -22.14 14.12 37.91
CA ILE D 264 -21.28 13.32 37.03
C ILE D 264 -21.95 13.31 35.67
N ASP D 265 -21.29 13.92 34.68
CA ASP D 265 -21.93 14.08 33.38
C ASP D 265 -21.67 12.89 32.45
N VAL D 266 -20.42 12.43 32.38
CA VAL D 266 -20.04 11.31 31.51
C VAL D 266 -19.29 10.27 32.32
N ILE D 267 -19.47 9.02 31.93
CA ILE D 267 -18.85 7.85 32.56
C ILE D 267 -18.24 7.04 31.41
N SER D 268 -16.92 7.13 31.24
CA SER D 268 -16.21 6.36 30.23
C SER D 268 -15.51 5.19 30.88
N MET D 269 -15.85 3.99 30.43
CA MET D 269 -15.33 2.75 30.99
C MET D 269 -14.31 2.10 30.08
N GLY D 270 -13.36 1.36 30.65
CA GLY D 270 -12.46 0.61 29.81
C GLY D 270 -12.97 -0.76 29.42
N MET D 271 -13.87 -1.34 30.20
CA MET D 271 -14.17 -2.73 29.95
C MET D 271 -15.23 -2.95 28.88
N LEU D 272 -15.76 -1.91 28.23
CA LEU D 272 -16.67 -2.20 27.11
C LEU D 272 -15.92 -2.66 25.88
N THR D 273 -14.62 -2.39 25.80
CA THR D 273 -13.82 -2.87 24.69
C THR D 273 -12.72 -3.83 25.12
N GLN D 274 -12.21 -3.68 26.35
CA GLN D 274 -11.16 -4.55 26.87
C GLN D 274 -11.70 -5.86 27.43
N ALA D 275 -12.93 -5.86 27.93
CA ALA D 275 -13.48 -7.01 28.66
C ALA D 275 -14.91 -7.28 28.20
N ALA D 276 -15.14 -7.18 26.89
CA ALA D 276 -16.48 -7.36 26.32
C ALA D 276 -16.51 -8.61 25.44
N PRO D 277 -17.00 -9.75 25.94
CA PRO D 277 -16.88 -10.98 25.16
C PRO D 277 -17.59 -10.83 23.82
N ALA D 278 -17.03 -11.49 22.81
CA ALA D 278 -17.67 -11.57 21.51
C ALA D 278 -18.91 -12.45 21.58
N LEU D 279 -19.85 -12.22 20.68
CA LEU D 279 -21.07 -13.00 20.64
C LEU D 279 -20.87 -14.22 19.76
N ASP D 280 -21.59 -15.28 20.09
CA ASP D 280 -21.49 -16.53 19.34
C ASP D 280 -22.36 -16.42 18.10
N PHE D 281 -21.74 -16.41 16.93
CA PHE D 281 -22.49 -16.53 15.68
C PHE D 281 -22.04 -17.79 14.97
N SER D 282 -22.77 -18.16 13.93
CA SER D 282 -22.30 -19.20 13.04
C SER D 282 -23.02 -19.00 11.71
N LEU D 283 -22.46 -19.63 10.67
CA LEU D 283 -23.04 -19.52 9.34
C LEU D 283 -23.10 -20.90 8.70
N LYS D 284 -24.29 -21.46 8.57
CA LYS D 284 -24.50 -22.80 8.03
C LYS D 284 -25.01 -22.72 6.59
N LEU D 285 -24.40 -23.47 5.67
CA LEU D 285 -25.02 -23.65 4.36
C LEU D 285 -26.19 -24.61 4.46
N PHE D 286 -27.28 -24.34 3.72
CA PHE D 286 -28.48 -25.17 3.89
C PHE D 286 -28.99 -25.84 2.62
N ALA D 287 -28.81 -25.26 1.45
CA ALA D 287 -29.10 -26.00 0.22
C ALA D 287 -28.05 -25.58 -0.80
N LYS D 288 -27.62 -26.55 -1.63
CA LYS D 288 -26.52 -26.34 -2.55
C LYS D 288 -26.82 -27.05 -3.87
N GLU D 289 -26.76 -26.29 -4.96
CA GLU D 289 -26.81 -26.88 -6.31
C GLU D 289 -25.70 -26.31 -7.19
N MET E 1 0.12 30.66 20.99
CA MET E 1 0.77 30.32 19.73
C MET E 1 2.28 30.07 19.90
N ASP E 2 2.74 28.83 19.73
CA ASP E 2 4.17 28.53 19.73
C ASP E 2 4.81 29.00 18.43
N ALA E 3 6.15 29.03 18.40
CA ALA E 3 6.87 29.62 17.27
C ALA E 3 7.67 28.58 16.51
N GLU E 4 8.51 27.78 17.18
CA GLU E 4 9.36 26.80 16.50
C GLU E 4 9.17 25.37 17.00
N GLY E 5 8.41 25.19 18.09
CA GLY E 5 7.90 23.90 18.50
C GLY E 5 6.77 23.40 17.63
N LEU E 6 6.30 24.20 16.68
CA LEU E 6 5.26 23.74 15.75
C LEU E 6 5.78 22.65 14.82
N ALA E 7 7.09 22.46 14.73
CA ALA E 7 7.64 21.29 14.04
C ALA E 7 7.12 19.99 14.66
N LEU E 8 6.79 20.02 15.95
CA LEU E 8 6.37 18.81 16.64
C LEU E 8 4.91 18.45 16.39
N LEU E 9 4.15 19.25 15.66
CA LEU E 9 2.76 18.88 15.39
C LEU E 9 2.67 17.65 14.50
N LEU E 10 3.67 17.41 13.66
CA LEU E 10 3.56 16.41 12.60
C LEU E 10 3.91 15.02 13.11
N PRO E 11 3.00 14.05 13.00
CA PRO E 11 3.27 12.68 13.50
C PRO E 11 4.30 11.97 12.64
N PRO E 12 5.39 11.49 13.24
CA PRO E 12 6.55 11.05 12.45
C PRO E 12 6.26 9.93 11.45
N VAL E 13 5.45 8.94 11.81
CA VAL E 13 5.31 7.79 10.94
C VAL E 13 4.44 8.11 9.72
N THR E 14 3.38 8.90 9.94
CA THR E 14 2.59 9.42 8.82
C THR E 14 3.43 10.28 7.88
N LEU E 15 4.37 11.05 8.45
CA LEU E 15 5.21 11.94 7.67
C LEU E 15 6.12 11.18 6.73
N ALA E 16 6.88 10.21 7.27
CA ALA E 16 7.78 9.45 6.40
C ALA E 16 7.00 8.65 5.36
N ALA E 17 5.80 8.14 5.70
CA ALA E 17 5.01 7.43 4.70
C ALA E 17 4.61 8.36 3.56
N LEU E 18 4.29 9.60 3.88
CA LEU E 18 3.84 10.55 2.86
C LEU E 18 4.99 10.96 1.96
N VAL E 19 6.08 11.44 2.56
CA VAL E 19 7.33 11.72 1.85
C VAL E 19 7.74 10.52 1.00
N ASP E 20 7.45 9.32 1.48
CA ASP E 20 7.84 8.11 0.76
C ASP E 20 7.14 8.03 -0.59
N SER E 21 5.81 8.17 -0.61
CA SER E 21 5.12 8.15 -1.90
C SER E 21 5.50 9.33 -2.77
N TRP E 22 5.89 10.46 -2.17
CA TRP E 22 6.39 11.53 -3.02
C TRP E 22 7.64 11.12 -3.77
N LEU E 23 8.57 10.45 -3.10
CA LEU E 23 9.81 10.07 -3.78
C LEU E 23 9.59 8.96 -4.80
N ARG E 24 8.74 7.99 -4.47
CA ARG E 24 8.46 6.96 -5.45
C ARG E 24 7.72 7.52 -6.66
N GLU E 25 6.85 8.52 -6.44
CA GLU E 25 6.21 9.21 -7.55
C GLU E 25 7.23 9.87 -8.49
N ASP E 26 8.18 10.65 -7.94
CA ASP E 26 9.12 11.42 -8.76
C ASP E 26 10.15 10.53 -9.46
N CYS E 27 10.51 9.39 -8.87
CA CYS E 27 11.55 8.50 -9.41
C CYS E 27 11.06 7.05 -9.50
N PRO E 28 10.17 6.76 -10.47
CA PRO E 28 9.72 5.37 -10.66
C PRO E 28 10.82 4.48 -11.21
N GLY E 29 11.43 4.87 -12.33
CA GLY E 29 12.37 4.03 -13.05
C GLY E 29 13.84 4.25 -12.71
N LEU E 30 14.70 4.01 -13.70
CA LEU E 30 16.15 4.15 -13.50
C LEU E 30 16.61 5.60 -13.56
N ASN E 31 17.65 5.90 -12.80
CA ASN E 31 18.13 7.26 -12.57
C ASN E 31 19.37 7.52 -13.43
N TYR E 32 19.17 7.87 -14.68
CA TYR E 32 20.31 8.11 -15.56
C TYR E 32 21.06 9.38 -15.19
N ALA E 33 20.40 10.35 -14.56
CA ALA E 33 21.06 11.58 -14.13
C ALA E 33 22.17 11.33 -13.12
N ALA E 34 22.09 10.23 -12.37
CA ALA E 34 23.15 9.92 -11.41
C ALA E 34 24.49 9.67 -12.10
N LEU E 35 24.51 9.15 -13.33
CA LEU E 35 25.78 8.92 -14.01
C LEU E 35 26.46 10.24 -14.36
N VAL E 36 25.68 11.31 -14.57
CA VAL E 36 26.29 12.61 -14.80
C VAL E 36 26.94 13.12 -13.52
N SER E 37 26.15 13.26 -12.48
CA SER E 37 26.62 13.75 -11.20
C SER E 37 27.54 12.92 -10.33
N GLY E 38 27.26 11.65 -10.17
CA GLY E 38 28.07 10.81 -9.33
C GLY E 38 27.60 10.82 -7.89
N ALA E 39 28.33 10.14 -7.04
CA ALA E 39 28.01 10.01 -5.63
C ALA E 39 28.99 10.66 -4.70
N GLY E 40 29.77 11.60 -5.20
CA GLY E 40 30.73 12.24 -4.35
C GLY E 40 30.07 13.10 -3.30
N PRO E 41 30.69 13.21 -2.12
CA PRO E 41 30.16 14.09 -1.08
C PRO E 41 30.08 15.52 -1.56
N SER E 42 28.96 16.18 -1.28
CA SER E 42 28.82 17.57 -1.70
C SER E 42 27.81 18.29 -0.82
N GLN E 43 27.59 19.55 -1.18
CA GLN E 43 26.95 20.50 -0.30
C GLN E 43 26.16 21.53 -1.10
N ALA E 44 24.91 21.76 -0.70
CA ALA E 44 24.09 22.69 -1.46
C ALA E 44 23.52 23.75 -0.53
N ALA E 45 23.20 24.89 -1.12
CA ALA E 45 22.60 26.02 -0.42
C ALA E 45 21.18 26.23 -0.91
N LEU E 46 20.25 26.35 0.01
CA LEU E 46 18.87 26.73 -0.30
C LEU E 46 18.77 28.25 -0.32
N TRP E 47 18.22 28.80 -1.42
CA TRP E 47 18.02 30.23 -1.60
C TRP E 47 16.54 30.58 -1.55
N ALA E 48 16.19 31.66 -0.84
CA ALA E 48 14.83 32.22 -0.90
C ALA E 48 14.84 33.45 -1.80
N LYS E 49 14.10 33.38 -2.91
CA LYS E 49 14.05 34.46 -3.90
C LYS E 49 12.72 35.21 -3.92
N SER E 50 11.86 34.98 -2.94
CA SER E 50 10.54 35.58 -2.84
C SER E 50 10.34 36.12 -1.43
N PRO E 51 9.63 37.23 -1.29
CA PRO E 51 9.23 37.65 0.05
C PRO E 51 8.07 36.79 0.52
N GLY E 52 8.04 36.55 1.81
CA GLY E 52 6.92 35.86 2.42
C GLY E 52 7.38 35.11 3.65
N VAL E 53 6.52 34.24 4.15
CA VAL E 53 6.81 33.46 5.35
C VAL E 53 7.38 32.11 4.94
N LEU E 54 8.42 31.67 5.62
CA LEU E 54 9.02 30.40 5.34
C LEU E 54 8.33 29.33 6.11
N ALA E 55 7.72 28.38 5.43
CA ALA E 55 7.07 27.27 6.12
C ALA E 55 7.33 25.97 5.36
N GLY E 56 7.52 24.89 6.13
CA GLY E 56 7.69 23.57 5.60
C GLY E 56 8.97 22.85 5.96
N GLN E 57 9.68 23.36 6.96
CA GLN E 57 10.94 22.71 7.38
C GLN E 57 10.81 21.22 7.65
N PRO E 58 9.85 20.74 8.46
CA PRO E 58 9.78 19.27 8.70
C PRO E 58 9.66 18.45 7.42
N PHE E 59 8.98 18.97 6.39
CA PHE E 59 8.86 18.20 5.16
C PHE E 59 10.19 18.18 4.43
N PHE E 60 10.84 19.33 4.32
CA PHE E 60 12.15 19.39 3.67
C PHE E 60 13.12 18.43 4.34
N ASP E 61 13.19 18.47 5.69
CA ASP E 61 14.10 17.60 6.44
C ASP E 61 13.77 16.15 6.21
N ALA E 62 12.47 15.82 6.23
CA ALA E 62 12.05 14.42 6.08
C ALA E 62 12.47 13.87 4.74
N ILE E 63 12.29 14.66 3.67
CA ILE E 63 12.60 14.21 2.33
C ILE E 63 14.07 13.87 2.20
N PHE E 64 14.94 14.75 2.69
CA PHE E 64 16.38 14.54 2.52
C PHE E 64 16.91 13.53 3.51
N THR E 65 16.26 13.38 4.67
CA THR E 65 16.68 12.31 5.55
C THR E 65 16.44 10.95 4.90
N GLN E 66 15.29 10.78 4.23
CA GLN E 66 15.01 9.53 3.50
C GLN E 66 16.08 9.21 2.46
N LEU E 67 16.80 10.22 1.98
CA LEU E 67 17.87 10.02 1.02
C LEU E 67 19.25 9.98 1.67
N ASN E 68 19.29 9.93 3.01
CA ASN E 68 20.54 9.96 3.78
C ASN E 68 21.33 11.22 3.46
N CYS E 69 20.64 12.35 3.57
CA CYS E 69 21.24 13.66 3.50
C CYS E 69 20.90 14.45 4.76
N GLN E 70 21.71 15.48 5.02
CA GLN E 70 21.64 16.28 6.23
C GLN E 70 21.32 17.72 5.85
N VAL E 71 20.55 18.39 6.70
CA VAL E 71 20.12 19.77 6.44
C VAL E 71 20.50 20.62 7.64
N SER E 72 21.08 21.79 7.38
CA SER E 72 21.31 22.81 8.40
C SER E 72 20.46 24.03 8.06
N TRP E 73 19.54 24.37 8.95
CA TRP E 73 18.69 25.55 8.78
C TRP E 73 19.32 26.79 9.39
N PHE E 74 19.42 27.86 8.61
CA PHE E 74 19.91 29.15 9.08
C PHE E 74 18.79 30.11 9.48
N LEU E 75 17.54 29.77 9.19
CA LEU E 75 16.41 30.59 9.63
C LEU E 75 15.34 29.70 10.25
N PRO E 76 14.76 30.11 11.38
CA PRO E 76 13.79 29.24 12.05
C PRO E 76 12.48 29.15 11.29
N GLU E 77 11.71 28.12 11.62
CA GLU E 77 10.43 27.85 10.97
C GLU E 77 9.42 28.96 11.30
N GLY E 78 9.04 29.74 10.30
CA GLY E 78 8.12 30.85 10.48
C GLY E 78 8.71 32.22 10.19
N SER E 79 10.02 32.30 9.92
CA SER E 79 10.66 33.56 9.61
C SER E 79 9.99 34.25 8.43
N LYS E 80 10.07 35.57 8.41
CA LYS E 80 9.85 36.32 7.19
C LYS E 80 11.10 36.25 6.34
N LEU E 81 10.91 36.17 5.03
CA LEU E 81 11.99 36.12 4.07
C LEU E 81 11.95 37.43 3.30
N VAL E 82 13.12 38.02 3.09
CA VAL E 82 13.28 39.09 2.13
C VAL E 82 14.22 38.43 1.10
N PRO E 83 13.98 38.66 -0.22
CA PRO E 83 14.71 37.84 -1.21
C PRO E 83 16.23 37.80 -1.24
N VAL E 84 16.70 36.91 -2.12
CA VAL E 84 18.09 36.49 -2.00
C VAL E 84 18.66 36.23 -0.61
N ALA E 85 17.91 35.46 0.18
CA ALA E 85 18.32 35.05 1.52
C ALA E 85 18.81 33.62 1.44
N ARG E 86 19.93 33.36 2.10
CA ARG E 86 20.58 32.04 2.13
C ARG E 86 19.99 31.29 3.32
N VAL E 87 19.08 30.35 3.06
CA VAL E 87 18.26 29.85 4.16
C VAL E 87 18.74 28.52 4.72
N ALA E 88 19.46 27.71 3.94
CA ALA E 88 19.86 26.43 4.53
C ALA E 88 21.02 25.83 3.76
N GLU E 89 21.55 24.77 4.34
CA GLU E 89 22.56 23.96 3.69
C GLU E 89 22.16 22.49 3.73
N VAL E 90 22.36 21.81 2.62
CA VAL E 90 22.05 20.39 2.51
C VAL E 90 23.32 19.66 2.12
N ARG E 91 23.55 18.51 2.76
CA ARG E 91 24.78 17.73 2.63
C ARG E 91 24.47 16.27 2.28
N GLY E 92 25.24 15.71 1.35
CA GLY E 92 25.13 14.30 1.04
C GLY E 92 25.67 13.99 -0.33
N PRO E 93 25.54 12.72 -0.76
CA PRO E 93 26.02 12.34 -2.09
C PRO E 93 25.33 13.21 -3.15
N ALA E 94 26.08 13.49 -4.22
CA ALA E 94 25.57 14.35 -5.29
C ALA E 94 24.27 13.83 -5.88
N HIS E 95 24.19 12.53 -6.14
CA HIS E 95 23.02 12.01 -6.81
C HIS E 95 21.82 11.99 -5.86
N CYS E 96 22.05 11.67 -4.59
CA CYS E 96 20.94 11.68 -3.62
C CYS E 96 20.46 13.10 -3.33
N LEU E 97 21.36 14.08 -3.42
CA LEU E 97 20.98 15.47 -3.23
C LEU E 97 20.03 15.94 -4.32
N LEU E 98 20.37 15.66 -5.59
CA LEU E 98 19.53 16.07 -6.69
C LEU E 98 18.25 15.23 -6.80
N LEU E 99 18.30 13.99 -6.29
CA LEU E 99 17.12 13.15 -6.22
C LEU E 99 16.00 13.83 -5.44
N GLY E 100 16.35 14.51 -4.33
CA GLY E 100 15.41 15.16 -3.44
C GLY E 100 15.04 16.57 -3.80
N GLU E 101 15.79 17.19 -4.71
CA GLU E 101 15.58 18.59 -5.06
C GLU E 101 14.14 18.85 -5.44
N ARG E 102 13.65 18.23 -6.52
CA ARG E 102 12.33 18.60 -7.02
C ARG E 102 11.15 18.38 -6.08
N VAL E 103 11.15 17.29 -5.33
CA VAL E 103 10.09 17.18 -4.34
C VAL E 103 10.38 18.05 -3.11
N ALA E 104 11.64 18.37 -2.82
CA ALA E 104 11.91 19.25 -1.68
C ALA E 104 11.55 20.70 -1.99
N LEU E 105 11.96 21.19 -3.15
CA LEU E 105 11.64 22.56 -3.50
C LEU E 105 10.14 22.74 -3.74
N ASN E 106 9.46 21.76 -4.32
CA ASN E 106 8.04 21.92 -4.58
C ASN E 106 7.25 22.00 -3.28
N THR E 107 7.52 21.09 -2.35
CA THR E 107 6.80 21.08 -1.10
C THR E 107 7.01 22.40 -0.36
N LEU E 108 8.28 22.82 -0.25
CA LEU E 108 8.60 24.05 0.47
C LEU E 108 7.86 25.19 -0.21
N ALA E 109 8.01 25.31 -1.53
CA ALA E 109 7.36 26.39 -2.28
C ALA E 109 5.88 26.51 -1.92
N ARG E 110 5.13 25.40 -1.99
CA ARG E 110 3.70 25.47 -1.71
C ARG E 110 3.46 25.79 -0.25
N CYS E 111 4.08 25.03 0.65
CA CYS E 111 3.87 25.25 2.08
C CYS E 111 4.15 26.69 2.46
N SER E 112 5.25 27.23 1.98
CA SER E 112 5.60 28.59 2.36
C SER E 112 4.84 29.67 1.61
N GLY E 113 4.35 29.35 0.41
CA GLY E 113 3.42 30.25 -0.26
C GLY E 113 2.09 30.33 0.44
N ILE E 114 1.66 29.25 1.08
CA ILE E 114 0.38 29.28 1.80
C ILE E 114 0.50 29.87 3.19
N ALA E 115 1.64 29.69 3.85
CA ALA E 115 1.92 30.44 5.05
C ALA E 115 2.02 31.92 4.75
N SER E 116 2.68 32.28 3.64
CA SER E 116 2.78 33.68 3.26
C SER E 116 1.40 34.33 3.17
N ALA E 117 0.52 33.74 2.36
CA ALA E 117 -0.81 34.32 2.18
C ALA E 117 -1.61 34.34 3.47
N ALA E 118 -1.43 33.34 4.34
CA ALA E 118 -2.10 33.39 5.64
C ALA E 118 -1.63 34.61 6.41
N ALA E 119 -0.33 34.88 6.41
CA ALA E 119 0.21 36.03 7.10
C ALA E 119 -0.35 37.33 6.52
N ALA E 120 -0.27 37.47 5.19
CA ALA E 120 -0.78 38.67 4.52
C ALA E 120 -2.24 38.95 4.87
N ALA E 121 -3.06 37.91 5.02
CA ALA E 121 -4.47 38.16 5.32
C ALA E 121 -4.69 38.40 6.81
N VAL E 122 -3.96 37.68 7.65
CA VAL E 122 -3.98 37.95 9.08
C VAL E 122 -3.61 39.40 9.36
N GLU E 123 -2.63 39.93 8.61
CA GLU E 123 -2.21 41.31 8.80
C GLU E 123 -3.29 42.28 8.32
N ALA E 124 -3.86 42.03 7.13
CA ALA E 124 -4.82 42.95 6.55
C ALA E 124 -6.04 43.09 7.42
N ALA E 125 -6.54 41.96 7.92
CA ALA E 125 -7.66 42.00 8.85
C ALA E 125 -7.26 42.69 10.15
N ARG E 126 -6.00 42.55 10.56
CA ARG E 126 -5.52 43.24 11.74
C ARG E 126 -5.46 44.76 11.50
N GLY E 127 -5.03 45.17 10.30
CA GLY E 127 -5.02 46.57 9.93
C GLY E 127 -6.38 47.22 9.84
N ALA E 128 -7.46 46.43 9.86
CA ALA E 128 -8.82 46.95 9.87
C ALA E 128 -9.42 46.94 11.27
N GLY E 129 -8.61 46.81 12.30
CA GLY E 129 -9.13 46.78 13.65
C GLY E 129 -9.83 45.51 14.07
N TRP E 130 -10.08 44.60 13.14
CA TRP E 130 -10.85 43.39 13.43
C TRP E 130 -10.06 42.41 14.31
N THR E 131 -10.76 41.81 15.27
CA THR E 131 -10.11 41.08 16.34
C THR E 131 -10.46 39.60 16.34
N GLY E 132 -11.07 39.10 15.26
CA GLY E 132 -11.40 37.70 15.14
C GLY E 132 -10.39 36.95 14.28
N HIS E 133 -10.60 35.64 14.16
CA HIS E 133 -9.63 34.75 13.55
C HIS E 133 -9.87 34.61 12.05
N VAL E 134 -8.78 34.55 11.31
CA VAL E 134 -8.79 34.31 9.88
C VAL E 134 -8.44 32.84 9.65
N ALA E 135 -9.39 32.05 9.17
CA ALA E 135 -9.14 30.64 8.95
C ALA E 135 -9.07 30.34 7.46
N GLY E 136 -8.54 29.16 7.14
CA GLY E 136 -8.62 28.60 5.81
C GLY E 136 -9.84 27.71 5.68
N THR E 137 -9.87 26.95 4.60
CA THR E 137 -11.00 26.07 4.35
C THR E 137 -10.53 24.63 4.15
N ARG E 138 -11.37 23.81 3.53
CA ARG E 138 -10.99 22.46 3.12
C ARG E 138 -10.89 22.35 1.61
N LYS E 139 -10.77 23.50 0.92
CA LYS E 139 -10.50 23.57 -0.51
C LYS E 139 -9.01 23.40 -0.81
N THR E 140 -8.47 22.30 -0.32
CA THR E 140 -7.04 22.00 -0.37
C THR E 140 -6.73 21.20 -1.63
N THR E 141 -5.46 21.08 -1.94
CA THR E 141 -5.10 20.18 -3.03
C THR E 141 -5.30 18.76 -2.54
N PRO E 142 -6.01 17.92 -3.31
CA PRO E 142 -6.21 16.54 -2.85
C PRO E 142 -4.90 15.80 -2.71
N GLY E 143 -4.72 15.09 -1.60
CA GLY E 143 -3.50 14.39 -1.31
C GLY E 143 -2.45 15.22 -0.63
N PHE E 144 -2.70 16.51 -0.46
CA PHE E 144 -1.71 17.43 0.06
C PHE E 144 -2.22 18.15 1.29
N ARG E 145 -3.26 17.60 1.93
CA ARG E 145 -3.94 18.29 3.00
C ARG E 145 -2.97 18.60 4.14
N LEU E 146 -2.20 17.60 4.56
CA LEU E 146 -1.33 17.80 5.72
C LEU E 146 -0.37 18.97 5.50
N VAL E 147 0.22 19.09 4.32
CA VAL E 147 1.19 20.16 4.08
C VAL E 147 0.50 21.52 4.09
N GLU E 148 -0.70 21.59 3.53
CA GLU E 148 -1.37 22.89 3.46
C GLU E 148 -1.96 23.30 4.80
N LYS E 149 -2.44 22.32 5.59
CA LYS E 149 -2.97 22.62 6.92
C LYS E 149 -1.87 23.13 7.85
N TYR E 150 -0.65 22.62 7.67
CA TYR E 150 0.51 23.08 8.42
C TYR E 150 0.97 24.46 7.94
N GLY E 151 0.97 24.69 6.63
CA GLY E 151 1.32 26.00 6.10
C GLY E 151 0.49 27.12 6.71
N LEU E 152 -0.84 27.00 6.62
CA LEU E 152 -1.74 27.98 7.23
C LEU E 152 -1.40 28.22 8.68
N LEU E 153 -1.17 27.14 9.42
CA LEU E 153 -0.86 27.23 10.84
C LEU E 153 0.40 28.07 11.09
N VAL E 154 1.47 27.82 10.32
CA VAL E 154 2.68 28.62 10.40
C VAL E 154 2.39 30.07 10.06
N GLY E 155 1.41 30.31 9.19
CA GLY E 155 1.08 31.65 8.75
C GLY E 155 0.16 32.41 9.68
N GLY E 156 -0.36 31.75 10.72
CA GLY E 156 -1.21 32.42 11.69
C GLY E 156 -2.68 32.14 11.61
N ALA E 157 -3.13 31.31 10.66
CA ALA E 157 -4.55 30.96 10.56
C ALA E 157 -4.89 29.87 11.58
N ALA E 158 -6.17 29.54 11.64
CA ALA E 158 -6.66 28.51 12.56
C ALA E 158 -6.50 27.12 11.96
N LEU E 167 -15.81 18.97 15.37
CA LEU E 167 -17.13 19.53 15.08
C LEU E 167 -17.61 19.03 13.72
N VAL E 168 -18.93 19.06 13.49
CA VAL E 168 -19.55 18.58 12.26
C VAL E 168 -20.16 19.77 11.53
N MET E 169 -19.99 19.81 10.22
CA MET E 169 -20.49 20.94 9.45
C MET E 169 -21.59 20.50 8.51
N VAL E 170 -22.74 21.14 8.64
CA VAL E 170 -23.90 20.92 7.80
C VAL E 170 -23.86 21.99 6.70
N LYS E 171 -23.45 21.60 5.50
CA LYS E 171 -23.48 22.55 4.38
C LYS E 171 -24.89 22.68 3.83
N ASP E 172 -25.06 23.65 2.92
CA ASP E 172 -26.33 23.89 2.23
C ASP E 172 -26.97 22.59 1.73
N ASN E 173 -26.14 21.65 1.24
CA ASN E 173 -26.67 20.42 0.66
C ASN E 173 -27.23 19.46 1.70
N HIS E 174 -26.78 19.55 2.96
CA HIS E 174 -27.40 18.79 4.04
C HIS E 174 -28.69 19.43 4.55
N VAL E 175 -28.90 20.72 4.28
CA VAL E 175 -30.20 21.34 4.50
C VAL E 175 -31.21 20.77 3.53
N VAL E 176 -30.86 20.73 2.25
CA VAL E 176 -31.77 20.23 1.22
C VAL E 176 -32.05 18.74 1.44
N ALA E 177 -30.99 17.94 1.61
CA ALA E 177 -31.10 16.50 1.65
C ALA E 177 -31.83 15.99 2.89
N ALA E 178 -31.67 16.66 4.03
CA ALA E 178 -32.52 16.38 5.18
C ALA E 178 -33.96 16.84 4.98
N GLY E 179 -34.14 18.06 4.47
CA GLY E 179 -35.46 18.62 4.22
C GLY E 179 -35.83 19.78 5.12
N GLY E 180 -34.84 20.59 5.46
CA GLY E 180 -35.05 21.77 6.28
C GLY E 180 -33.82 22.03 7.13
N VAL E 181 -33.41 23.31 7.16
CA VAL E 181 -32.34 23.75 8.06
C VAL E 181 -32.54 23.28 9.49
N GLU E 182 -33.78 23.11 9.90
CA GLU E 182 -34.09 22.78 11.29
C GLU E 182 -33.80 21.32 11.60
N LYS E 183 -34.39 20.39 10.87
CA LYS E 183 -34.15 18.97 11.11
C LYS E 183 -32.73 18.50 10.87
N ALA E 184 -31.96 19.23 10.07
CA ALA E 184 -30.58 18.78 9.82
C ALA E 184 -29.75 18.78 11.09
N VAL E 185 -29.79 19.88 11.85
CA VAL E 185 -28.95 20.02 13.04
C VAL E 185 -29.39 19.09 14.17
N ARG E 186 -30.67 18.68 14.22
CA ARG E 186 -31.08 17.78 15.29
C ARG E 186 -30.86 16.33 14.93
N ALA E 187 -30.91 16.01 13.65
CA ALA E 187 -30.34 14.75 13.21
C ALA E 187 -28.82 14.78 13.27
N ALA E 188 -28.21 15.96 13.46
CA ALA E 188 -26.77 16.06 13.58
C ALA E 188 -26.30 15.82 15.02
N ARG E 189 -27.01 16.37 16.01
CA ARG E 189 -26.73 16.01 17.39
C ARG E 189 -27.19 14.59 17.74
N GLN E 190 -28.01 13.96 16.88
CA GLN E 190 -28.72 12.72 17.18
C GLN E 190 -27.81 11.60 17.68
N ALA E 191 -27.01 11.03 16.78
CA ALA E 191 -26.01 10.05 17.17
C ALA E 191 -24.71 10.67 17.61
N ALA E 192 -24.58 12.00 17.53
CA ALA E 192 -23.40 12.67 18.06
C ALA E 192 -23.36 12.67 19.57
N ASP E 193 -24.52 12.54 20.20
CA ASP E 193 -24.53 12.40 21.64
C ASP E 193 -23.90 13.50 22.51
N PHE E 194 -23.92 14.75 22.06
CA PHE E 194 -23.36 15.88 22.84
C PHE E 194 -21.86 15.88 22.69
N THR E 195 -21.33 14.87 22.03
CA THR E 195 -19.89 14.76 21.83
C THR E 195 -19.29 15.78 20.89
N LEU E 196 -19.95 16.04 19.77
CA LEU E 196 -19.43 16.94 18.75
C LEU E 196 -20.32 18.19 18.65
N LYS E 197 -19.76 19.25 18.04
CA LYS E 197 -20.44 20.53 17.84
C LYS E 197 -21.02 20.63 16.42
N VAL E 198 -21.94 21.56 16.22
CA VAL E 198 -22.70 21.67 14.98
C VAL E 198 -22.55 23.08 14.40
N GLU E 199 -22.05 23.16 13.17
CA GLU E 199 -22.01 24.38 12.38
C GLU E 199 -22.87 24.19 11.13
N VAL E 200 -23.51 25.27 10.66
CA VAL E 200 -24.49 25.17 9.57
C VAL E 200 -24.33 26.35 8.61
N GLU E 201 -24.25 26.03 7.32
CA GLU E 201 -24.14 27.07 6.29
C GLU E 201 -25.52 27.63 5.97
N CYS E 202 -25.57 28.94 5.73
CA CYS E 202 -26.84 29.65 5.54
C CYS E 202 -26.66 30.71 4.47
N SER E 203 -27.73 31.00 3.74
CA SER E 203 -27.69 32.05 2.73
C SER E 203 -28.72 33.14 2.98
N SER E 204 -29.39 33.10 4.13
CA SER E 204 -30.24 34.20 4.60
C SER E 204 -30.35 34.11 6.11
N LEU E 205 -30.97 35.16 6.68
CA LEU E 205 -31.14 35.25 8.13
C LEU E 205 -32.24 34.32 8.62
N GLN E 206 -33.32 34.21 7.83
CA GLN E 206 -34.30 33.15 7.97
C GLN E 206 -33.59 31.86 8.33
N GLU E 207 -32.79 31.34 7.39
CA GLU E 207 -31.98 30.16 7.64
C GLU E 207 -31.12 30.31 8.89
N ALA E 208 -30.56 31.49 9.12
CA ALA E 208 -29.59 31.63 10.21
C ALA E 208 -30.26 31.54 11.58
N VAL E 209 -31.41 32.19 11.74
CA VAL E 209 -32.13 32.10 13.01
C VAL E 209 -32.70 30.70 13.20
N GLN E 210 -33.08 30.01 12.12
CA GLN E 210 -33.52 28.62 12.24
C GLN E 210 -32.45 27.76 12.91
N ALA E 211 -31.22 27.81 12.38
CA ALA E 211 -30.17 26.93 12.85
C ALA E 211 -29.70 27.31 14.25
N ALA E 212 -29.72 28.59 14.56
CA ALA E 212 -29.40 29.00 15.92
C ALA E 212 -30.48 28.58 16.89
N GLU E 213 -31.75 28.68 16.48
CA GLU E 213 -32.84 28.16 17.31
C GLU E 213 -32.60 26.72 17.70
N ALA E 214 -32.25 25.90 16.71
CA ALA E 214 -32.13 24.48 16.92
C ALA E 214 -30.81 24.08 17.58
N GLY E 215 -30.04 25.04 18.08
CA GLY E 215 -28.87 24.76 18.89
C GLY E 215 -27.64 24.44 18.09
N ALA E 216 -27.37 25.23 17.06
CA ALA E 216 -26.15 25.12 16.28
C ALA E 216 -25.14 26.13 16.81
N ASP E 217 -23.95 25.63 17.20
CA ASP E 217 -22.89 26.50 17.70
C ASP E 217 -22.57 27.62 16.73
N LEU E 218 -22.30 27.28 15.47
CA LEU E 218 -21.85 28.27 14.51
C LEU E 218 -22.77 28.35 13.31
N VAL E 219 -22.91 29.58 12.84
CA VAL E 219 -23.60 29.90 11.59
C VAL E 219 -22.55 30.40 10.61
N LEU E 220 -22.56 29.85 9.40
CA LEU E 220 -21.69 30.31 8.33
C LEU E 220 -22.56 30.93 7.27
N LEU E 221 -22.33 32.21 6.98
CA LEU E 221 -23.13 32.96 6.03
C LEU E 221 -22.35 33.14 4.74
N ASP E 222 -22.72 32.29 3.78
CA ASP E 222 -21.97 32.10 2.54
C ASP E 222 -22.38 32.97 1.37
N ASN E 223 -21.44 33.75 0.85
CA ASN E 223 -21.67 34.56 -0.33
C ASN E 223 -22.68 35.67 -0.10
N PHE E 224 -22.75 36.19 1.11
CA PHE E 224 -23.38 37.48 1.33
C PHE E 224 -22.49 38.58 0.81
N LYS E 225 -23.10 39.69 0.44
CA LYS E 225 -22.36 40.86 0.01
C LYS E 225 -22.17 41.70 1.25
N PRO E 226 -21.04 42.38 1.39
CA PRO E 226 -20.86 43.18 2.62
C PRO E 226 -22.02 44.11 3.10
N GLU E 227 -22.82 44.82 2.28
CA GLU E 227 -24.06 45.44 2.84
C GLU E 227 -24.85 44.44 3.63
N GLU E 228 -25.20 43.35 2.97
CA GLU E 228 -26.14 42.41 3.54
C GLU E 228 -25.54 41.73 4.75
N LEU E 229 -24.23 41.49 4.72
CA LEU E 229 -23.60 40.65 5.73
C LEU E 229 -23.58 41.29 7.13
N HIS E 230 -23.53 42.61 7.25
CA HIS E 230 -23.24 43.15 8.58
C HIS E 230 -24.47 43.42 9.47
N PRO E 231 -25.60 43.89 8.92
CA PRO E 231 -26.81 43.88 9.75
C PRO E 231 -27.32 42.49 10.04
N THR E 232 -27.12 41.53 9.11
CA THR E 232 -27.42 40.13 9.41
C THR E 232 -26.85 39.74 10.76
N ALA E 233 -25.52 39.78 10.89
CA ALA E 233 -24.85 39.21 12.06
C ALA E 233 -25.11 39.99 13.35
N THR E 234 -25.34 41.30 13.27
CA THR E 234 -25.70 42.06 14.47
C THR E 234 -27.00 41.50 15.05
N VAL E 235 -28.06 41.47 14.23
CA VAL E 235 -29.33 40.87 14.60
C VAL E 235 -29.13 39.45 15.14
N LEU E 236 -28.25 38.67 14.49
CA LEU E 236 -28.11 37.26 14.84
C LEU E 236 -27.42 37.08 16.19
N LYS E 237 -26.34 37.82 16.46
CA LYS E 237 -25.61 37.56 17.70
C LYS E 237 -26.40 38.01 18.93
N ALA E 238 -27.44 38.83 18.73
CA ALA E 238 -28.36 39.24 19.78
C ALA E 238 -29.27 38.11 20.25
N GLN E 239 -30.19 37.66 19.37
CA GLN E 239 -31.25 36.73 19.78
C GLN E 239 -30.68 35.53 20.54
N PHE E 240 -29.63 34.92 20.00
CA PHE E 240 -28.90 33.84 20.67
C PHE E 240 -27.48 34.33 20.88
N PRO E 241 -27.11 34.73 22.07
CA PRO E 241 -25.76 35.25 22.27
C PRO E 241 -24.68 34.24 21.88
N SER E 242 -24.72 33.02 22.44
CA SER E 242 -23.58 32.11 22.36
C SER E 242 -23.29 31.57 20.97
N VAL E 243 -23.99 31.99 19.92
CA VAL E 243 -23.82 31.40 18.60
C VAL E 243 -22.74 32.19 17.85
N ALA E 244 -21.57 31.56 17.69
CA ALA E 244 -20.48 32.19 16.93
C ALA E 244 -20.85 32.21 15.46
N VAL E 245 -20.56 33.32 14.80
CA VAL E 245 -20.99 33.51 13.42
C VAL E 245 -19.75 33.71 12.55
N GLU E 246 -19.75 33.03 11.39
CA GLU E 246 -18.66 32.97 10.44
C GLU E 246 -19.16 33.43 9.07
N ALA E 247 -18.34 34.21 8.37
CA ALA E 247 -18.64 34.66 7.02
C ALA E 247 -17.59 34.12 6.05
N SER E 248 -18.01 33.81 4.83
CA SER E 248 -17.04 33.34 3.86
C SER E 248 -17.62 33.42 2.46
N GLY E 249 -16.76 33.14 1.49
CA GLY E 249 -17.13 33.15 0.08
C GLY E 249 -16.87 34.50 -0.51
N GLY E 250 -16.14 34.54 -1.63
CA GLY E 250 -15.92 35.79 -2.33
C GLY E 250 -15.00 36.76 -1.63
N ILE E 251 -14.21 36.28 -0.66
CA ILE E 251 -13.33 37.11 0.15
C ILE E 251 -11.92 37.06 -0.43
N THR E 252 -11.30 38.23 -0.56
CA THR E 252 -9.98 38.43 -1.12
C THR E 252 -9.13 39.24 -0.15
N LEU E 253 -7.82 39.20 -0.37
CA LEU E 253 -6.90 40.06 0.37
C LEU E 253 -7.40 41.50 0.40
N ASP E 254 -7.80 42.02 -0.77
CA ASP E 254 -8.10 43.44 -0.93
C ASP E 254 -9.43 43.83 -0.29
N ASN E 255 -10.49 43.05 -0.50
CA ASN E 255 -11.80 43.42 0.03
C ASN E 255 -12.03 42.92 1.46
N LEU E 256 -10.99 42.37 2.08
CA LEU E 256 -11.15 41.82 3.42
C LEU E 256 -11.61 42.84 4.45
N PRO E 257 -11.11 44.10 4.46
CA PRO E 257 -11.71 45.09 5.38
C PRO E 257 -13.23 45.17 5.29
N GLN E 258 -13.79 45.10 4.07
CA GLN E 258 -15.25 45.17 3.92
C GLN E 258 -15.97 43.98 4.52
N PHE E 259 -15.26 42.90 4.85
CA PHE E 259 -15.85 41.74 5.50
C PHE E 259 -15.58 41.65 6.99
N CYS E 260 -14.80 42.58 7.54
CA CYS E 260 -14.53 42.60 8.97
C CYS E 260 -15.61 43.42 9.67
N GLY E 261 -16.10 42.92 10.77
CA GLY E 261 -17.20 43.57 11.45
C GLY E 261 -17.23 43.31 12.93
N PRO E 262 -17.99 44.13 13.66
CA PRO E 262 -18.07 43.94 15.10
C PRO E 262 -18.55 42.55 15.48
N HIS E 263 -19.46 41.97 14.70
CA HIS E 263 -20.16 40.76 15.11
C HIS E 263 -19.80 39.52 14.30
N ILE E 264 -18.86 39.62 13.36
CA ILE E 264 -18.27 38.45 12.72
C ILE E 264 -17.14 37.94 13.61
N ASP E 265 -17.12 36.63 13.87
CA ASP E 265 -16.07 36.05 14.70
C ASP E 265 -14.97 35.35 13.91
N VAL E 266 -15.27 34.82 12.73
CA VAL E 266 -14.33 34.06 11.93
C VAL E 266 -14.52 34.44 10.47
N ILE E 267 -13.42 34.50 9.72
CA ILE E 267 -13.50 34.70 8.28
C ILE E 267 -12.68 33.60 7.62
N SER E 268 -13.36 32.71 6.87
CA SER E 268 -12.70 31.63 6.14
C SER E 268 -12.51 32.20 4.75
N MET E 269 -11.32 32.04 4.21
CA MET E 269 -11.04 32.38 2.84
C MET E 269 -10.42 31.26 2.03
N GLY E 270 -11.04 30.97 0.91
CA GLY E 270 -10.62 29.96 -0.03
C GLY E 270 -9.53 30.33 -1.00
N MET E 271 -9.12 31.57 -0.92
CA MET E 271 -7.99 32.05 -1.64
C MET E 271 -6.70 31.59 -0.99
N LEU E 272 -6.73 31.42 0.30
CA LEU E 272 -5.56 31.07 1.06
C LEU E 272 -4.95 29.76 0.71
N THR E 273 -5.71 28.88 0.09
CA THR E 273 -5.17 27.62 -0.40
C THR E 273 -5.38 27.43 -1.90
N GLN E 274 -6.39 28.08 -2.48
CA GLN E 274 -6.68 27.92 -3.91
C GLN E 274 -6.06 29.02 -4.76
N ALA E 275 -5.47 30.04 -4.14
CA ALA E 275 -4.87 31.12 -4.91
C ALA E 275 -3.64 31.67 -4.18
N ALA E 276 -2.84 30.79 -3.59
CA ALA E 276 -1.66 31.18 -2.84
C ALA E 276 -0.41 30.87 -3.65
N PRO E 277 0.13 31.81 -4.41
CA PRO E 277 1.34 31.55 -5.20
C PRO E 277 2.43 30.89 -4.35
N ALA E 278 3.14 29.95 -4.95
CA ALA E 278 4.28 29.38 -4.26
C ALA E 278 5.38 30.42 -4.20
N LEU E 279 6.25 30.27 -3.22
CA LEU E 279 7.41 31.13 -3.17
C LEU E 279 8.48 30.56 -4.10
N ASP E 280 9.40 31.42 -4.53
CA ASP E 280 10.53 30.98 -5.34
C ASP E 280 11.69 30.62 -4.42
N PHE E 281 12.12 29.35 -4.50
CA PHE E 281 13.30 28.83 -3.84
C PHE E 281 14.20 28.19 -4.89
N SER E 282 15.47 27.99 -4.53
CA SER E 282 16.37 27.25 -5.39
C SER E 282 17.42 26.57 -4.52
N LEU E 283 18.10 25.60 -5.10
CA LEU E 283 19.03 24.76 -4.34
C LEU E 283 20.27 24.55 -5.21
N LYS E 284 21.32 25.30 -4.97
CA LYS E 284 22.49 25.34 -5.85
C LYS E 284 23.66 24.67 -5.16
N LEU E 285 24.40 23.88 -5.93
CA LEU E 285 25.58 23.23 -5.43
C LEU E 285 26.72 24.22 -5.39
N PHE E 286 27.57 24.10 -4.39
CA PHE E 286 28.71 24.98 -4.27
C PHE E 286 29.97 24.39 -3.67
N ALA E 287 31.10 25.02 -3.97
CA ALA E 287 32.41 24.72 -3.37
C ALA E 287 32.65 23.25 -3.32
N LYS E 288 32.35 22.58 -4.41
CA LYS E 288 32.41 21.14 -4.43
C LYS E 288 33.73 20.49 -4.10
N GLU E 289 33.63 19.37 -3.41
CA GLU E 289 34.81 18.55 -3.04
C GLU E 289 36.09 18.78 -3.85
N MET F 1 -3.71 16.83 -29.79
CA MET F 1 -4.20 18.17 -30.09
C MET F 1 -5.62 18.37 -29.58
N ASP F 2 -6.55 17.65 -30.21
CA ASP F 2 -7.98 17.66 -29.90
C ASP F 2 -8.22 17.45 -28.41
N ALA F 3 -8.59 18.52 -27.70
CA ALA F 3 -8.78 18.46 -26.25
C ALA F 3 -9.86 17.48 -25.82
N GLU F 4 -10.83 17.16 -26.69
CA GLU F 4 -11.91 16.26 -26.31
C GLU F 4 -11.42 14.83 -26.11
N GLY F 5 -10.49 14.38 -26.95
CA GLY F 5 -10.00 13.02 -26.88
C GLY F 5 -8.72 12.82 -26.10
N LEU F 6 -8.32 13.79 -25.28
CA LEU F 6 -7.13 13.62 -24.44
C LEU F 6 -7.44 12.92 -23.13
N ALA F 7 -8.73 12.76 -22.80
CA ALA F 7 -9.14 11.80 -21.78
C ALA F 7 -8.52 10.43 -22.02
N LEU F 8 -8.26 10.11 -23.26
CA LEU F 8 -7.70 8.85 -23.59
C LEU F 8 -6.34 8.71 -22.99
N LEU F 9 -5.70 9.81 -22.63
CA LEU F 9 -4.34 9.70 -22.13
C LEU F 9 -4.26 9.16 -20.73
N LEU F 10 -5.38 9.07 -20.02
CA LEU F 10 -5.34 8.78 -18.60
C LEU F 10 -5.44 7.28 -18.39
N PRO F 11 -4.46 6.66 -17.73
CA PRO F 11 -4.51 5.20 -17.49
C PRO F 11 -5.52 4.85 -16.42
N PRO F 12 -6.44 3.92 -16.71
CA PRO F 12 -7.57 3.71 -15.80
C PRO F 12 -7.20 3.19 -14.42
N VAL F 13 -6.20 2.31 -14.30
CA VAL F 13 -5.95 1.72 -12.98
C VAL F 13 -5.20 2.72 -12.10
N THR F 14 -4.27 3.47 -12.68
CA THR F 14 -3.61 4.53 -11.93
C THR F 14 -4.60 5.61 -11.51
N LEU F 15 -5.47 6.03 -12.42
CA LEU F 15 -6.53 6.96 -12.06
C LEU F 15 -7.33 6.45 -10.85
N ALA F 16 -7.73 5.18 -10.87
CA ALA F 16 -8.54 4.65 -9.78
C ALA F 16 -7.76 4.63 -8.45
N ALA F 17 -6.48 4.29 -8.48
CA ALA F 17 -5.72 4.28 -7.23
C ALA F 17 -5.55 5.70 -6.71
N LEU F 18 -5.32 6.65 -7.62
CA LEU F 18 -5.14 8.02 -7.20
C LEU F 18 -6.41 8.52 -6.52
N VAL F 19 -7.55 8.23 -7.13
CA VAL F 19 -8.82 8.71 -6.62
C VAL F 19 -9.15 8.04 -5.29
N ASP F 20 -8.80 6.77 -5.12
CA ASP F 20 -9.01 6.12 -3.82
C ASP F 20 -8.24 6.82 -2.72
N SER F 21 -6.97 7.16 -2.94
CA SER F 21 -6.19 7.77 -1.87
C SER F 21 -6.80 9.10 -1.43
N TRP F 22 -7.25 9.92 -2.39
CA TRP F 22 -7.91 11.19 -2.05
C TRP F 22 -9.17 10.97 -1.24
N LEU F 23 -9.99 10.01 -1.65
CA LEU F 23 -11.18 9.70 -0.87
C LEU F 23 -10.85 9.27 0.55
N ARG F 24 -9.76 8.55 0.72
CA ARG F 24 -9.25 8.12 2.02
C ARG F 24 -8.77 9.24 2.89
N GLU F 25 -8.08 10.18 2.30
CA GLU F 25 -7.61 11.39 2.98
C GLU F 25 -8.79 12.27 3.43
N ASP F 26 -9.87 12.33 2.65
CA ASP F 26 -10.94 13.27 2.91
C ASP F 26 -11.88 12.82 4.02
N CYS F 27 -11.99 11.52 4.25
CA CYS F 27 -12.91 10.95 5.24
C CYS F 27 -12.17 9.92 6.07
N PRO F 28 -11.31 10.34 6.96
CA PRO F 28 -10.58 9.38 7.74
C PRO F 28 -11.45 8.56 8.68
N GLY F 29 -12.38 9.18 9.41
CA GLY F 29 -13.21 8.47 10.35
C GLY F 29 -14.67 8.39 9.93
N LEU F 30 -15.55 8.28 10.93
CA LEU F 30 -16.98 8.22 10.72
C LEU F 30 -17.52 9.51 10.12
N ASN F 31 -18.58 9.36 9.34
CA ASN F 31 -19.22 10.48 8.65
C ASN F 31 -20.61 10.69 9.25
N TYR F 32 -20.67 11.43 10.36
CA TYR F 32 -21.96 11.75 10.98
C TYR F 32 -22.80 12.63 10.08
N ALA F 33 -22.14 13.46 9.25
CA ALA F 33 -22.85 14.22 8.24
C ALA F 33 -23.71 13.34 7.35
N ALA F 34 -23.37 12.06 7.21
CA ALA F 34 -24.17 11.17 6.37
C ALA F 34 -25.53 10.89 6.98
N LEU F 35 -25.63 10.87 8.32
CA LEU F 35 -26.93 10.64 8.95
C LEU F 35 -27.92 11.74 8.64
N VAL F 36 -27.44 12.99 8.49
CA VAL F 36 -28.39 14.08 8.27
C VAL F 36 -28.96 14.01 6.86
N SER F 37 -28.18 13.53 5.90
CA SER F 37 -28.66 13.52 4.52
C SER F 37 -29.38 12.22 4.15
N GLY F 38 -28.87 11.06 4.56
CA GLY F 38 -29.49 9.80 4.18
C GLY F 38 -29.02 9.29 2.82
N ALA F 39 -29.68 8.23 2.36
CA ALA F 39 -29.24 7.47 1.19
C ALA F 39 -30.31 7.41 0.10
N GLY F 40 -31.10 8.46 -0.03
CA GLY F 40 -32.16 8.47 -1.02
C GLY F 40 -31.70 9.03 -2.36
N PRO F 41 -32.21 8.44 -3.43
CA PRO F 41 -31.88 8.93 -4.78
C PRO F 41 -32.04 10.43 -4.95
N SER F 42 -30.95 11.13 -5.20
CA SER F 42 -30.96 12.58 -5.39
C SER F 42 -30.05 12.92 -6.55
N GLN F 43 -29.92 14.22 -6.82
CA GLN F 43 -29.07 14.70 -7.89
C GLN F 43 -28.65 16.13 -7.59
N ALA F 44 -27.48 16.49 -8.12
CA ALA F 44 -26.94 17.82 -7.98
C ALA F 44 -26.56 18.35 -9.35
N ALA F 45 -26.37 19.66 -9.43
CA ALA F 45 -25.93 20.28 -10.66
C ALA F 45 -24.58 20.96 -10.44
N LEU F 46 -23.72 20.87 -11.45
CA LEU F 46 -22.37 21.43 -11.37
C LEU F 46 -22.37 22.82 -12.02
N TRP F 47 -22.02 23.82 -11.22
CA TRP F 47 -22.12 25.23 -11.60
C TRP F 47 -20.74 25.84 -11.78
N ALA F 48 -20.44 26.23 -13.02
CA ALA F 48 -19.21 26.97 -13.33
C ALA F 48 -19.49 28.45 -13.08
N LYS F 49 -19.02 28.94 -11.94
CA LYS F 49 -19.20 30.34 -11.55
C LYS F 49 -18.07 31.23 -12.05
N SER F 50 -17.18 30.68 -12.82
CA SER F 50 -15.99 31.40 -13.20
C SER F 50 -15.69 31.17 -14.63
N PRO F 51 -15.04 32.12 -15.26
CA PRO F 51 -14.68 31.97 -16.66
C PRO F 51 -13.37 31.25 -16.84
N GLY F 52 -13.20 30.56 -17.95
CA GLY F 52 -11.95 29.90 -18.23
C GLY F 52 -12.03 28.70 -19.17
N VAL F 53 -11.20 27.69 -18.92
CA VAL F 53 -11.21 26.46 -19.69
C VAL F 53 -11.58 25.31 -18.77
N LEU F 54 -12.47 24.44 -19.26
CA LEU F 54 -12.94 23.29 -18.50
C LEU F 54 -11.99 22.14 -18.72
N ALA F 55 -11.42 21.63 -17.63
CA ALA F 55 -10.49 20.52 -17.74
C ALA F 55 -10.62 19.66 -16.50
N GLY F 56 -10.54 18.35 -16.69
CA GLY F 56 -10.51 17.43 -15.58
C GLY F 56 -11.69 16.55 -15.47
N GLN F 57 -12.45 16.35 -16.54
CA GLN F 57 -13.61 15.48 -16.43
C GLN F 57 -13.25 14.06 -16.01
N PRO F 58 -12.20 13.41 -16.56
CA PRO F 58 -11.87 12.07 -16.10
C PRO F 58 -11.66 11.93 -14.60
N PHE F 59 -11.05 12.93 -13.93
CA PHE F 59 -10.88 12.78 -12.49
C PHE F 59 -12.21 12.95 -11.78
N PHE F 60 -13.00 13.95 -12.20
CA PHE F 60 -14.36 14.12 -11.69
C PHE F 60 -15.16 12.82 -11.79
N ASP F 61 -15.32 12.29 -13.02
CA ASP F 61 -16.02 11.00 -13.21
C ASP F 61 -15.45 9.94 -12.30
N ALA F 62 -14.13 9.75 -12.35
CA ALA F 62 -13.53 8.65 -11.60
C ALA F 62 -13.92 8.73 -10.14
N ILE F 63 -13.84 9.93 -9.54
CA ILE F 63 -14.24 10.11 -8.14
C ILE F 63 -15.66 9.62 -7.92
N PHE F 64 -16.61 10.13 -8.72
CA PHE F 64 -17.99 9.69 -8.50
C PHE F 64 -18.23 8.26 -8.98
N THR F 65 -17.44 7.74 -9.91
CA THR F 65 -17.64 6.34 -10.23
C THR F 65 -17.18 5.44 -9.09
N GLN F 66 -16.11 5.81 -8.39
CA GLN F 66 -15.75 5.07 -7.19
C GLN F 66 -16.84 5.08 -6.13
N LEU F 67 -17.66 6.12 -6.10
CA LEU F 67 -18.69 6.27 -5.07
C LEU F 67 -20.05 5.73 -5.49
N ASN F 68 -20.15 5.16 -6.70
CA ASN F 68 -21.41 4.64 -7.26
C ASN F 68 -22.38 5.75 -7.62
N CYS F 69 -21.90 6.74 -8.37
CA CYS F 69 -22.72 7.82 -8.87
C CYS F 69 -22.33 8.01 -10.33
N GLN F 70 -23.18 8.70 -11.08
CA GLN F 70 -22.94 8.86 -12.51
C GLN F 70 -22.99 10.33 -12.86
N VAL F 71 -22.31 10.70 -13.94
CA VAL F 71 -22.15 12.09 -14.30
C VAL F 71 -22.50 12.25 -15.75
N SER F 72 -23.44 13.14 -16.04
CA SER F 72 -23.76 13.53 -17.41
C SER F 72 -23.17 14.91 -17.62
N TRP F 73 -22.36 15.06 -18.68
CA TRP F 73 -21.72 16.33 -18.99
C TRP F 73 -22.47 17.04 -20.10
N PHE F 74 -22.69 18.34 -19.93
CA PHE F 74 -23.35 19.17 -20.93
C PHE F 74 -22.37 19.96 -21.80
N LEU F 75 -21.08 19.94 -21.50
CA LEU F 75 -20.08 20.61 -22.30
C LEU F 75 -18.91 19.66 -22.44
N PRO F 76 -18.26 19.62 -23.59
CA PRO F 76 -17.15 18.68 -23.78
C PRO F 76 -15.92 19.16 -23.03
N GLU F 77 -15.01 18.21 -22.76
CA GLU F 77 -13.74 18.57 -22.13
C GLU F 77 -13.02 19.60 -22.98
N GLY F 78 -12.63 20.72 -22.37
CA GLY F 78 -11.84 21.73 -23.03
C GLY F 78 -12.57 23.00 -23.40
N SER F 79 -13.87 23.09 -23.11
CA SER F 79 -14.70 24.21 -23.57
C SER F 79 -14.48 25.46 -22.72
N LYS F 80 -14.38 26.61 -23.39
CA LYS F 80 -14.36 27.86 -22.66
C LYS F 80 -15.64 27.96 -21.83
N LEU F 81 -15.49 28.29 -20.55
CA LEU F 81 -16.64 28.39 -19.66
C LEU F 81 -17.08 29.85 -19.56
N VAL F 82 -18.38 30.08 -19.59
CA VAL F 82 -18.90 31.42 -19.42
C VAL F 82 -19.53 31.22 -18.06
N PRO F 83 -19.29 32.19 -17.10
CA PRO F 83 -19.99 32.00 -15.83
C PRO F 83 -21.47 32.11 -15.91
N VAL F 84 -22.10 31.49 -14.91
CA VAL F 84 -23.51 31.35 -14.78
C VAL F 84 -23.81 30.15 -15.68
N ALA F 85 -22.81 29.31 -15.85
CA ALA F 85 -22.81 28.04 -16.59
C ALA F 85 -23.13 26.76 -15.83
N ARG F 86 -24.11 26.02 -16.34
CA ARG F 86 -24.47 24.68 -15.89
C ARG F 86 -23.70 23.69 -16.75
N VAL F 87 -22.78 22.97 -16.14
CA VAL F 87 -21.84 22.17 -16.93
C VAL F 87 -22.13 20.69 -16.88
N ALA F 88 -22.83 20.21 -15.87
CA ALA F 88 -23.06 18.78 -15.71
C ALA F 88 -23.99 18.59 -14.53
N GLU F 89 -24.58 17.40 -14.44
CA GLU F 89 -25.26 17.02 -13.22
C GLU F 89 -24.86 15.61 -12.83
N VAL F 90 -25.11 15.28 -11.58
CA VAL F 90 -24.60 14.04 -11.00
C VAL F 90 -25.72 13.40 -10.20
N ARG F 91 -25.94 12.11 -10.42
CA ARG F 91 -27.02 11.38 -9.76
C ARG F 91 -26.42 10.27 -8.91
N GLY F 92 -26.99 10.05 -7.71
CA GLY F 92 -26.60 8.96 -6.84
C GLY F 92 -27.28 9.06 -5.49
N PRO F 93 -27.02 8.11 -4.59
CA PRO F 93 -27.46 8.29 -3.20
C PRO F 93 -26.93 9.60 -2.64
N ALA F 94 -27.70 10.22 -1.76
CA ALA F 94 -27.35 11.53 -1.24
C ALA F 94 -26.00 11.51 -0.51
N HIS F 95 -25.86 10.65 0.51
CA HIS F 95 -24.64 10.69 1.31
C HIS F 95 -23.41 10.40 0.47
N CYS F 96 -23.55 9.56 -0.56
CA CYS F 96 -22.41 9.31 -1.43
C CYS F 96 -22.11 10.53 -2.29
N LEU F 97 -23.14 11.15 -2.85
CA LEU F 97 -22.94 12.33 -3.67
C LEU F 97 -22.25 13.45 -2.90
N LEU F 98 -22.66 13.68 -1.65
CA LEU F 98 -22.00 14.64 -0.78
C LEU F 98 -20.68 14.13 -0.24
N LEU F 99 -20.41 12.83 -0.35
CA LEU F 99 -19.10 12.38 0.08
C LEU F 99 -18.04 12.73 -0.97
N GLY F 100 -18.43 12.79 -2.25
CA GLY F 100 -17.54 13.11 -3.34
C GLY F 100 -17.47 14.56 -3.72
N GLU F 101 -18.37 15.37 -3.14
CA GLU F 101 -18.42 16.80 -3.48
C GLU F 101 -17.05 17.47 -3.41
N ARG F 102 -16.45 17.49 -2.21
CA ARG F 102 -15.27 18.30 -1.94
C ARG F 102 -14.11 17.90 -2.84
N VAL F 103 -13.77 16.61 -2.87
CA VAL F 103 -12.61 16.19 -3.65
C VAL F 103 -12.84 16.39 -5.14
N ALA F 104 -14.07 16.13 -5.62
CA ALA F 104 -14.37 16.37 -7.02
C ALA F 104 -14.22 17.84 -7.37
N LEU F 105 -14.75 18.73 -6.53
CA LEU F 105 -14.68 20.15 -6.82
C LEU F 105 -13.24 20.65 -6.78
N ASN F 106 -12.50 20.32 -5.71
CA ASN F 106 -11.12 20.78 -5.60
C ASN F 106 -10.29 20.35 -6.81
N THR F 107 -10.49 19.12 -7.27
CA THR F 107 -9.70 18.61 -8.38
C THR F 107 -10.08 19.32 -9.67
N LEU F 108 -11.38 19.39 -9.99
CA LEU F 108 -11.83 20.07 -11.19
C LEU F 108 -11.43 21.55 -11.16
N ALA F 109 -11.45 22.16 -9.98
CA ALA F 109 -11.10 23.57 -9.86
C ALA F 109 -9.63 23.82 -10.21
N ARG F 110 -8.73 22.96 -9.70
CA ARG F 110 -7.31 23.15 -9.88
C ARG F 110 -6.89 22.78 -11.29
N CYS F 111 -7.42 21.68 -11.81
CA CYS F 111 -7.15 21.32 -13.20
C CYS F 111 -7.58 22.42 -14.14
N SER F 112 -8.81 22.93 -13.96
CA SER F 112 -9.36 23.95 -14.86
C SER F 112 -8.64 25.29 -14.71
N GLY F 113 -8.17 25.62 -13.51
CA GLY F 113 -7.37 26.81 -13.36
C GLY F 113 -6.02 26.69 -14.05
N ILE F 114 -5.41 25.53 -13.96
CA ILE F 114 -4.16 25.34 -14.69
C ILE F 114 -4.41 25.43 -16.20
N ALA F 115 -5.46 24.78 -16.70
CA ALA F 115 -5.74 24.84 -18.13
C ALA F 115 -6.06 26.26 -18.57
N SER F 116 -6.86 26.99 -17.78
CA SER F 116 -7.21 28.37 -18.09
C SER F 116 -5.96 29.25 -18.16
N ALA F 117 -5.03 29.07 -17.21
CA ALA F 117 -3.81 29.85 -17.26
C ALA F 117 -2.96 29.49 -18.49
N ALA F 118 -2.99 28.23 -18.90
CA ALA F 118 -2.23 27.82 -20.08
C ALA F 118 -2.86 28.37 -21.35
N ALA F 119 -4.18 28.26 -21.48
CA ALA F 119 -4.85 28.83 -22.66
C ALA F 119 -4.57 30.31 -22.76
N ALA F 120 -4.70 31.02 -21.63
CA ALA F 120 -4.31 32.42 -21.59
C ALA F 120 -2.91 32.62 -22.15
N ALA F 121 -1.92 31.93 -21.60
CA ALA F 121 -0.54 32.21 -21.99
C ALA F 121 -0.30 31.87 -23.47
N VAL F 122 -0.97 30.83 -23.97
CA VAL F 122 -0.82 30.46 -25.38
C VAL F 122 -1.43 31.52 -26.28
N GLU F 123 -2.66 31.93 -25.97
CA GLU F 123 -3.33 33.00 -26.71
C GLU F 123 -2.53 34.30 -26.63
N ALA F 124 -2.04 34.66 -25.44
CA ALA F 124 -1.30 35.91 -25.30
C ALA F 124 -0.06 35.90 -26.17
N ALA F 125 0.67 34.79 -26.21
CA ALA F 125 1.91 34.78 -26.99
C ALA F 125 1.63 34.72 -28.49
N ARG F 126 0.52 34.12 -28.91
CA ARG F 126 0.09 34.30 -30.29
C ARG F 126 -0.26 35.76 -30.58
N GLY F 127 -0.89 36.44 -29.62
CA GLY F 127 -1.26 37.83 -29.83
C GLY F 127 -0.09 38.78 -29.97
N ALA F 128 1.11 38.32 -29.62
CA ALA F 128 2.29 39.15 -29.68
C ALA F 128 3.14 38.79 -30.87
N GLY F 129 2.60 37.99 -31.79
CA GLY F 129 3.30 37.61 -33.00
C GLY F 129 4.49 36.69 -32.77
N TRP F 130 4.49 35.99 -31.65
CA TRP F 130 5.54 35.07 -31.26
C TRP F 130 5.17 33.65 -31.66
N THR F 131 6.12 32.93 -32.26
CA THR F 131 5.82 31.62 -32.81
C THR F 131 6.54 30.48 -32.09
N GLY F 132 7.18 30.74 -30.94
CA GLY F 132 7.64 29.66 -30.10
C GLY F 132 6.46 28.96 -29.45
N HIS F 133 6.76 28.00 -28.57
CA HIS F 133 5.72 27.33 -27.82
C HIS F 133 5.81 27.63 -26.33
N VAL F 134 4.66 27.78 -25.70
CA VAL F 134 4.60 27.87 -24.24
C VAL F 134 4.58 26.47 -23.66
N ALA F 135 5.36 26.25 -22.62
CA ALA F 135 5.40 24.99 -21.92
C ALA F 135 5.30 25.24 -20.43
N GLY F 136 4.88 24.21 -19.72
CA GLY F 136 4.91 24.21 -18.27
C GLY F 136 6.23 23.66 -17.79
N THR F 137 6.28 23.44 -16.49
CA THR F 137 7.47 22.89 -15.88
C THR F 137 7.11 21.72 -15.00
N ARG F 138 8.08 21.21 -14.27
CA ARG F 138 7.87 20.14 -13.31
C ARG F 138 7.78 20.70 -11.89
N LYS F 139 7.46 21.98 -11.77
CA LYS F 139 7.13 22.57 -10.47
C LYS F 139 5.69 22.19 -10.12
N THR F 140 5.49 20.92 -9.88
CA THR F 140 4.13 20.47 -9.68
C THR F 140 3.95 19.98 -8.26
N THR F 141 2.70 20.01 -7.79
CA THR F 141 2.40 19.58 -6.44
C THR F 141 2.61 18.08 -6.29
N PRO F 142 3.37 17.64 -5.29
CA PRO F 142 3.59 16.18 -5.12
C PRO F 142 2.29 15.45 -4.85
N GLY F 143 2.15 14.26 -5.42
CA GLY F 143 0.92 13.51 -5.29
C GLY F 143 -0.18 13.95 -6.23
N PHE F 144 0.00 15.07 -6.92
CA PHE F 144 -1.03 15.64 -7.78
C PHE F 144 -0.53 15.76 -9.20
N ARG F 145 0.67 15.23 -9.47
CA ARG F 145 1.41 15.55 -10.69
C ARG F 145 0.58 15.24 -11.93
N LEU F 146 -0.14 14.11 -11.92
CA LEU F 146 -0.90 13.74 -13.10
C LEU F 146 -1.93 14.81 -13.48
N VAL F 147 -2.72 15.28 -12.51
CA VAL F 147 -3.79 16.23 -12.80
C VAL F 147 -3.22 17.51 -13.37
N GLU F 148 -2.09 17.97 -12.81
CA GLU F 148 -1.49 19.22 -13.28
C GLU F 148 -0.93 19.06 -14.69
N LYS F 149 -0.17 17.98 -14.93
CA LYS F 149 0.35 17.72 -16.26
C LYS F 149 -0.77 17.63 -17.30
N TYR F 150 -1.87 16.99 -16.96
CA TYR F 150 -3.02 16.92 -17.86
C TYR F 150 -3.59 18.31 -18.18
N GLY F 151 -4.01 19.05 -17.14
CA GLY F 151 -4.47 20.42 -17.29
C GLY F 151 -3.61 21.27 -18.21
N LEU F 152 -2.30 21.26 -17.99
CA LEU F 152 -1.38 21.88 -18.94
C LEU F 152 -1.75 21.47 -20.37
N LEU F 153 -1.84 20.17 -20.64
CA LEU F 153 -2.11 19.73 -22.01
C LEU F 153 -3.46 20.23 -22.49
N VAL F 154 -4.47 20.22 -21.63
CA VAL F 154 -5.81 20.60 -22.04
C VAL F 154 -5.83 22.03 -22.54
N GLY F 155 -5.13 22.93 -21.83
CA GLY F 155 -5.07 24.33 -22.14
C GLY F 155 -4.05 24.69 -23.17
N GLY F 156 -3.26 23.72 -23.62
CA GLY F 156 -2.37 23.91 -24.74
C GLY F 156 -0.91 24.16 -24.43
N ALA F 157 -0.48 24.06 -23.19
CA ALA F 157 0.94 24.13 -22.87
C ALA F 157 1.53 22.73 -22.86
N ALA F 158 2.80 22.61 -23.29
CA ALA F 158 3.49 21.34 -23.25
C ALA F 158 3.91 21.03 -21.82
N SER F 159 3.52 19.87 -21.32
CA SER F 159 3.92 19.44 -19.97
C SER F 159 4.74 18.19 -20.03
N HIS F 160 5.10 17.74 -21.24
CA HIS F 160 5.60 16.39 -21.45
C HIS F 160 6.83 16.37 -22.35
N ARG F 161 7.56 17.49 -22.41
CA ARG F 161 8.74 17.55 -23.28
C ARG F 161 9.76 16.47 -22.90
N TYR F 162 10.00 16.29 -21.60
CA TYR F 162 10.95 15.31 -21.07
C TYR F 162 10.36 13.89 -21.02
N ASP F 163 9.10 13.72 -21.42
CA ASP F 163 8.52 12.41 -21.66
C ASP F 163 8.56 11.96 -23.11
N LEU F 164 8.58 12.92 -24.07
CA LEU F 164 8.39 12.61 -25.49
C LEU F 164 9.37 13.28 -26.45
N GLY F 165 10.14 14.31 -26.04
CA GLY F 165 10.95 15.02 -27.00
C GLY F 165 12.31 14.44 -27.36
N GLY F 166 12.59 13.19 -27.00
CA GLY F 166 13.95 12.70 -27.08
C GLY F 166 14.93 13.60 -26.35
N LEU F 167 14.53 14.13 -25.20
CA LEU F 167 15.18 15.25 -24.54
C LEU F 167 15.75 14.81 -23.20
N VAL F 168 16.98 15.23 -22.91
CA VAL F 168 17.55 15.04 -21.59
C VAL F 168 18.07 16.38 -21.09
N MET F 169 17.78 16.68 -19.84
CA MET F 169 18.07 17.97 -19.24
C MET F 169 19.29 17.85 -18.33
N VAL F 170 20.27 18.73 -18.53
CA VAL F 170 21.46 18.85 -17.70
C VAL F 170 21.33 20.14 -16.87
N LYS F 171 20.81 20.02 -15.66
CA LYS F 171 20.72 21.17 -14.78
C LYS F 171 22.12 21.70 -14.53
N ASP F 172 22.19 22.95 -14.03
CA ASP F 172 23.49 23.52 -13.65
C ASP F 172 24.05 22.96 -12.35
N ASN F 173 23.22 22.25 -11.58
CA ASN F 173 23.70 21.42 -10.47
C ASN F 173 24.42 20.17 -10.96
N HIS F 174 24.06 19.67 -12.15
CA HIS F 174 24.83 18.60 -12.75
C HIS F 174 26.20 19.10 -13.20
N VAL F 175 26.21 20.15 -14.00
CA VAL F 175 27.45 20.76 -14.47
C VAL F 175 28.43 20.89 -13.30
N VAL F 176 28.02 21.57 -12.22
CA VAL F 176 28.78 21.60 -10.98
C VAL F 176 29.19 20.31 -10.30
N ALA F 177 28.30 19.31 -10.29
CA ALA F 177 28.65 18.02 -9.72
C ALA F 177 29.65 17.27 -10.59
N ALA F 178 29.55 17.45 -11.91
CA ALA F 178 30.44 16.82 -12.86
C ALA F 178 31.70 17.62 -13.09
N GLY F 179 31.74 18.88 -12.64
CA GLY F 179 32.87 19.75 -12.87
C GLY F 179 32.98 20.18 -14.31
N GLY F 180 32.26 21.24 -14.67
CA GLY F 180 32.27 21.76 -16.03
C GLY F 180 31.25 21.16 -16.98
N VAL F 181 30.64 22.00 -17.81
CA VAL F 181 29.61 21.56 -18.73
C VAL F 181 30.19 20.63 -19.79
N GLU F 182 31.51 20.69 -20.00
CA GLU F 182 32.14 19.82 -21.00
C GLU F 182 31.83 18.37 -20.71
N LYS F 183 32.04 17.93 -19.47
CA LYS F 183 31.81 16.53 -19.16
C LYS F 183 30.37 16.23 -18.73
N ALA F 184 29.61 17.23 -18.31
CA ALA F 184 28.19 16.98 -18.05
C ALA F 184 27.50 16.52 -19.34
N VAL F 185 27.73 17.24 -20.44
CA VAL F 185 27.13 16.88 -21.71
C VAL F 185 27.70 15.57 -22.25
N ARG F 186 28.95 15.24 -21.92
CA ARG F 186 29.49 13.98 -22.42
C ARG F 186 28.92 12.80 -21.64
N ALA F 187 28.71 12.97 -20.34
CA ALA F 187 28.12 11.90 -19.55
C ALA F 187 26.65 11.70 -19.92
N ALA F 188 25.93 12.80 -20.16
CA ALA F 188 24.55 12.71 -20.60
C ALA F 188 24.43 11.94 -21.90
N ARG F 189 25.34 12.16 -22.84
CA ARG F 189 25.28 11.42 -24.09
C ARG F 189 25.73 9.96 -23.93
N GLN F 190 26.63 9.71 -22.99
CA GLN F 190 27.18 8.37 -22.85
C GLN F 190 26.09 7.32 -22.65
N ALA F 191 24.98 7.72 -22.01
CA ALA F 191 23.97 6.76 -21.58
C ALA F 191 23.23 6.10 -22.74
N ALA F 192 23.20 6.72 -23.90
CA ALA F 192 22.44 6.22 -25.03
C ALA F 192 23.37 5.99 -26.20
N ASP F 193 23.05 5.00 -27.01
CA ASP F 193 23.80 4.81 -28.23
C ASP F 193 23.13 5.48 -29.43
N PHE F 194 22.02 6.13 -29.17
CA PHE F 194 21.30 6.82 -30.21
C PHE F 194 21.45 8.30 -29.92
N THR F 195 21.31 9.12 -30.95
CA THR F 195 21.44 10.54 -30.78
C THR F 195 20.29 11.03 -29.94
N LEU F 196 20.61 11.90 -28.99
CA LEU F 196 19.60 12.44 -28.10
C LEU F 196 19.82 13.93 -27.94
N LYS F 197 18.78 14.66 -27.56
CA LYS F 197 18.93 16.08 -27.36
C LYS F 197 19.28 16.38 -25.95
N VAL F 198 20.20 17.30 -25.79
CA VAL F 198 20.67 17.70 -24.47
C VAL F 198 20.39 19.18 -24.30
N GLU F 199 19.70 19.51 -23.21
CA GLU F 199 19.39 20.88 -22.83
C GLU F 199 20.18 21.24 -21.58
N VAL F 200 20.95 22.32 -21.64
CA VAL F 200 21.75 22.74 -20.50
C VAL F 200 21.19 24.03 -19.94
N GLU F 201 21.06 24.07 -18.62
CA GLU F 201 20.44 25.16 -17.90
C GLU F 201 21.52 26.14 -17.43
N CYS F 202 21.46 27.37 -17.92
CA CYS F 202 22.48 28.40 -17.72
C CYS F 202 21.91 29.62 -17.01
N SER F 203 22.71 30.22 -16.14
CA SER F 203 22.27 31.41 -15.41
C SER F 203 22.90 32.70 -15.95
N SER F 204 23.86 32.60 -16.86
CA SER F 204 24.65 33.75 -17.31
C SER F 204 25.05 33.55 -18.77
N LEU F 205 25.50 34.64 -19.39
CA LEU F 205 25.96 34.57 -20.77
C LEU F 205 27.18 33.67 -20.90
N GLN F 206 28.03 33.64 -19.87
CA GLN F 206 29.19 32.76 -19.94
C GLN F 206 28.73 31.31 -20.01
N GLU F 207 27.94 30.90 -19.02
CA GLU F 207 27.42 29.54 -18.99
C GLU F 207 26.77 29.17 -20.31
N ALA F 208 26.01 30.09 -20.92
CA ALA F 208 25.31 29.82 -22.18
C ALA F 208 26.29 29.45 -23.30
N VAL F 209 27.30 30.28 -23.53
CA VAL F 209 28.21 30.04 -24.66
C VAL F 209 29.03 28.77 -24.44
N GLN F 210 29.38 28.49 -23.18
CA GLN F 210 30.07 27.24 -22.89
C GLN F 210 29.18 26.04 -23.17
N ALA F 211 27.88 26.17 -22.88
CA ALA F 211 26.97 25.04 -23.12
C ALA F 211 26.82 24.79 -24.62
N ALA F 212 26.74 25.86 -25.43
CA ALA F 212 26.62 25.65 -26.88
C ALA F 212 27.91 25.12 -27.46
N GLU F 213 29.06 25.63 -27.00
CA GLU F 213 30.34 25.07 -27.44
C GLU F 213 30.45 23.61 -27.04
N ALA F 214 29.86 23.24 -25.91
CA ALA F 214 29.96 21.85 -25.46
C ALA F 214 29.19 20.88 -26.35
N GLY F 215 28.29 21.38 -27.19
CA GLY F 215 27.42 20.55 -27.99
C GLY F 215 25.97 20.45 -27.54
N ALA F 216 25.51 21.36 -26.67
CA ALA F 216 24.12 21.35 -26.25
C ALA F 216 23.21 21.67 -27.42
N ASP F 217 22.00 21.08 -27.40
CA ASP F 217 21.01 21.30 -28.46
C ASP F 217 20.02 22.37 -28.10
N LEU F 218 19.58 22.39 -26.86
CA LEU F 218 18.85 23.52 -26.34
C LEU F 218 19.72 24.12 -25.24
N VAL F 219 19.61 25.43 -25.07
CA VAL F 219 20.15 26.09 -23.89
C VAL F 219 18.99 26.77 -23.15
N LEU F 220 18.85 26.44 -21.87
CA LEU F 220 17.82 27.05 -21.02
C LEU F 220 18.43 28.29 -20.38
N LEU F 221 17.95 29.47 -20.76
CA LEU F 221 18.42 30.72 -20.14
C LEU F 221 17.52 30.97 -18.94
N ASP F 222 18.10 30.91 -17.75
CA ASP F 222 17.33 30.84 -16.51
C ASP F 222 17.45 32.13 -15.73
N ASN F 223 16.31 32.77 -15.48
CA ASN F 223 16.19 33.88 -14.55
C ASN F 223 16.88 35.13 -15.08
N PHE F 224 16.98 35.25 -16.40
CA PHE F 224 17.41 36.50 -17.00
C PHE F 224 16.31 37.56 -16.90
N LYS F 225 16.72 38.81 -16.67
CA LYS F 225 15.82 39.91 -16.99
C LYS F 225 15.51 39.82 -18.48
N PRO F 226 14.38 40.37 -18.92
CA PRO F 226 14.15 40.56 -20.37
C PRO F 226 15.23 41.39 -21.03
N GLU F 227 15.72 42.37 -20.31
CA GLU F 227 16.77 43.23 -20.80
C GLU F 227 18.02 42.46 -21.17
N GLU F 228 18.39 41.47 -20.38
CA GLU F 228 19.56 40.71 -20.68
C GLU F 228 19.33 39.44 -21.44
N LEU F 229 18.07 39.03 -21.55
CA LEU F 229 17.75 37.76 -22.19
C LEU F 229 17.93 37.84 -23.70
N HIS F 230 17.29 38.83 -24.36
CA HIS F 230 17.24 38.88 -25.82
C HIS F 230 18.58 39.21 -26.47
N PRO F 231 19.41 40.10 -25.91
CA PRO F 231 20.81 40.18 -26.40
C PRO F 231 21.54 38.85 -26.31
N THR F 232 21.50 38.21 -25.13
CA THR F 232 22.02 36.86 -24.97
C THR F 232 21.49 35.89 -26.02
N ALA F 233 20.18 35.95 -26.32
CA ALA F 233 19.60 34.98 -27.23
C ALA F 233 20.03 35.23 -28.66
N THR F 234 20.00 36.51 -29.06
CA THR F 234 20.46 36.91 -30.39
C THR F 234 21.92 36.48 -30.59
N VAL F 235 22.76 36.68 -29.61
CA VAL F 235 24.18 36.33 -29.67
C VAL F 235 24.47 34.86 -29.92
N LEU F 236 23.66 33.99 -29.36
CA LEU F 236 23.87 32.57 -29.49
C LEU F 236 23.82 32.18 -30.92
N LYS F 237 23.25 33.03 -31.74
CA LYS F 237 23.23 32.77 -33.17
C LYS F 237 24.67 32.69 -33.66
N ALA F 238 25.56 33.38 -32.97
CA ALA F 238 26.98 33.23 -33.21
C ALA F 238 27.20 31.74 -33.43
N GLN F 239 26.59 30.91 -32.59
CA GLN F 239 26.70 29.50 -32.78
C GLN F 239 25.99 29.25 -34.09
N PHE F 240 24.77 29.75 -34.20
CA PHE F 240 23.96 29.64 -35.41
C PHE F 240 23.50 28.26 -35.69
N PRO F 241 23.84 27.37 -34.80
CA PRO F 241 23.49 25.94 -34.86
C PRO F 241 21.98 25.77 -34.79
N SER F 242 21.52 24.56 -35.00
CA SER F 242 20.17 24.26 -34.72
C SER F 242 20.24 24.22 -33.22
N VAL F 243 20.66 25.33 -32.61
CA VAL F 243 20.69 25.35 -31.15
C VAL F 243 19.53 26.19 -30.68
N ALA F 244 18.59 25.56 -30.01
CA ALA F 244 17.40 26.24 -29.54
C ALA F 244 17.60 27.00 -28.25
N VAL F 245 16.78 28.00 -28.05
CA VAL F 245 16.84 28.81 -26.84
C VAL F 245 15.52 28.65 -26.09
N GLU F 246 15.62 28.37 -24.80
CA GLU F 246 14.47 28.36 -23.90
C GLU F 246 14.68 29.36 -22.77
N ALA F 247 13.63 30.10 -22.46
CA ALA F 247 13.63 31.06 -21.36
C ALA F 247 12.81 30.51 -20.20
N SER F 248 13.25 30.78 -18.97
CA SER F 248 12.52 30.32 -17.80
C SER F 248 12.98 31.04 -16.55
N GLY F 249 12.03 31.40 -15.69
CA GLY F 249 12.41 32.02 -14.43
C GLY F 249 11.54 33.21 -14.08
N GLY F 250 10.50 32.96 -13.28
CA GLY F 250 9.61 34.05 -12.94
C GLY F 250 8.80 34.59 -14.09
N ILE F 251 8.70 33.86 -15.19
CA ILE F 251 7.87 34.28 -16.32
C ILE F 251 6.41 34.03 -15.96
N THR F 252 5.70 35.12 -15.65
CA THR F 252 4.29 35.05 -15.27
C THR F 252 3.43 35.58 -16.40
N LEU F 253 2.12 35.40 -16.27
CA LEU F 253 1.20 36.03 -17.22
C LEU F 253 1.48 37.52 -17.37
N ASP F 254 1.55 38.23 -16.24
CA ASP F 254 1.74 39.69 -16.22
C ASP F 254 3.02 40.17 -16.92
N ASN F 255 4.08 39.35 -17.03
CA ASN F 255 5.26 39.80 -17.76
C ASN F 255 5.59 38.97 -19.00
N LEU F 256 4.82 37.92 -19.29
CA LEU F 256 5.14 37.04 -20.41
C LEU F 256 5.46 37.75 -21.73
N PRO F 257 4.77 38.80 -22.16
CA PRO F 257 5.08 39.37 -23.49
C PRO F 257 6.50 39.91 -23.59
N GLN F 258 7.08 40.39 -22.48
CA GLN F 258 8.47 40.87 -22.51
C GLN F 258 9.47 39.75 -22.81
N PHE F 259 9.17 38.52 -22.44
CA PHE F 259 10.06 37.41 -22.76
C PHE F 259 9.85 36.87 -24.17
N CYS F 260 8.73 37.17 -24.82
CA CYS F 260 8.59 36.72 -26.21
C CYS F 260 9.53 37.51 -27.10
N GLY F 261 10.46 36.82 -27.74
CA GLY F 261 11.36 37.46 -28.67
C GLY F 261 11.62 36.57 -29.85
N PRO F 262 12.06 37.17 -30.97
CA PRO F 262 12.31 36.37 -32.18
C PRO F 262 13.39 35.31 -32.02
N HIS F 263 14.25 35.39 -31.01
CA HIS F 263 15.29 34.39 -30.79
C HIS F 263 14.99 33.48 -29.60
N ILE F 264 13.75 33.45 -29.11
CA ILE F 264 13.34 32.53 -28.07
C ILE F 264 12.42 31.51 -28.70
N ASP F 265 12.76 30.23 -28.56
CA ASP F 265 11.95 29.15 -29.12
C ASP F 265 10.94 28.56 -28.14
N VAL F 266 11.31 28.41 -26.87
CA VAL F 266 10.41 27.85 -25.87
C VAL F 266 10.41 28.77 -24.66
N ILE F 267 9.24 28.96 -24.07
CA ILE F 267 9.09 29.67 -22.80
C ILE F 267 8.37 28.70 -21.87
N SER F 268 9.02 28.36 -20.75
CA SER F 268 8.40 27.48 -19.77
C SER F 268 8.13 28.30 -18.52
N MET F 269 6.87 28.29 -18.07
CA MET F 269 6.39 29.17 -17.02
C MET F 269 6.02 28.31 -15.83
N GLY F 270 6.78 28.42 -14.73
CA GLY F 270 6.40 27.69 -13.55
C GLY F 270 5.11 28.16 -12.93
N MET F 271 4.67 29.36 -13.23
CA MET F 271 3.49 29.84 -12.54
C MET F 271 2.21 29.23 -13.10
N LEU F 272 2.26 28.60 -14.27
CA LEU F 272 1.06 27.93 -14.77
C LEU F 272 0.63 26.79 -13.83
N THR F 273 1.57 26.20 -13.07
CA THR F 273 1.17 25.25 -12.04
C THR F 273 1.41 25.72 -10.61
N GLN F 274 2.27 26.71 -10.40
CA GLN F 274 2.50 27.21 -9.05
C GLN F 274 1.61 28.37 -8.66
N ALA F 275 1.16 29.17 -9.62
CA ALA F 275 0.38 30.38 -9.35
C ALA F 275 -0.85 30.49 -10.23
N ALA F 276 -1.57 29.38 -10.44
CA ALA F 276 -2.75 29.42 -11.28
C ALA F 276 -3.97 29.37 -10.41
N PRO F 277 -4.64 30.48 -10.13
CA PRO F 277 -5.85 30.45 -9.30
C PRO F 277 -6.86 29.43 -9.82
N ALA F 278 -7.59 28.82 -8.87
CA ALA F 278 -8.54 27.77 -9.20
C ALA F 278 -9.88 28.35 -9.62
N LEU F 279 -10.55 27.67 -10.54
CA LEU F 279 -11.87 28.13 -10.97
C LEU F 279 -12.89 27.92 -9.86
N ASP F 280 -13.95 28.73 -9.89
CA ASP F 280 -15.06 28.59 -8.95
C ASP F 280 -16.10 27.62 -9.51
N PHE F 281 -16.34 26.54 -8.76
CA PHE F 281 -17.35 25.55 -9.08
C PHE F 281 -18.17 25.27 -7.83
N SER F 282 -19.45 24.97 -8.04
CA SER F 282 -20.27 24.50 -6.94
C SER F 282 -21.13 23.36 -7.45
N LEU F 283 -21.54 22.53 -6.52
CA LEU F 283 -22.34 21.35 -6.80
C LEU F 283 -23.52 21.39 -5.84
N LYS F 284 -24.68 21.81 -6.34
CA LYS F 284 -25.85 22.06 -5.50
C LYS F 284 -26.97 21.07 -5.81
N LEU F 285 -27.49 20.43 -4.76
CA LEU F 285 -28.64 19.55 -4.89
C LEU F 285 -29.91 20.33 -5.27
N PHE F 286 -30.72 19.77 -6.18
CA PHE F 286 -31.98 20.41 -6.53
C PHE F 286 -33.20 19.58 -6.15
N ALA F 287 -33.47 18.43 -6.78
CA ALA F 287 -34.67 17.68 -6.45
C ALA F 287 -34.29 16.33 -5.86
N LYS F 288 -35.18 15.78 -4.99
CA LYS F 288 -34.98 14.46 -4.34
C LYS F 288 -36.32 13.71 -4.38
N GLU F 289 -36.62 13.13 -5.55
CA GLU F 289 -37.86 12.37 -5.78
C GLU F 289 -37.80 11.02 -5.07
#